data_3ZGZ
#
_entry.id   3ZGZ
#
_cell.length_a   158.580
_cell.length_b   68.190
_cell.length_c   226.220
_cell.angle_alpha   90.00
_cell.angle_beta   105.53
_cell.angle_gamma   90.00
#
_symmetry.space_group_name_H-M   'C 1 2 1'
#
loop_
_entity.id
_entity.type
_entity.pdbx_description
1 polymer 'LEUCINE--TRNA LIGASE'
2 polymer 'TRNA-LEU UAA ISOACCEPTOR'
3 non-polymer 'ZINC ION'
4 non-polymer '[(2S,4S,5R)-5-(6-aminopurin-9-yl)-4-oxidanyl-oxolan-2-yl]methoxy-N-[(2S,3R)-4-methyl-2,3-bis(oxidanyl)pentanoyl]phosphonamidic acid'
5 non-polymer 'MAGNESIUM ION'
6 water water
#
loop_
_entity_poly.entity_id
_entity_poly.type
_entity_poly.pdbx_seq_one_letter_code
_entity_poly.pdbx_strand_id
1 'polypeptide(L)'
;MGSSHHHHHHSSGLVPRGSHMQEQYRPEEIESKVQLHWDEKRTFEVTEDESKEKYYCLSMLPYPSGRLHMGHVRNYTIGD
VIARYQRMLGKNVLQPIGWDAFGLPAEGAAVKNNTAPAPWTYDNIAYMKNQLKMLGFGYDWSRELATCTPEYYRWEQKFF
TELYKKGLVYKKTSAVNWCPNDQTVLANEQVIDGCCWRCDTKVERKEIPQWFIKITAYADELLNDLDKLDHWPDTVKTMQ
RNWIGRSEGVEITFNVNDYDNTLTVYTTRPDTFMGCTYLAVAAGHPLAQKAAENNPELAAFIDECRNTKVAEAEMATMEK
KGVDTGFKAVHPLTGEEIPVWAANFVLMEYGTGAVMAVPGHDQRDYEFASKYGLNIKPVILAADGSEPDLSQQALTEKGV
LFNSGEFNGLDHEAAFNAIADKLTAMGVGERKVNYRLRDWGVSRQRYWGAPIPMVTLEDGTVMPTPDDQLPVILPEDVVM
DGITSPIKADPEWAKTTVNGMPALRETDTFDTFMESSWYYARYTCPQYKEGMLDSEAANYWLPVDIYIGGIEHAIMHLLY
FRFFHKLMRDAGMVNSDEPAKQLLCQGMVLADAFYYVGENGERNWVSPVDAIVERDEKGRIVKAKDAAGHELVYTGMSKM
SKSKNNGIDPQVMVERYGADTVRLFMMFASPADMTLEWQESGVEGANRFLKRVWKLVYEHTAKGDVAALNVDALTENQKA
LRRDVHKTIAKVTDDIGRRQTFNTAIAAIMELMNKLAKAPTDGEQDRALMQEALLAVVRMLNPFTPHICFTLWQELKGEG
DIDNAPWPVADEKAMVEDSTLVVVQVNGKVRAKITVPVDATEEQVRERAGQEHLVAKYLDGVTVRKVIYVPGKLLNLVVG
;
A,D
2 'polyribonucleotide'
;GGCCCGGAUGGUGGAAUCGGUAGACACAAGGGAUUUAAAAUCCCUCGGCGUUCGCGCUGUGCGGGUUCAAGUCCCGCUCC
GGGCACCA
;
B,E
#
# COMPACT_ATOMS: atom_id res chain seq x y z
N MET A 21 1.88 40.57 -9.46
CA MET A 21 1.24 39.44 -8.71
C MET A 21 0.44 38.51 -9.63
N GLN A 22 0.71 37.21 -9.48
CA GLN A 22 0.07 36.20 -10.32
C GLN A 22 -1.37 36.02 -9.81
N GLU A 23 -2.33 35.88 -10.71
CA GLU A 23 -3.70 35.68 -10.28
C GLU A 23 -3.83 34.43 -9.43
N GLN A 24 -3.02 33.44 -9.76
CA GLN A 24 -3.14 32.12 -9.20
C GLN A 24 -2.11 31.92 -8.10
N TYR A 25 -2.56 31.35 -6.99
CA TYR A 25 -1.68 31.09 -5.86
C TYR A 25 -0.89 29.83 -6.15
N ARG A 26 0.44 29.97 -6.18
CA ARG A 26 1.32 28.86 -6.52
C ARG A 26 2.37 28.68 -5.48
N PRO A 27 2.09 27.83 -4.49
CA PRO A 27 3.02 27.60 -3.41
C PRO A 27 4.40 27.11 -3.87
N GLU A 28 4.47 26.36 -4.96
CA GLU A 28 5.74 25.92 -5.50
C GLU A 28 6.62 27.10 -5.98
N GLU A 29 6.03 28.27 -6.20
CA GLU A 29 6.80 29.40 -6.74
C GLU A 29 7.02 30.48 -5.65
N ILE A 30 6.69 30.14 -4.42
CA ILE A 30 6.67 31.08 -3.31
C ILE A 30 7.48 30.54 -2.13
N GLU A 31 7.12 29.33 -1.67
CA GLU A 31 7.58 28.83 -0.39
C GLU A 31 9.10 28.69 -0.31
N SER A 32 9.73 28.24 -1.37
CA SER A 32 11.15 27.96 -1.35
C SER A 32 11.92 29.26 -1.48
N LYS A 33 11.34 30.19 -2.21
CA LYS A 33 11.93 31.51 -2.40
C LYS A 33 11.95 32.22 -1.04
N VAL A 34 10.87 32.11 -0.28
CA VAL A 34 10.79 32.79 1.00
C VAL A 34 11.73 32.11 2.03
N GLN A 35 11.80 30.80 1.99
CA GLN A 35 12.74 30.05 2.84
C GLN A 35 14.19 30.41 2.53
N LEU A 36 14.47 30.60 1.26
CA LEU A 36 15.81 30.94 0.86
C LEU A 36 16.16 32.31 1.46
N HIS A 37 15.22 33.24 1.38
CA HIS A 37 15.38 34.58 1.95
C HIS A 37 15.66 34.53 3.44
N TRP A 38 14.91 33.77 4.21
CA TRP A 38 15.17 33.64 5.65
C TRP A 38 16.51 33.01 5.96
N ASP A 39 16.93 32.04 5.14
CA ASP A 39 18.22 31.37 5.34
C ASP A 39 19.31 32.41 5.13
N GLU A 40 19.17 33.24 4.10
CA GLU A 40 20.22 34.16 3.67
C GLU A 40 20.32 35.43 4.49
N LYS A 41 19.16 35.99 4.85
CA LYS A 41 19.13 37.11 5.81
C LYS A 41 19.37 36.65 7.25
N ARG A 42 19.44 35.35 7.47
CA ARG A 42 19.52 34.82 8.83
C ARG A 42 18.40 35.41 9.69
N THR A 43 17.22 35.52 9.11
CA THR A 43 16.06 36.11 9.82
C THR A 43 15.85 35.62 11.24
N PHE A 44 15.90 34.31 11.47
CA PHE A 44 15.55 33.79 12.79
C PHE A 44 16.74 33.49 13.69
N GLU A 45 17.93 33.90 13.27
CA GLU A 45 19.13 33.73 14.08
C GLU A 45 19.18 34.87 15.04
N VAL A 46 19.28 34.55 16.33
CA VAL A 46 19.26 35.54 17.40
C VAL A 46 20.52 35.46 18.27
N THR A 47 20.86 36.57 18.93
CA THR A 47 21.94 36.65 19.92
C THR A 47 21.38 37.18 21.22
N GLU A 48 22.26 37.43 22.19
CA GLU A 48 21.82 37.89 23.50
C GLU A 48 21.72 39.39 23.50
N ASP A 49 20.69 39.88 22.84
CA ASP A 49 20.49 41.29 22.59
C ASP A 49 19.83 41.98 23.79
N GLU A 50 20.60 42.77 24.51
CA GLU A 50 20.07 43.38 25.75
C GLU A 50 19.09 44.55 25.53
N SER A 51 18.87 44.91 24.26
CA SER A 51 18.00 46.03 23.90
C SER A 51 16.57 45.58 23.65
N LYS A 52 16.38 44.27 23.68
CA LYS A 52 15.07 43.67 23.45
C LYS A 52 14.73 42.70 24.55
N GLU A 53 13.45 42.68 24.91
CA GLU A 53 12.89 41.69 25.75
C GLU A 53 12.94 40.32 25.06
N LYS A 54 13.64 39.36 25.67
CA LYS A 54 13.77 38.03 25.07
C LYS A 54 12.45 37.25 25.13
N TYR A 55 12.34 36.22 24.32
CA TYR A 55 11.30 35.26 24.53
C TYR A 55 11.82 33.95 24.01
N TYR A 56 11.78 32.92 24.85
CA TYR A 56 12.32 31.62 24.49
C TYR A 56 11.18 30.65 24.29
N CYS A 57 10.93 30.34 23.04
CA CYS A 57 9.87 29.46 22.61
C CYS A 57 10.48 28.09 22.21
N LEU A 58 10.26 27.09 23.05
CA LEU A 58 10.93 25.78 22.87
C LEU A 58 9.94 24.69 22.54
N SER A 59 10.22 23.98 21.46
CA SER A 59 9.50 22.74 21.14
C SER A 59 10.39 21.51 21.41
N MET A 60 9.76 20.46 21.88
CA MET A 60 10.43 19.21 22.27
C MET A 60 11.17 18.64 21.08
N LEU A 61 12.47 18.49 21.19
CA LEU A 61 13.29 18.17 20.03
C LEU A 61 12.98 16.78 19.43
N PRO A 62 13.14 16.65 18.11
CA PRO A 62 12.77 15.41 17.47
C PRO A 62 13.83 14.33 17.60
N TYR A 63 13.36 13.11 17.76
CA TYR A 63 14.16 11.95 17.59
C TYR A 63 14.19 11.64 16.10
N PRO A 64 15.40 11.39 15.54
CA PRO A 64 15.59 11.25 14.12
C PRO A 64 15.36 9.85 13.58
N SER A 65 14.09 9.47 13.54
CA SER A 65 13.67 8.15 13.15
C SER A 65 13.68 8.01 11.64
N GLY A 66 13.69 9.11 10.90
CA GLY A 66 13.78 9.05 9.47
C GLY A 66 12.84 9.96 8.72
N ARG A 67 11.61 10.10 9.19
CA ARG A 67 10.60 10.92 8.50
C ARG A 67 9.94 11.69 9.60
N LEU A 68 9.39 12.85 9.31
CA LEU A 68 8.48 13.52 10.23
C LEU A 68 7.15 12.84 10.09
N HIS A 69 6.36 12.89 11.14
CA HIS A 69 4.97 12.52 11.04
C HIS A 69 4.14 13.67 11.51
N MET A 70 2.83 13.53 11.47
CA MET A 70 1.98 14.67 11.70
C MET A 70 2.07 15.09 13.14
N GLY A 71 2.44 14.20 14.05
CA GLY A 71 2.65 14.63 15.42
C GLY A 71 3.73 15.71 15.53
N HIS A 72 4.81 15.49 14.82
CA HIS A 72 5.84 16.51 14.73
C HIS A 72 5.27 17.76 14.16
N VAL A 73 4.54 17.61 13.03
CA VAL A 73 3.99 18.77 12.33
C VAL A 73 3.11 19.63 13.21
N ARG A 74 2.30 19.00 14.04
CA ARG A 74 1.50 19.78 14.98
C ARG A 74 2.34 20.45 16.06
N ASN A 75 3.33 19.75 16.56
CA ASN A 75 4.16 20.29 17.64
C ASN A 75 4.89 21.55 17.19
N TYR A 76 5.54 21.46 16.06
CA TYR A 76 6.39 22.50 15.61
C TYR A 76 5.62 23.61 14.92
N THR A 77 4.42 23.35 14.37
CA THR A 77 3.56 24.42 13.89
C THR A 77 3.04 25.28 15.06
N ILE A 78 2.61 24.64 16.14
CA ILE A 78 2.14 25.36 17.31
C ILE A 78 3.26 26.25 17.79
N GLY A 79 4.43 25.68 17.91
CA GLY A 79 5.58 26.42 18.33
C GLY A 79 5.97 27.54 17.40
N ASP A 80 5.95 27.29 16.09
CA ASP A 80 6.29 28.35 15.14
C ASP A 80 5.24 29.47 15.14
N VAL A 81 3.97 29.11 15.29
CA VAL A 81 2.92 30.08 15.38
C VAL A 81 3.21 31.04 16.53
N ILE A 82 3.59 30.49 17.67
CA ILE A 82 3.83 31.30 18.82
C ILE A 82 5.10 32.13 18.65
N ALA A 83 6.15 31.55 18.09
CA ALA A 83 7.41 32.26 17.95
C ALA A 83 7.25 33.45 17.01
N ARG A 84 6.51 33.27 15.93
CA ARG A 84 6.27 34.35 15.00
C ARG A 84 5.37 35.44 15.60
N TYR A 85 4.43 35.05 16.41
CA TYR A 85 3.52 35.98 17.06
C TYR A 85 4.34 36.85 18.01
N GLN A 86 5.24 36.23 18.75
CA GLN A 86 6.03 36.95 19.74
C GLN A 86 7.04 37.85 19.06
N ARG A 87 7.54 37.43 17.91
CA ARG A 87 8.42 38.28 17.16
C ARG A 87 7.67 39.54 16.74
N MET A 88 6.44 39.38 16.26
CA MET A 88 5.61 40.50 15.82
C MET A 88 5.22 41.43 16.94
N LEU A 89 5.24 40.94 18.18
CA LEU A 89 5.08 41.81 19.36
C LEU A 89 6.37 42.52 19.74
N GLY A 90 7.46 42.25 19.07
CA GLY A 90 8.66 43.05 19.25
C GLY A 90 9.66 42.40 20.13
N LYS A 91 9.49 41.10 20.35
CA LYS A 91 10.40 40.34 21.18
C LYS A 91 11.49 39.71 20.40
N ASN A 92 12.62 39.48 21.06
CA ASN A 92 13.75 38.74 20.52
C ASN A 92 13.54 37.28 20.82
N VAL A 93 13.17 36.52 19.79
CA VAL A 93 12.62 35.20 19.99
C VAL A 93 13.62 34.15 19.61
N LEU A 94 13.99 33.30 20.56
CA LEU A 94 14.78 32.12 20.26
C LEU A 94 13.80 30.94 20.13
N GLN A 95 13.76 30.36 18.93
CA GLN A 95 13.06 29.17 18.63
C GLN A 95 14.11 28.19 18.08
N PRO A 96 14.64 27.29 18.93
CA PRO A 96 15.74 26.45 18.48
C PRO A 96 15.29 25.06 18.06
N ILE A 97 16.15 24.36 17.32
CA ILE A 97 15.87 23.00 16.91
C ILE A 97 17.13 22.14 17.05
N GLY A 98 16.94 20.85 17.26
CA GLY A 98 18.07 19.95 17.45
C GLY A 98 17.55 18.55 17.41
N TRP A 99 18.44 17.58 17.56
CA TRP A 99 18.13 16.17 17.43
C TRP A 99 18.47 15.38 18.65
N ASP A 100 17.49 14.69 19.19
CA ASP A 100 17.66 13.81 20.36
C ASP A 100 17.98 12.47 19.79
N ALA A 101 19.27 12.21 19.60
CA ALA A 101 19.71 11.32 18.55
C ALA A 101 20.17 9.98 19.03
N PHE A 102 20.35 9.79 20.34
CA PHE A 102 20.71 8.45 20.83
C PHE A 102 19.47 7.62 21.01
N GLY A 103 19.60 6.32 21.16
CA GLY A 103 18.49 5.51 21.61
C GLY A 103 18.23 4.23 20.85
N LEU A 104 17.22 3.50 21.32
CA LEU A 104 16.98 2.14 20.85
C LEU A 104 16.70 1.96 19.36
N PRO A 105 15.87 2.81 18.75
CA PRO A 105 15.47 2.62 17.34
C PRO A 105 16.66 2.53 16.37
N ALA A 106 17.67 3.38 16.57
CA ALA A 106 18.89 3.30 15.77
C ALA A 106 19.57 1.91 15.79
N GLU A 107 19.41 1.14 16.86
CA GLU A 107 20.10 -0.14 16.96
C GLU A 107 19.49 -1.25 16.12
N GLY A 108 18.18 -1.41 16.20
CA GLY A 108 17.52 -2.42 15.37
C GLY A 108 17.55 -2.03 13.91
N ALA A 109 17.46 -0.74 13.65
CA ALA A 109 17.39 -0.28 12.29
C ALA A 109 18.73 -0.50 11.61
N ALA A 110 19.81 -0.32 12.34
CA ALA A 110 21.15 -0.54 11.77
C ALA A 110 21.46 -2.01 11.45
N VAL A 111 21.11 -2.92 12.36
CA VAL A 111 21.23 -4.35 12.09
C VAL A 111 20.48 -4.71 10.83
N LYS A 112 19.19 -4.41 10.82
CA LYS A 112 18.30 -4.81 9.72
C LYS A 112 18.81 -4.23 8.39
N ASN A 113 19.21 -2.97 8.40
CA ASN A 113 19.74 -2.31 7.21
C ASN A 113 21.24 -2.47 6.95
N ASN A 114 21.91 -3.33 7.70
CA ASN A 114 23.34 -3.51 7.47
C ASN A 114 24.13 -2.17 7.50
N THR A 115 23.82 -1.30 8.48
CA THR A 115 24.54 -0.03 8.72
C THR A 115 25.03 -0.03 10.18
N ALA A 116 25.55 1.10 10.61
CA ALA A 116 25.85 1.37 12.00
C ALA A 116 24.83 2.43 12.44
N PRO A 117 24.54 2.52 13.73
CA PRO A 117 23.58 3.53 14.19
C PRO A 117 23.91 5.00 13.88
N ALA A 118 25.19 5.36 13.97
CA ALA A 118 25.64 6.73 13.69
C ALA A 118 25.29 7.17 12.27
N PRO A 119 25.86 6.50 11.26
CA PRO A 119 25.49 6.91 9.89
C PRO A 119 23.98 6.87 9.60
N TRP A 120 23.25 5.97 10.24
CA TRP A 120 21.82 5.91 9.99
C TRP A 120 21.16 7.14 10.58
N THR A 121 21.46 7.44 11.84
CA THR A 121 21.01 8.63 12.53
C THR A 121 21.31 9.95 11.80
N TYR A 122 22.55 10.14 11.41
CA TYR A 122 22.95 11.35 10.66
C TYR A 122 22.23 11.50 9.32
N ASP A 123 21.90 10.38 8.66
CA ASP A 123 21.06 10.43 7.43
C ASP A 123 19.62 10.83 7.74
N ASN A 124 19.05 10.25 8.79
CA ASN A 124 17.75 10.67 9.21
C ASN A 124 17.74 12.16 9.58
N ILE A 125 18.80 12.64 10.25
CA ILE A 125 18.89 14.05 10.62
C ILE A 125 18.82 14.90 9.36
N ALA A 126 19.62 14.61 8.35
CA ALA A 126 19.64 15.40 7.11
C ALA A 126 18.26 15.43 6.43
N TYR A 127 17.66 14.26 6.25
CA TYR A 127 16.32 14.15 5.65
C TYR A 127 15.32 14.99 6.39
N MET A 128 15.30 14.84 7.72
CA MET A 128 14.32 15.47 8.55
C MET A 128 14.55 16.96 8.66
N LYS A 129 15.81 17.38 8.75
CA LYS A 129 16.14 18.81 8.67
C LYS A 129 15.56 19.44 7.43
N ASN A 130 15.68 18.75 6.31
CA ASN A 130 15.15 19.30 5.06
C ASN A 130 13.62 19.43 5.09
N GLN A 131 12.93 18.50 5.74
CA GLN A 131 11.50 18.53 5.86
C GLN A 131 11.17 19.69 6.76
N LEU A 132 11.91 19.88 7.83
CA LEU A 132 11.59 21.02 8.72
C LEU A 132 11.73 22.33 7.98
N LYS A 133 12.85 22.50 7.30
CA LYS A 133 13.04 23.66 6.45
C LYS A 133 11.87 23.85 5.48
N MET A 134 11.38 22.77 4.88
CA MET A 134 10.32 22.88 3.85
C MET A 134 8.96 23.27 4.44
N LEU A 135 8.73 22.99 5.72
CA LEU A 135 7.56 23.52 6.42
C LEU A 135 7.72 24.97 6.85
N GLY A 136 8.93 25.50 6.76
CA GLY A 136 9.19 26.92 6.98
C GLY A 136 9.16 27.39 8.41
N PHE A 137 9.60 26.54 9.32
CA PHE A 137 9.62 26.90 10.71
C PHE A 137 10.79 27.83 10.95
N GLY A 138 10.56 28.94 11.63
CA GLY A 138 11.59 29.94 11.80
C GLY A 138 12.52 29.57 12.90
N TYR A 139 13.38 28.58 12.65
CA TYR A 139 14.28 28.08 13.68
C TYR A 139 15.58 28.83 13.62
N ASP A 140 16.25 28.96 14.76
CA ASP A 140 17.62 29.47 14.72
C ASP A 140 18.54 28.31 14.41
N TRP A 141 18.77 28.05 13.13
CA TRP A 141 19.66 26.94 12.73
C TRP A 141 21.10 27.04 13.20
N SER A 142 21.52 28.22 13.63
CA SER A 142 22.89 28.40 14.05
C SER A 142 23.12 27.72 15.39
N ARG A 143 22.03 27.48 16.14
CA ARG A 143 22.06 26.73 17.41
C ARG A 143 21.70 25.22 17.35
N GLU A 144 21.63 24.66 16.13
CA GLU A 144 21.34 23.24 15.93
C GLU A 144 22.34 22.35 16.66
N LEU A 145 21.82 21.40 17.44
CA LEU A 145 22.59 20.45 18.21
C LEU A 145 22.16 19.07 17.80
N ALA A 146 23.09 18.13 17.90
CA ALA A 146 22.78 16.72 17.87
C ALA A 146 23.33 16.07 19.16
N THR A 147 22.47 15.39 19.91
CA THR A 147 22.88 14.91 21.21
C THR A 147 23.88 13.73 21.15
N CYS A 148 24.00 13.10 19.98
CA CYS A 148 24.86 11.93 19.87
C CYS A 148 26.29 12.32 19.61
N THR A 149 26.54 13.62 19.47
CA THR A 149 27.89 14.13 19.20
C THR A 149 28.58 14.44 20.50
N PRO A 150 29.90 14.14 20.58
CA PRO A 150 30.74 14.35 21.76
C PRO A 150 30.85 15.81 22.17
N GLU A 151 30.79 16.73 21.22
CA GLU A 151 30.63 18.14 21.57
C GLU A 151 29.39 18.42 22.50
N TYR A 152 28.40 17.54 22.46
CA TYR A 152 27.26 17.62 23.36
C TYR A 152 27.46 16.78 24.60
N TYR A 153 27.66 15.49 24.41
CA TYR A 153 27.55 14.57 25.51
C TYR A 153 28.77 14.63 26.40
N ARG A 154 29.85 15.23 25.94
CA ARG A 154 30.97 15.43 26.87
C ARG A 154 30.53 16.12 28.17
N TRP A 155 29.54 17.02 28.06
CA TRP A 155 29.12 17.86 29.17
C TRP A 155 28.28 17.14 30.15
N GLU A 156 27.42 16.25 29.69
CA GLU A 156 26.66 15.48 30.62
C GLU A 156 27.56 14.45 31.32
N GLN A 157 28.62 13.99 30.63
CA GLN A 157 29.60 13.11 31.28
C GLN A 157 30.31 13.84 32.43
N LYS A 158 30.85 15.03 32.17
CA LYS A 158 31.53 15.79 33.19
C LYS A 158 30.57 16.00 34.33
N PHE A 159 29.34 16.31 33.99
CA PHE A 159 28.34 16.63 34.99
C PHE A 159 28.00 15.46 35.88
N PHE A 160 27.93 14.29 35.27
CA PHE A 160 27.68 13.05 36.01
C PHE A 160 28.78 12.84 36.99
N THR A 161 30.02 13.03 36.56
CA THR A 161 31.16 12.84 37.47
C THR A 161 31.09 13.82 38.62
N GLU A 162 30.61 15.03 38.37
CA GLU A 162 30.47 16.01 39.45
C GLU A 162 29.32 15.61 40.36
N LEU A 163 28.26 15.03 39.78
CA LEU A 163 27.11 14.51 40.53
C LEU A 163 27.50 13.33 41.40
N TYR A 164 28.36 12.46 40.88
CA TYR A 164 28.83 11.33 41.69
C TYR A 164 29.67 11.82 42.87
N LYS A 165 30.58 12.75 42.59
CA LYS A 165 31.45 13.32 43.62
C LYS A 165 30.70 14.06 44.72
N LYS A 166 29.60 14.73 44.37
CA LYS A 166 28.71 15.35 45.37
C LYS A 166 27.76 14.35 46.05
N GLY A 167 27.84 13.06 45.72
CA GLY A 167 27.18 12.03 46.50
C GLY A 167 25.76 11.83 46.10
N LEU A 168 25.43 12.19 44.87
CA LEU A 168 24.07 12.11 44.33
C LEU A 168 23.92 10.93 43.38
N VAL A 169 24.98 10.15 43.21
CA VAL A 169 24.89 8.97 42.39
C VAL A 169 25.32 7.76 43.18
N TYR A 170 24.57 6.66 43.07
CA TYR A 170 24.94 5.38 43.68
C TYR A 170 24.63 4.19 42.80
N LYS A 171 25.15 3.03 43.19
CA LYS A 171 25.04 1.83 42.39
C LYS A 171 24.19 0.85 43.10
N LYS A 172 23.21 0.27 42.45
CA LYS A 172 22.51 -0.84 43.05
C LYS A 172 22.01 -1.80 41.99
N THR A 173 21.50 -2.92 42.50
CA THR A 173 20.98 -3.99 41.72
C THR A 173 19.56 -3.66 41.30
N SER A 174 19.27 -3.77 40.01
CA SER A 174 17.93 -3.51 39.51
C SER A 174 17.58 -4.52 38.42
N ALA A 175 16.29 -4.74 38.27
CA ALA A 175 15.74 -5.80 37.42
C ALA A 175 15.63 -5.35 35.98
N VAL A 176 15.95 -6.28 35.11
CA VAL A 176 16.09 -6.03 33.70
C VAL A 176 15.48 -7.23 32.98
N ASN A 177 14.86 -7.01 31.83
CA ASN A 177 14.35 -8.14 31.06
C ASN A 177 15.54 -8.78 30.42
N TRP A 178 15.66 -10.08 30.65
CA TRP A 178 16.83 -10.85 30.23
C TRP A 178 16.41 -11.95 29.33
N CYS A 179 17.01 -12.02 28.14
CA CYS A 179 16.85 -13.17 27.29
C CYS A 179 18.02 -14.14 27.53
N PRO A 180 17.73 -15.33 28.12
CA PRO A 180 18.78 -16.27 28.53
C PRO A 180 19.56 -16.87 27.34
N ASN A 181 18.88 -17.06 26.22
CA ASN A 181 19.52 -17.50 24.98
C ASN A 181 20.48 -16.43 24.44
N ASP A 182 19.93 -15.37 23.84
CA ASP A 182 20.74 -14.29 23.23
C ASP A 182 21.64 -13.62 24.25
N GLN A 183 21.30 -13.78 25.53
CA GLN A 183 21.99 -13.09 26.64
C GLN A 183 21.96 -11.58 26.43
N THR A 184 20.79 -11.08 26.06
CA THR A 184 20.59 -9.64 25.85
C THR A 184 19.71 -9.05 26.93
N VAL A 185 19.97 -7.81 27.27
CA VAL A 185 19.02 -7.04 28.06
C VAL A 185 17.99 -6.50 27.07
N LEU A 186 16.72 -6.66 27.39
CA LEU A 186 15.67 -6.13 26.54
C LEU A 186 14.89 -5.04 27.21
N ALA A 187 14.55 -4.03 26.40
CA ALA A 187 13.55 -3.01 26.76
C ALA A 187 12.17 -3.68 26.79
N ASN A 188 11.27 -3.07 27.55
CA ASN A 188 9.89 -3.57 27.67
C ASN A 188 9.18 -3.65 26.33
N GLU A 189 9.37 -2.62 25.52
CA GLU A 189 8.83 -2.59 24.18
C GLU A 189 9.23 -3.79 23.33
N GLN A 190 10.42 -4.31 23.56
CA GLN A 190 10.93 -5.45 22.82
C GLN A 190 10.44 -6.75 23.40
N VAL A 191 10.06 -6.78 24.68
CA VAL A 191 9.40 -7.95 25.23
C VAL A 191 7.95 -8.02 24.75
N ILE A 192 7.58 -9.09 24.05
CA ILE A 192 6.21 -9.18 23.52
C ILE A 192 5.50 -10.43 24.05
N ASP A 193 4.62 -10.21 25.03
CA ASP A 193 3.90 -11.28 25.76
C ASP A 193 4.83 -12.11 26.68
N GLY A 194 5.84 -11.46 27.26
CA GLY A 194 6.79 -12.16 28.13
C GLY A 194 7.81 -13.01 27.38
N CYS A 195 7.68 -13.08 26.04
CA CYS A 195 8.69 -13.64 25.17
C CYS A 195 9.31 -12.52 24.31
N CYS A 196 10.46 -12.81 23.71
CA CYS A 196 11.25 -11.82 22.97
C CYS A 196 10.55 -11.29 21.69
N TRP A 197 11.26 -10.47 20.92
CA TRP A 197 10.82 -10.09 19.58
C TRP A 197 11.84 -10.46 18.51
N ARG A 198 12.75 -11.39 18.86
CA ARG A 198 13.65 -12.04 17.88
C ARG A 198 13.21 -13.51 17.70
N CYS A 199 13.74 -14.39 18.55
CA CYS A 199 13.65 -15.84 18.34
C CYS A 199 12.59 -15.72 19.42
N ASP A 200 11.86 -16.82 19.66
CA ASP A 200 11.12 -17.26 20.86
C ASP A 200 11.55 -18.03 22.11
N THR A 201 11.77 -17.32 23.22
CA THR A 201 11.91 -17.97 24.52
C THR A 201 11.60 -17.02 25.68
N LYS A 202 11.29 -17.60 26.84
CA LYS A 202 10.77 -16.82 27.96
C LYS A 202 11.78 -15.84 28.55
N VAL A 203 11.49 -14.57 28.35
CA VAL A 203 12.24 -13.49 28.96
C VAL A 203 12.12 -13.63 30.47
N GLU A 204 13.20 -13.32 31.18
CA GLU A 204 13.23 -13.47 32.63
C GLU A 204 13.84 -12.24 33.29
N ARG A 205 13.59 -12.05 34.58
CA ARG A 205 14.20 -10.96 35.32
C ARG A 205 15.61 -11.38 35.64
N LYS A 206 16.54 -10.45 35.42
CA LYS A 206 17.90 -10.61 35.85
C LYS A 206 18.21 -9.35 36.62
N GLU A 207 18.66 -9.52 37.85
CA GLU A 207 19.06 -8.41 38.70
C GLU A 207 20.45 -8.05 38.25
N ILE A 208 20.72 -6.75 38.11
CA ILE A 208 21.91 -6.24 37.46
C ILE A 208 22.33 -4.91 38.14
N PRO A 209 23.61 -4.78 38.51
CA PRO A 209 24.10 -3.54 39.13
C PRO A 209 24.08 -2.36 38.17
N GLN A 210 23.44 -1.27 38.56
CA GLN A 210 23.29 -0.15 37.68
C GLN A 210 23.40 1.15 38.43
N TRP A 211 23.65 2.23 37.71
CA TRP A 211 23.75 3.55 38.31
C TRP A 211 22.42 4.26 38.40
N PHE A 212 22.25 4.95 39.52
CA PHE A 212 21.05 5.68 39.82
C PHE A 212 21.39 7.06 40.30
N ILE A 213 20.59 8.05 39.89
CA ILE A 213 20.72 9.40 40.37
C ILE A 213 19.60 9.60 41.37
N LYS A 214 19.92 10.23 42.52
CA LYS A 214 19.01 10.42 43.64
C LYS A 214 18.03 11.57 43.39
N ILE A 215 17.15 11.37 42.44
CA ILE A 215 16.08 12.30 42.20
C ILE A 215 15.17 12.41 43.40
N THR A 216 15.16 11.39 44.26
CA THR A 216 14.34 11.39 45.48
C THR A 216 14.86 12.43 46.47
N ALA A 217 16.15 12.77 46.41
CA ALA A 217 16.67 13.90 47.23
C ALA A 217 15.96 15.27 46.91
N TYR A 218 15.42 15.39 45.69
CA TYR A 218 14.67 16.55 45.25
C TYR A 218 13.15 16.32 45.19
N ALA A 219 12.64 15.22 45.77
CA ALA A 219 11.21 14.91 45.59
C ALA A 219 10.36 16.03 46.15
N ASP A 220 10.62 16.42 47.39
CA ASP A 220 9.86 17.49 47.99
C ASP A 220 9.93 18.79 47.22
N GLU A 221 11.09 19.12 46.71
CA GLU A 221 11.17 20.35 46.00
C GLU A 221 10.40 20.24 44.71
N LEU A 222 10.54 19.10 44.02
CA LEU A 222 9.80 18.84 42.80
C LEU A 222 8.29 18.88 42.98
N LEU A 223 7.85 18.40 44.12
CA LEU A 223 6.44 18.36 44.47
C LEU A 223 5.98 19.79 44.80
N ASN A 224 6.67 20.45 45.71
CA ASN A 224 6.23 21.77 46.19
C ASN A 224 6.22 22.83 45.09
N ASP A 225 7.25 22.85 44.24
CA ASP A 225 7.38 23.89 43.23
C ASP A 225 6.30 23.81 42.17
N LEU A 226 5.51 22.73 42.18
CA LEU A 226 4.32 22.68 41.35
C LEU A 226 3.36 23.82 41.69
N ASP A 227 3.36 24.28 42.93
CA ASP A 227 2.44 25.35 43.29
C ASP A 227 2.86 26.72 42.66
N LYS A 228 4.14 26.92 42.31
CA LYS A 228 4.56 28.14 41.59
C LYS A 228 4.18 28.09 40.11
N LEU A 229 3.98 26.90 39.58
CA LEU A 229 3.80 26.76 38.13
C LEU A 229 2.37 27.10 37.66
N ASP A 230 1.98 28.36 37.87
CA ASP A 230 0.62 28.78 37.55
C ASP A 230 0.29 28.71 36.08
N HIS A 231 1.29 28.67 35.18
CA HIS A 231 1.03 28.51 33.77
C HIS A 231 1.30 27.14 33.23
N TRP A 232 1.35 26.14 34.11
CA TRP A 232 1.34 24.73 33.70
C TRP A 232 -0.01 24.15 33.96
N PRO A 233 -0.53 23.32 33.06
CA PRO A 233 -1.88 22.85 33.26
C PRO A 233 -1.99 21.81 34.42
N ASP A 234 -3.14 21.79 35.06
CA ASP A 234 -3.41 20.95 36.23
C ASP A 234 -3.36 19.45 35.98
N THR A 235 -3.62 19.07 34.74
CA THR A 235 -3.48 17.71 34.28
C THR A 235 -2.05 17.23 34.54
N VAL A 236 -1.09 18.02 34.03
CA VAL A 236 0.30 17.71 34.19
C VAL A 236 0.76 17.84 35.64
N LYS A 237 0.27 18.85 36.35
CA LYS A 237 0.70 19.01 37.71
C LYS A 237 0.12 17.88 38.57
N THR A 238 -1.12 17.46 38.37
CA THR A 238 -1.67 16.32 39.10
C THR A 238 -1.03 14.96 38.82
N MET A 239 -0.79 14.64 37.55
CA MET A 239 -0.08 13.43 37.16
C MET A 239 1.26 13.39 37.84
N GLN A 240 1.99 14.51 37.85
CA GLN A 240 3.28 14.56 38.53
C GLN A 240 3.16 14.44 40.06
N ARG A 241 2.18 15.05 40.72
CA ARG A 241 2.07 14.86 42.16
C ARG A 241 1.85 13.39 42.52
N ASN A 242 1.01 12.72 41.75
CA ASN A 242 0.56 11.35 42.00
C ASN A 242 1.69 10.39 41.66
N TRP A 243 2.47 10.76 40.67
CA TRP A 243 3.65 9.97 40.37
C TRP A 243 4.70 10.02 41.44
N ILE A 244 4.99 11.20 41.95
CA ILE A 244 5.94 11.34 43.07
C ILE A 244 5.37 10.67 44.31
N GLY A 245 4.08 10.79 44.51
CA GLY A 245 3.43 9.92 45.47
C GLY A 245 3.98 10.02 46.86
N ARG A 246 4.18 11.24 47.34
CA ARG A 246 4.67 11.41 48.70
C ARG A 246 3.65 10.93 49.73
N SER A 247 4.14 10.34 50.79
CA SER A 247 3.32 9.67 51.77
C SER A 247 3.96 9.86 53.13
N GLU A 248 3.15 9.92 54.17
CA GLU A 248 3.66 9.92 55.53
C GLU A 248 3.17 8.68 56.26
N GLY A 249 4.11 7.90 56.79
CA GLY A 249 3.76 6.68 57.49
C GLY A 249 4.72 6.22 58.55
N VAL A 250 4.75 4.91 58.75
CA VAL A 250 5.52 4.29 59.78
C VAL A 250 6.19 3.08 59.17
N GLU A 251 7.50 2.97 59.38
CA GLU A 251 8.25 1.73 59.13
C GLU A 251 8.21 0.87 60.38
N ILE A 252 7.98 -0.43 60.22
CA ILE A 252 7.80 -1.31 61.35
C ILE A 252 8.67 -2.54 61.15
N THR A 253 9.39 -2.96 62.18
CA THR A 253 10.29 -4.10 62.08
C THR A 253 9.72 -5.27 62.86
N PHE A 254 9.74 -6.45 62.26
CA PHE A 254 9.26 -7.68 62.88
C PHE A 254 10.39 -8.65 63.04
N ASN A 255 10.44 -9.29 64.21
CA ASN A 255 11.25 -10.51 64.33
C ASN A 255 10.56 -11.69 63.64
N VAL A 256 11.37 -12.64 63.17
CA VAL A 256 10.85 -13.88 62.60
C VAL A 256 11.48 -15.03 63.33
N ASN A 257 10.72 -16.08 63.58
CA ASN A 257 11.05 -17.05 64.64
C ASN A 257 12.29 -17.90 64.48
N ASP A 258 12.41 -18.59 63.36
CA ASP A 258 13.61 -19.45 63.20
C ASP A 258 14.44 -18.86 62.07
N TYR A 259 14.77 -17.59 62.25
CA TYR A 259 15.33 -16.74 61.20
C TYR A 259 16.04 -15.59 61.92
N ASP A 260 17.23 -15.25 61.45
CA ASP A 260 18.18 -14.41 62.21
C ASP A 260 18.15 -12.95 61.74
N ASN A 261 17.20 -12.64 60.86
CA ASN A 261 17.12 -11.36 60.21
C ASN A 261 15.73 -10.81 60.45
N THR A 262 15.63 -9.52 60.70
CA THR A 262 14.35 -8.90 60.90
C THR A 262 13.71 -8.63 59.55
N LEU A 263 12.45 -8.22 59.61
CA LEU A 263 11.66 -7.92 58.44
C LEU A 263 11.07 -6.52 58.66
N THR A 264 11.17 -5.64 57.65
CA THR A 264 10.65 -4.28 57.81
C THR A 264 9.62 -3.99 56.78
N VAL A 265 8.48 -3.42 57.22
CA VAL A 265 7.43 -2.98 56.33
C VAL A 265 7.16 -1.50 56.51
N TYR A 266 6.65 -0.87 55.46
CA TYR A 266 6.14 0.52 55.54
C TYR A 266 4.63 0.49 55.45
N THR A 267 3.93 1.24 56.27
CA THR A 267 2.50 1.38 56.09
C THR A 267 2.10 2.80 56.30
N THR A 268 1.13 3.29 55.53
CA THR A 268 0.51 4.60 55.80
C THR A 268 -0.72 4.46 56.66
N ARG A 269 -1.01 3.26 57.12
CA ARG A 269 -2.21 2.93 57.89
C ARG A 269 -1.83 2.21 59.17
N PRO A 270 -0.95 2.81 59.97
CA PRO A 270 -0.55 2.14 61.21
C PRO A 270 -1.71 1.94 62.15
N ASP A 271 -2.78 2.72 61.94
CA ASP A 271 -3.99 2.65 62.76
C ASP A 271 -4.71 1.33 62.69
N THR A 272 -4.57 0.64 61.57
CA THR A 272 -5.15 -0.67 61.41
C THR A 272 -4.17 -1.79 61.83
N PHE A 273 -3.07 -1.42 62.49
CA PHE A 273 -1.95 -2.35 62.72
C PHE A 273 -2.33 -3.61 63.52
N MET A 274 -3.30 -3.52 64.45
CA MET A 274 -3.64 -4.73 65.25
C MET A 274 -4.40 -5.72 64.42
N GLY A 275 -4.73 -5.32 63.21
CA GLY A 275 -5.46 -6.17 62.30
C GLY A 275 -4.55 -6.82 61.29
N CYS A 276 -3.24 -6.63 61.47
CA CYS A 276 -2.28 -7.19 60.54
C CYS A 276 -2.15 -8.69 60.86
N THR A 277 -2.53 -9.54 59.91
CA THR A 277 -2.68 -10.98 60.12
C THR A 277 -1.74 -11.84 59.27
N TYR A 278 -1.01 -11.18 58.36
CA TYR A 278 0.09 -11.82 57.67
C TYR A 278 1.01 -10.80 56.99
N LEU A 279 2.25 -11.23 56.74
CA LEU A 279 3.19 -10.48 55.92
C LEU A 279 3.29 -11.15 54.57
N ALA A 280 3.51 -10.36 53.53
CA ALA A 280 3.90 -10.85 52.21
C ALA A 280 5.35 -10.42 51.86
N VAL A 281 6.00 -11.17 51.00
CA VAL A 281 7.43 -11.05 50.84
C VAL A 281 7.70 -11.38 49.39
N ALA A 282 8.70 -10.72 48.84
CA ALA A 282 8.95 -10.78 47.43
C ALA A 282 9.55 -12.14 47.16
N ALA A 283 9.30 -12.68 45.97
CA ALA A 283 9.83 -13.98 45.63
C ALA A 283 11.34 -14.01 45.85
N GLY A 284 12.00 -12.88 45.66
CA GLY A 284 13.47 -12.82 45.79
C GLY A 284 14.00 -12.48 47.16
N HIS A 285 13.14 -12.47 48.16
CA HIS A 285 13.54 -12.09 49.50
C HIS A 285 14.37 -13.20 50.10
N PRO A 286 15.42 -12.84 50.87
CA PRO A 286 16.25 -13.90 51.45
C PRO A 286 15.46 -14.90 52.32
N LEU A 287 14.41 -14.42 52.97
CA LEU A 287 13.54 -15.27 53.77
C LEU A 287 12.85 -16.31 52.87
N ALA A 288 12.29 -15.85 51.75
CA ALA A 288 11.68 -16.76 50.78
C ALA A 288 12.68 -17.84 50.35
N GLN A 289 13.89 -17.39 50.00
CA GLN A 289 15.00 -18.22 49.55
C GLN A 289 15.35 -19.30 50.56
N LYS A 290 15.59 -18.89 51.80
CA LYS A 290 15.88 -19.83 52.89
C LYS A 290 14.75 -20.86 52.99
N ALA A 291 13.52 -20.37 53.10
CA ALA A 291 12.34 -21.23 53.18
C ALA A 291 12.23 -22.16 51.95
N ALA A 292 12.59 -21.64 50.78
CA ALA A 292 12.60 -22.43 49.53
C ALA A 292 13.53 -23.65 49.56
N GLU A 293 14.53 -23.64 50.45
CA GLU A 293 15.47 -24.76 50.56
C GLU A 293 14.78 -26.06 51.06
N ASN A 294 13.67 -25.91 51.78
CA ASN A 294 12.98 -27.01 52.43
C ASN A 294 11.52 -27.17 51.95
N ASN A 295 11.19 -26.57 50.80
CA ASN A 295 9.80 -26.52 50.33
C ASN A 295 9.68 -26.49 48.81
N PRO A 296 9.36 -27.62 48.19
CA PRO A 296 9.27 -27.65 46.72
C PRO A 296 8.16 -26.82 46.08
N GLU A 297 6.97 -26.72 46.71
CA GLU A 297 5.92 -25.85 46.17
C GLU A 297 6.50 -24.43 46.10
N LEU A 298 7.20 -24.03 47.16
CA LEU A 298 7.70 -22.69 47.28
C LEU A 298 8.79 -22.42 46.28
N ALA A 299 9.74 -23.35 46.23
CA ALA A 299 10.81 -23.26 45.30
C ALA A 299 10.28 -23.08 43.88
N ALA A 300 9.33 -23.91 43.45
CA ALA A 300 8.73 -23.77 42.12
C ALA A 300 8.07 -22.41 41.95
N PHE A 301 7.39 -21.93 42.99
CA PHE A 301 6.75 -20.64 42.91
C PHE A 301 7.74 -19.46 42.75
N ILE A 302 8.74 -19.35 43.63
CA ILE A 302 9.84 -18.37 43.46
C ILE A 302 10.40 -18.36 42.03
N ASP A 303 10.57 -19.54 41.47
CA ASP A 303 11.05 -19.70 40.12
C ASP A 303 10.05 -19.29 39.03
N GLU A 304 8.75 -19.50 39.24
CA GLU A 304 7.70 -18.90 38.38
C GLU A 304 7.92 -17.39 38.33
N CYS A 305 8.26 -16.82 39.49
CA CYS A 305 8.36 -15.36 39.67
C CYS A 305 9.50 -14.66 38.92
N ARG A 306 10.61 -15.37 38.64
CA ARG A 306 11.65 -14.83 37.73
C ARG A 306 11.10 -14.45 36.37
N ASN A 307 9.97 -15.01 35.98
CA ASN A 307 9.30 -14.61 34.74
C ASN A 307 8.07 -13.74 35.01
N THR A 308 8.09 -13.03 36.13
CA THR A 308 7.24 -11.86 36.31
C THR A 308 7.97 -10.71 35.60
N LYS A 309 7.43 -10.20 34.49
CA LYS A 309 8.10 -9.11 33.76
C LYS A 309 8.11 -7.80 34.57
N VAL A 310 9.21 -7.05 34.47
CA VAL A 310 9.29 -5.68 35.02
C VAL A 310 8.43 -4.70 34.22
N ALA A 311 7.20 -4.50 34.68
CA ALA A 311 6.30 -3.50 34.12
C ALA A 311 5.17 -3.43 35.11
N GLU A 312 4.96 -2.25 35.68
CA GLU A 312 3.92 -2.05 36.67
C GLU A 312 2.54 -2.49 36.21
N ALA A 313 2.20 -2.19 34.97
CA ALA A 313 0.90 -2.60 34.44
C ALA A 313 0.73 -4.11 34.61
N GLU A 314 1.71 -4.90 34.17
CA GLU A 314 1.69 -6.36 34.32
C GLU A 314 1.66 -6.83 35.79
N MET A 315 2.50 -6.28 36.67
CA MET A 315 2.43 -6.58 38.13
C MET A 315 1.02 -6.47 38.68
N ALA A 316 0.29 -5.45 38.21
CA ALA A 316 -0.96 -5.02 38.82
C ALA A 316 -2.21 -5.69 38.24
N THR A 317 -2.07 -6.38 37.12
CA THR A 317 -3.18 -7.12 36.51
C THR A 317 -3.07 -8.62 36.73
N MET A 318 -1.85 -9.10 36.97
CA MET A 318 -1.65 -10.53 37.08
C MET A 318 -2.46 -11.03 38.25
N GLU A 319 -2.98 -12.25 38.11
CA GLU A 319 -3.64 -12.94 39.22
C GLU A 319 -2.66 -12.98 40.38
N LYS A 320 -3.14 -12.60 41.56
CA LYS A 320 -2.25 -12.45 42.70
C LYS A 320 -2.11 -13.81 43.36
N LYS A 321 -0.88 -14.19 43.63
CA LYS A 321 -0.59 -15.56 44.02
C LYS A 321 0.44 -15.57 45.11
N GLY A 322 0.33 -16.61 45.92
CA GLY A 322 1.18 -16.74 47.07
C GLY A 322 1.34 -18.16 47.48
N VAL A 323 2.49 -18.42 48.10
CA VAL A 323 2.74 -19.66 48.78
C VAL A 323 3.21 -19.30 50.17
N ASP A 324 2.76 -20.07 51.17
CA ASP A 324 3.17 -19.89 52.55
C ASP A 324 4.63 -20.27 52.71
N THR A 325 5.34 -19.44 53.44
CA THR A 325 6.77 -19.60 53.60
C THR A 325 7.09 -20.60 54.69
N GLY A 326 6.10 -20.88 55.56
CA GLY A 326 6.30 -21.69 56.74
C GLY A 326 6.93 -20.92 57.91
N PHE A 327 7.56 -19.77 57.64
CA PHE A 327 8.06 -18.85 58.70
C PHE A 327 6.97 -17.96 59.26
N LYS A 328 7.16 -17.60 60.52
CA LYS A 328 6.18 -16.81 61.26
C LYS A 328 6.90 -15.61 61.79
N ALA A 329 6.38 -14.44 61.49
CA ALA A 329 6.80 -13.19 62.11
C ALA A 329 6.02 -13.07 63.41
N VAL A 330 6.57 -12.31 64.36
CA VAL A 330 5.86 -11.97 65.57
C VAL A 330 5.30 -10.52 65.54
N HIS A 331 4.00 -10.38 65.49
CA HIS A 331 3.36 -9.11 65.70
C HIS A 331 3.90 -8.48 66.98
N PRO A 332 4.59 -7.33 66.85
CA PRO A 332 5.22 -6.67 67.99
C PRO A 332 4.25 -6.25 69.10
N LEU A 333 3.02 -5.92 68.76
CA LEU A 333 2.07 -5.43 69.75
C LEU A 333 1.20 -6.51 70.34
N THR A 334 0.71 -7.44 69.53
CA THR A 334 -0.19 -8.50 70.06
C THR A 334 0.56 -9.73 70.44
N GLY A 335 1.78 -9.87 69.92
CA GLY A 335 2.60 -11.01 70.25
C GLY A 335 2.32 -12.25 69.40
N GLU A 336 1.20 -12.28 68.65
CA GLU A 336 0.90 -13.51 67.92
C GLU A 336 1.81 -13.77 66.70
N GLU A 337 2.00 -15.06 66.42
CA GLU A 337 2.78 -15.50 65.28
C GLU A 337 1.90 -15.28 64.07
N ILE A 338 2.41 -14.54 63.08
CA ILE A 338 1.69 -14.40 61.85
C ILE A 338 2.51 -14.93 60.65
N PRO A 339 1.82 -15.54 59.68
CA PRO A 339 2.56 -16.20 58.61
C PRO A 339 3.22 -15.24 57.64
N VAL A 340 4.40 -15.61 57.17
CA VAL A 340 5.05 -14.89 56.14
C VAL A 340 4.77 -15.63 54.84
N TRP A 341 4.16 -14.95 53.87
CA TRP A 341 3.88 -15.53 52.56
C TRP A 341 4.74 -14.91 51.50
N ALA A 342 5.11 -15.72 50.51
CA ALA A 342 5.83 -15.26 49.38
C ALA A 342 4.77 -14.90 48.37
N ALA A 343 4.91 -13.74 47.73
CA ALA A 343 3.87 -13.21 46.86
C ALA A 343 4.47 -12.76 45.51
N ASN A 344 3.70 -12.91 44.44
CA ASN A 344 4.18 -12.53 43.11
C ASN A 344 4.07 -11.01 42.85
N PHE A 345 3.47 -10.29 43.78
CA PHE A 345 3.18 -8.85 43.57
C PHE A 345 4.03 -7.93 44.45
N VAL A 346 5.06 -8.48 45.10
CA VAL A 346 5.90 -7.71 46.01
C VAL A 346 7.33 -7.79 45.52
N LEU A 347 7.97 -6.65 45.30
CA LEU A 347 9.30 -6.65 44.68
C LEU A 347 10.39 -6.18 45.64
N MET A 348 11.52 -6.87 45.59
CA MET A 348 12.69 -6.56 46.40
C MET A 348 13.26 -5.15 46.16
N GLU A 349 13.15 -4.66 44.92
CA GLU A 349 13.79 -3.40 44.56
C GLU A 349 13.03 -2.18 45.02
N TYR A 350 11.70 -2.31 45.18
CA TYR A 350 10.82 -1.16 45.42
C TYR A 350 10.43 -0.95 46.90
N GLY A 351 11.37 -1.20 47.80
CA GLY A 351 11.14 -0.99 49.22
C GLY A 351 11.97 -1.95 50.03
N THR A 352 11.39 -2.45 51.10
CA THR A 352 12.07 -3.40 51.98
C THR A 352 11.83 -4.83 51.50
N GLY A 353 11.08 -5.00 50.41
CA GLY A 353 10.76 -6.33 49.91
C GLY A 353 9.71 -7.09 50.73
N ALA A 354 9.17 -6.44 51.76
CA ALA A 354 8.13 -7.02 52.61
C ALA A 354 7.02 -6.01 52.87
N VAL A 355 5.79 -6.50 52.82
CA VAL A 355 4.63 -5.70 53.11
C VAL A 355 3.81 -6.37 54.19
N MET A 356 3.03 -5.60 54.90
CA MET A 356 2.13 -6.11 55.91
C MET A 356 0.71 -6.06 55.37
N ALA A 357 -0.14 -6.94 55.86
CA ALA A 357 -1.47 -7.14 55.30
C ALA A 357 -2.55 -6.96 56.37
N VAL A 358 -3.59 -6.24 56.00
CA VAL A 358 -4.69 -5.94 56.88
C VAL A 358 -5.98 -6.24 56.14
N PRO A 359 -6.32 -7.52 56.02
CA PRO A 359 -7.41 -7.86 55.11
C PRO A 359 -8.79 -7.37 55.53
N GLY A 360 -8.96 -7.03 56.81
CA GLY A 360 -10.19 -6.42 57.23
C GLY A 360 -10.44 -5.06 56.60
N HIS A 361 -9.38 -4.33 56.24
CA HIS A 361 -9.49 -2.93 55.83
C HIS A 361 -8.66 -2.50 54.63
N ASP A 362 -8.23 -3.48 53.84
CA ASP A 362 -7.59 -3.24 52.56
C ASP A 362 -8.15 -4.27 51.60
N GLN A 363 -8.83 -3.82 50.56
CA GLN A 363 -9.58 -4.71 49.71
C GLN A 363 -8.66 -5.71 49.05
N ARG A 364 -7.50 -5.27 48.61
CA ARG A 364 -6.53 -6.17 47.94
C ARG A 364 -6.06 -7.29 48.89
N ASP A 365 -5.68 -6.94 50.11
CA ASP A 365 -5.35 -7.92 51.16
C ASP A 365 -6.51 -8.87 51.44
N TYR A 366 -7.74 -8.32 51.50
CA TYR A 366 -8.97 -9.10 51.69
C TYR A 366 -9.15 -10.19 50.67
N GLU A 367 -8.84 -9.87 49.42
CA GLU A 367 -9.02 -10.79 48.31
C GLU A 367 -8.01 -11.92 48.42
N PHE A 368 -6.77 -11.55 48.71
CA PHE A 368 -5.71 -12.51 48.94
C PHE A 368 -6.06 -13.49 50.08
N ALA A 369 -6.46 -12.93 51.22
CA ALA A 369 -6.80 -13.71 52.39
C ALA A 369 -7.99 -14.63 52.16
N SER A 370 -8.95 -14.17 51.38
CA SER A 370 -10.12 -14.99 51.05
C SER A 370 -9.72 -16.14 50.20
N LYS A 371 -8.80 -15.89 49.28
CA LYS A 371 -8.33 -16.90 48.37
C LYS A 371 -7.58 -17.99 49.14
N TYR A 372 -6.84 -17.59 50.16
CA TYR A 372 -5.89 -18.48 50.84
C TYR A 372 -6.27 -18.89 52.26
N GLY A 373 -7.42 -18.49 52.76
CA GLY A 373 -7.85 -18.89 54.11
C GLY A 373 -7.10 -18.26 55.26
N LEU A 374 -6.49 -17.10 55.02
CA LEU A 374 -5.83 -16.33 56.05
C LEU A 374 -6.85 -15.57 56.89
N ASN A 375 -6.48 -15.23 58.13
CA ASN A 375 -7.38 -14.52 59.05
C ASN A 375 -7.79 -13.15 58.51
N ILE A 376 -9.09 -12.89 58.45
CA ILE A 376 -9.58 -11.56 58.17
C ILE A 376 -10.08 -10.99 59.47
N LYS A 377 -9.27 -10.15 60.11
CA LYS A 377 -9.52 -9.65 61.47
C LYS A 377 -10.00 -8.20 61.45
N PRO A 378 -11.19 -7.94 62.02
CA PRO A 378 -11.73 -6.59 62.02
C PRO A 378 -11.20 -5.74 63.18
N VAL A 379 -10.78 -4.52 62.87
CA VAL A 379 -10.33 -3.56 63.90
C VAL A 379 -10.88 -2.15 63.78
N ILE A 380 -11.65 -1.87 62.73
CA ILE A 380 -12.38 -0.61 62.58
C ILE A 380 -13.90 -0.83 62.70
N LEU A 381 -14.55 -0.07 63.56
CA LEU A 381 -16.00 -0.21 63.72
C LEU A 381 -16.73 0.30 62.47
N ALA A 382 -17.86 -0.31 62.14
CA ALA A 382 -18.79 0.25 61.14
C ALA A 382 -19.30 1.63 61.55
N ALA A 383 -19.86 2.35 60.57
CA ALA A 383 -20.31 3.75 60.74
C ALA A 383 -21.29 3.95 61.90
N ASP A 384 -22.09 2.92 62.18
CA ASP A 384 -23.03 2.98 63.31
C ASP A 384 -22.45 2.62 64.68
N GLY A 385 -21.18 2.24 64.73
CA GLY A 385 -20.54 1.81 65.97
C GLY A 385 -20.56 0.30 66.17
N SER A 386 -21.22 -0.44 65.27
CA SER A 386 -21.25 -1.89 65.39
C SER A 386 -20.04 -2.51 64.71
N GLU A 387 -19.84 -3.79 64.96
CA GLU A 387 -18.75 -4.49 64.32
C GLU A 387 -19.13 -4.69 62.87
N PRO A 388 -18.16 -4.49 61.99
CA PRO A 388 -18.45 -4.48 60.58
C PRO A 388 -18.75 -5.86 60.00
N ASP A 389 -19.53 -5.87 58.92
CA ASP A 389 -19.79 -7.03 58.11
C ASP A 389 -18.65 -7.19 57.11
N LEU A 390 -17.77 -8.15 57.35
CA LEU A 390 -16.64 -8.40 56.46
C LEU A 390 -16.82 -9.70 55.70
N SER A 391 -18.05 -10.17 55.55
CA SER A 391 -18.29 -11.45 54.85
C SER A 391 -18.14 -11.33 53.32
N GLN A 392 -18.33 -10.14 52.78
CA GLN A 392 -18.27 -9.91 51.34
C GLN A 392 -17.00 -9.15 50.96
N GLN A 393 -16.63 -8.18 51.77
CA GLN A 393 -15.53 -7.33 51.42
C GLN A 393 -14.99 -6.64 52.64
N ALA A 394 -13.91 -5.86 52.44
CA ALA A 394 -13.22 -5.14 53.49
C ALA A 394 -13.91 -3.81 53.85
N LEU A 395 -13.66 -3.33 55.04
CA LEU A 395 -14.16 -2.05 55.48
C LEU A 395 -12.98 -1.10 55.35
N THR A 396 -12.93 -0.41 54.23
CA THR A 396 -11.78 0.38 53.83
C THR A 396 -11.76 1.78 54.45
N GLU A 397 -12.90 2.16 55.04
CA GLU A 397 -13.11 3.49 55.57
C GLU A 397 -12.33 3.74 56.88
N LYS A 398 -11.74 4.92 57.05
CA LYS A 398 -11.08 5.30 58.31
C LYS A 398 -12.16 5.41 59.37
N GLY A 399 -11.88 4.94 60.58
CA GLY A 399 -12.92 4.84 61.62
C GLY A 399 -12.38 4.69 63.02
N VAL A 400 -13.28 4.38 63.96
CA VAL A 400 -12.91 4.14 65.36
C VAL A 400 -12.42 2.70 65.51
N LEU A 401 -11.29 2.49 66.20
CA LEU A 401 -10.75 1.15 66.36
C LEU A 401 -11.53 0.33 67.39
N PHE A 402 -11.53 -0.96 67.19
CA PHE A 402 -11.83 -1.88 68.29
C PHE A 402 -10.96 -3.13 68.09
N ASN A 403 -11.06 -4.08 69.02
CA ASN A 403 -10.32 -5.33 68.91
C ASN A 403 -8.84 -5.03 68.74
N SER A 404 -8.35 -3.98 69.41
CA SER A 404 -7.01 -3.47 69.20
C SER A 404 -6.35 -3.11 70.53
N GLY A 405 -6.74 -3.84 71.58
CA GLY A 405 -6.15 -3.71 72.89
C GLY A 405 -6.25 -2.29 73.38
N GLU A 406 -5.12 -1.75 73.84
CA GLU A 406 -5.06 -0.43 74.40
C GLU A 406 -5.42 0.70 73.46
N PHE A 407 -5.61 0.42 72.17
CA PHE A 407 -5.90 1.50 71.22
C PHE A 407 -7.39 1.62 70.89
N ASN A 408 -8.22 0.85 71.57
CA ASN A 408 -9.64 0.89 71.28
C ASN A 408 -10.21 2.27 71.48
N GLY A 409 -11.08 2.69 70.56
CA GLY A 409 -11.81 3.94 70.73
C GLY A 409 -11.13 5.10 70.03
N LEU A 410 -9.87 4.95 69.69
CA LEU A 410 -9.15 6.00 68.98
C LEU A 410 -9.58 6.03 67.52
N ASP A 411 -9.66 7.23 66.96
CA ASP A 411 -9.85 7.39 65.51
C ASP A 411 -8.53 7.36 64.73
N HIS A 412 -8.59 7.58 63.43
CA HIS A 412 -7.41 7.48 62.57
C HIS A 412 -6.24 8.29 63.03
N GLU A 413 -6.45 9.60 63.22
CA GLU A 413 -5.37 10.47 63.70
C GLU A 413 -4.75 9.97 64.96
N ALA A 414 -5.60 9.77 65.95
CA ALA A 414 -5.13 9.43 67.27
C ALA A 414 -4.49 8.02 67.22
N ALA A 415 -5.09 7.07 66.51
CA ALA A 415 -4.47 5.73 66.44
C ALA A 415 -3.13 5.81 65.73
N PHE A 416 -3.04 6.62 64.66
CA PHE A 416 -1.79 6.77 63.93
C PHE A 416 -0.72 7.17 64.95
N ASN A 417 -0.99 8.25 65.66
CA ASN A 417 -0.05 8.76 66.64
C ASN A 417 0.21 7.81 67.79
N ALA A 418 -0.83 7.26 68.38
CA ALA A 418 -0.61 6.39 69.50
C ALA A 418 0.25 5.18 69.10
N ILE A 419 -0.11 4.52 67.99
CA ILE A 419 0.57 3.32 67.57
C ILE A 419 1.97 3.68 67.09
N ALA A 420 2.11 4.81 66.40
CA ALA A 420 3.43 5.27 65.99
C ALA A 420 4.36 5.49 67.20
N ASP A 421 3.88 6.24 68.18
CA ASP A 421 4.63 6.52 69.41
C ASP A 421 5.01 5.23 70.13
N LYS A 422 4.07 4.30 70.25
CA LYS A 422 4.37 3.04 70.93
C LYS A 422 5.47 2.27 70.26
N LEU A 423 5.37 2.11 68.94
CA LEU A 423 6.36 1.37 68.18
C LEU A 423 7.71 2.04 68.22
N THR A 424 7.69 3.37 68.28
CA THR A 424 8.91 4.10 68.37
C THR A 424 9.55 3.86 69.73
N ALA A 425 8.75 3.88 70.78
CA ALA A 425 9.29 3.70 72.10
C ALA A 425 9.86 2.29 72.20
N MET A 426 9.20 1.35 71.58
CA MET A 426 9.66 -0.03 71.61
C MET A 426 10.90 -0.24 70.78
N GLY A 427 11.29 0.78 70.02
CA GLY A 427 12.40 0.66 69.11
C GLY A 427 12.10 -0.23 67.91
N VAL A 428 10.85 -0.37 67.51
CA VAL A 428 10.61 -1.21 66.33
C VAL A 428 9.91 -0.44 65.22
N GLY A 429 9.73 0.85 65.42
CA GLY A 429 8.97 1.65 64.49
C GLY A 429 9.47 3.05 64.41
N GLU A 430 9.39 3.63 63.23
CA GLU A 430 9.63 5.04 63.09
C GLU A 430 8.71 5.67 62.06
N ARG A 431 8.35 6.93 62.32
CA ARG A 431 7.68 7.76 61.37
C ARG A 431 8.58 7.96 60.19
N LYS A 432 8.08 7.71 58.99
CA LYS A 432 8.90 7.81 57.77
C LYS A 432 8.05 8.43 56.69
N VAL A 433 8.66 9.35 55.97
CA VAL A 433 8.10 9.84 54.72
C VAL A 433 8.47 8.86 53.62
N ASN A 434 7.51 8.56 52.76
CA ASN A 434 7.76 7.68 51.62
C ASN A 434 7.39 8.38 50.34
N TYR A 435 8.07 8.05 49.26
CA TYR A 435 7.66 8.45 47.92
C TYR A 435 7.46 7.25 47.03
N ARG A 436 6.44 7.31 46.17
CA ARG A 436 6.31 6.35 45.10
C ARG A 436 7.55 6.53 44.16
N LEU A 437 7.96 7.77 43.95
CA LEU A 437 9.10 8.06 43.08
C LEU A 437 10.34 7.24 43.51
N ARG A 438 10.87 6.50 42.56
CA ARG A 438 12.10 5.81 42.77
C ARG A 438 13.18 6.65 42.17
N ASP A 439 14.43 6.35 42.50
CA ASP A 439 15.55 7.03 41.90
C ASP A 439 15.67 6.63 40.45
N TRP A 440 16.44 7.41 39.73
CA TRP A 440 16.46 7.40 38.32
C TRP A 440 17.54 6.48 37.85
N GLY A 441 17.13 5.32 37.37
CA GLY A 441 18.10 4.36 36.82
C GLY A 441 18.62 4.88 35.50
N VAL A 442 19.86 5.38 35.43
CA VAL A 442 20.38 5.92 34.17
C VAL A 442 21.32 5.02 33.35
N SER A 443 21.50 3.77 33.73
CA SER A 443 22.32 2.79 32.99
C SER A 443 21.56 2.01 31.93
N ARG A 444 22.23 1.75 30.82
CA ARG A 444 21.66 0.94 29.77
C ARG A 444 22.75 0.06 29.25
N GLN A 445 22.43 -1.16 28.90
CA GLN A 445 23.46 -1.97 28.37
C GLN A 445 23.31 -2.15 26.85
N ARG A 446 23.19 -1.03 26.19
CA ARG A 446 23.08 -0.91 24.77
C ARG A 446 24.29 -0.08 24.35
N TYR A 447 24.58 -0.11 23.07
CA TYR A 447 25.72 0.59 22.47
C TYR A 447 25.38 2.03 22.17
N TRP A 448 24.22 2.29 21.56
CA TRP A 448 23.97 3.61 20.97
C TRP A 448 23.50 4.59 22.00
N GLY A 449 24.48 5.11 22.72
CA GLY A 449 24.24 6.01 23.85
C GLY A 449 25.56 6.57 24.34
N ALA A 450 25.52 7.54 25.23
CA ALA A 450 26.71 8.17 25.75
C ALA A 450 27.31 7.30 26.83
N PRO A 451 28.63 7.02 26.72
CA PRO A 451 29.25 6.22 27.75
C PRO A 451 29.21 6.86 29.11
N ILE A 452 28.93 6.05 30.10
CA ILE A 452 28.94 6.44 31.48
C ILE A 452 30.41 6.58 31.90
N PRO A 453 30.80 7.76 32.42
CA PRO A 453 32.19 8.02 32.73
C PRO A 453 32.56 7.55 34.12
N MET A 454 32.58 6.24 34.29
CA MET A 454 33.01 5.63 35.53
C MET A 454 34.03 4.60 35.15
N VAL A 455 34.81 4.21 36.15
CA VAL A 455 35.97 3.39 35.90
C VAL A 455 36.17 2.45 37.09
N THR A 456 36.63 1.24 36.81
CA THR A 456 37.04 0.31 37.85
C THR A 456 38.53 0.07 37.71
N LEU A 457 39.26 0.32 38.79
CA LEU A 457 40.69 0.10 38.79
C LEU A 457 41.00 -1.34 39.14
N GLU A 458 42.24 -1.70 38.86
CA GLU A 458 42.82 -2.98 39.15
C GLU A 458 42.68 -3.37 40.63
N ASP A 459 43.00 -2.43 41.52
CA ASP A 459 42.50 -2.32 42.91
C ASP A 459 41.15 -2.96 43.28
N GLY A 460 40.15 -2.79 42.41
CA GLY A 460 38.78 -3.11 42.77
C GLY A 460 37.92 -1.89 43.06
N THR A 461 38.53 -0.73 43.24
CA THR A 461 37.80 0.49 43.56
C THR A 461 37.22 1.07 42.31
N VAL A 462 36.11 1.78 42.47
CA VAL A 462 35.38 2.36 41.38
C VAL A 462 35.38 3.88 41.54
N MET A 463 35.61 4.58 40.45
CA MET A 463 35.63 6.02 40.53
C MET A 463 35.27 6.67 39.19
N PRO A 464 35.03 7.98 39.20
CA PRO A 464 34.75 8.66 38.00
C PRO A 464 35.93 8.65 37.07
N THR A 465 35.66 8.58 35.78
CA THR A 465 36.67 8.76 34.78
C THR A 465 37.31 10.13 35.02
N PRO A 466 38.63 10.18 35.14
CA PRO A 466 39.30 11.44 35.35
C PRO A 466 39.01 12.50 34.28
N ASP A 467 39.10 13.74 34.72
CA ASP A 467 38.72 14.89 33.91
C ASP A 467 39.47 14.96 32.60
N ASP A 468 40.78 14.68 32.64
CA ASP A 468 41.59 14.71 31.42
C ASP A 468 41.31 13.57 30.46
N GLN A 469 40.45 12.62 30.84
CA GLN A 469 40.02 11.54 29.95
C GLN A 469 38.59 11.74 29.47
N LEU A 470 38.00 12.90 29.77
CA LEU A 470 36.66 13.23 29.28
C LEU A 470 36.77 14.07 27.99
N PRO A 471 35.85 13.87 27.02
CA PRO A 471 34.78 12.89 27.02
C PRO A 471 35.30 11.45 26.83
N VAL A 472 34.52 10.48 27.33
CA VAL A 472 34.68 9.10 26.94
C VAL A 472 33.88 8.99 25.63
N ILE A 473 34.61 8.89 24.53
CA ILE A 473 34.00 8.89 23.22
C ILE A 473 33.43 7.53 22.85
N LEU A 474 32.22 7.50 22.30
CA LEU A 474 31.62 6.30 21.78
C LEU A 474 32.15 6.15 20.39
N PRO A 475 32.78 5.03 20.08
CA PRO A 475 33.18 4.89 18.68
C PRO A 475 31.94 4.70 17.83
N GLU A 476 31.91 5.41 16.70
CA GLU A 476 30.82 5.32 15.75
C GLU A 476 31.10 4.33 14.63
N ASP A 477 32.37 3.99 14.36
CA ASP A 477 32.67 3.02 13.28
C ASP A 477 32.65 1.59 13.80
N VAL A 478 31.51 0.93 13.64
CA VAL A 478 31.24 -0.32 14.35
C VAL A 478 30.57 -1.34 13.46
N VAL A 479 30.78 -2.60 13.83
CA VAL A 479 30.03 -3.73 13.30
C VAL A 479 29.07 -4.20 14.39
N MET A 480 27.79 -4.22 14.07
CA MET A 480 26.74 -4.57 15.02
C MET A 480 26.31 -5.99 14.74
N ASP A 481 25.68 -6.62 15.72
CA ASP A 481 25.10 -7.94 15.54
C ASP A 481 23.77 -8.16 16.27
N GLY A 482 23.32 -7.16 17.03
CA GLY A 482 22.04 -7.21 17.72
C GLY A 482 22.13 -7.76 19.12
N ILE A 483 23.11 -8.63 19.36
CA ILE A 483 23.25 -9.27 20.65
C ILE A 483 24.13 -8.42 21.58
N THR A 484 25.34 -8.09 21.12
CA THR A 484 26.34 -7.50 22.01
C THR A 484 26.76 -6.15 21.50
N SER A 485 26.87 -5.19 22.41
CA SER A 485 27.35 -3.86 22.12
C SER A 485 28.82 -4.00 21.83
N PRO A 486 29.29 -3.36 20.75
CA PRO A 486 30.70 -3.35 20.34
C PRO A 486 31.65 -2.88 21.40
N ILE A 487 31.27 -1.90 22.20
CA ILE A 487 32.15 -1.48 23.29
C ILE A 487 32.27 -2.55 24.36
N LYS A 488 31.24 -3.37 24.56
CA LYS A 488 31.32 -4.56 25.44
C LYS A 488 32.05 -5.77 24.83
N ALA A 489 32.05 -5.91 23.51
CA ALA A 489 32.67 -7.05 22.85
C ALA A 489 34.15 -6.83 22.57
N ASP A 490 34.53 -5.61 22.20
CA ASP A 490 35.93 -5.30 21.97
C ASP A 490 36.64 -5.30 23.30
N PRO A 491 37.64 -6.16 23.46
CA PRO A 491 38.26 -6.19 24.77
C PRO A 491 39.13 -4.96 25.04
N GLU A 492 39.86 -4.50 24.03
CA GLU A 492 40.76 -3.37 24.25
C GLU A 492 40.01 -2.11 24.64
N TRP A 493 38.80 -1.90 24.12
CA TRP A 493 38.16 -0.58 24.22
C TRP A 493 38.05 -0.06 25.64
N ALA A 494 37.69 -0.92 26.58
CA ALA A 494 37.50 -0.47 27.95
C ALA A 494 38.83 -0.17 28.70
N LYS A 495 39.97 -0.50 28.11
CA LYS A 495 41.23 -0.39 28.83
C LYS A 495 41.73 1.04 28.91
N THR A 496 42.02 1.49 30.12
CA THR A 496 42.74 2.73 30.30
C THR A 496 43.63 2.64 31.52
N THR A 497 44.19 3.77 31.91
CA THR A 497 45.00 3.82 33.10
C THR A 497 44.56 5.00 33.96
N VAL A 498 44.50 4.78 35.27
CA VAL A 498 44.01 5.77 36.21
C VAL A 498 44.80 5.61 37.52
N ASN A 499 45.17 6.74 38.13
CA ASN A 499 46.03 6.77 39.32
C ASN A 499 47.20 5.83 39.12
N GLY A 500 47.80 5.90 37.93
CA GLY A 500 48.95 5.06 37.56
C GLY A 500 48.70 3.56 37.47
N MET A 501 47.43 3.13 37.51
CA MET A 501 47.13 1.71 37.39
C MET A 501 46.16 1.38 36.26
N PRO A 502 46.23 0.13 35.77
CA PRO A 502 45.25 -0.33 34.79
C PRO A 502 43.84 -0.17 35.30
N ALA A 503 42.94 0.23 34.42
CA ALA A 503 41.55 0.38 34.77
C ALA A 503 40.66 0.02 33.60
N LEU A 504 39.41 -0.34 33.89
CA LEU A 504 38.41 -0.59 32.89
C LEU A 504 37.30 0.44 32.90
N ARG A 505 37.00 1.03 31.76
CA ARG A 505 35.86 1.91 31.71
C ARG A 505 34.57 1.14 31.63
N GLU A 506 33.55 1.78 32.18
CA GLU A 506 32.21 1.30 32.15
C GLU A 506 31.76 1.26 30.69
N THR A 507 31.16 0.13 30.29
CA THR A 507 30.70 -0.09 28.91
C THR A 507 29.18 0.11 28.83
N ASP A 508 28.51 0.29 29.96
CA ASP A 508 27.14 0.73 29.92
C ASP A 508 27.13 2.17 29.39
N THR A 509 25.97 2.56 28.88
CA THR A 509 25.73 3.90 28.38
C THR A 509 24.52 4.52 29.05
N PHE A 510 24.40 5.84 28.89
CA PHE A 510 23.33 6.58 29.54
C PHE A 510 21.93 6.37 28.97
N ASP A 511 20.95 6.26 29.86
CA ASP A 511 19.53 6.48 29.53
C ASP A 511 19.38 7.76 28.72
N THR A 512 18.60 7.74 27.63
CA THR A 512 18.62 8.88 26.68
C THR A 512 17.87 10.06 27.19
N PHE A 513 17.10 9.87 28.25
CA PHE A 513 16.47 11.01 28.86
C PHE A 513 17.53 11.89 29.49
N MET A 514 18.74 11.37 29.70
CA MET A 514 19.84 12.21 30.15
C MET A 514 20.14 13.36 29.16
N GLU A 515 20.19 13.08 27.87
CA GLU A 515 20.48 14.13 26.92
C GLU A 515 19.29 15.12 26.80
N SER A 516 18.06 14.61 26.83
CA SER A 516 16.89 15.45 26.63
C SER A 516 16.53 16.21 27.91
N SER A 517 17.32 16.04 28.97
CA SER A 517 16.97 16.73 30.20
C SER A 517 17.60 18.08 30.25
N TRP A 518 18.65 18.31 29.46
CA TRP A 518 19.33 19.59 29.54
C TRP A 518 19.53 20.30 28.21
N TYR A 519 19.03 19.72 27.12
CA TYR A 519 19.22 20.36 25.80
C TYR A 519 18.78 21.83 25.73
N TYR A 520 17.69 22.15 26.40
CA TYR A 520 17.07 23.46 26.38
C TYR A 520 18.02 24.48 26.91
N ALA A 521 18.94 24.07 27.79
CA ALA A 521 19.85 25.03 28.35
C ALA A 521 21.04 25.15 27.42
N ARG A 522 21.39 24.05 26.76
CA ARG A 522 22.54 24.07 25.86
C ARG A 522 22.26 24.82 24.59
N TYR A 523 21.00 24.90 24.19
CA TYR A 523 20.62 25.71 23.02
C TYR A 523 20.99 27.20 23.16
N THR A 524 21.16 27.66 24.39
CA THR A 524 21.54 29.05 24.63
C THR A 524 23.00 29.35 24.27
N CYS A 525 23.85 28.32 24.20
CA CYS A 525 25.30 28.48 24.03
C CYS A 525 25.89 27.19 23.47
N PRO A 526 25.36 26.70 22.35
CA PRO A 526 25.71 25.40 21.85
C PRO A 526 27.15 25.25 21.36
N GLN A 527 27.79 26.36 21.01
CA GLN A 527 29.17 26.34 20.54
C GLN A 527 30.13 26.73 21.67
N TYR A 528 29.64 26.80 22.90
CA TYR A 528 30.50 27.14 24.00
C TYR A 528 31.37 25.95 24.39
N LYS A 529 32.69 26.13 24.33
CA LYS A 529 33.69 25.07 24.54
C LYS A 529 34.26 25.00 25.96
N GLU A 530 34.16 26.07 26.73
CA GLU A 530 34.82 26.12 28.05
C GLU A 530 33.97 25.52 29.15
N GLY A 531 32.71 25.23 28.88
CA GLY A 531 31.87 24.63 29.91
C GLY A 531 30.55 24.20 29.35
N MET A 532 29.80 23.52 30.17
CA MET A 532 28.49 23.01 29.81
C MET A 532 27.55 24.15 29.44
N LEU A 533 27.60 25.22 30.24
CA LEU A 533 26.85 26.43 29.99
C LEU A 533 27.69 27.68 30.13
N ASP A 534 27.48 28.59 29.21
CA ASP A 534 27.85 30.00 29.32
C ASP A 534 26.70 30.59 30.11
N SER A 535 26.91 30.79 31.40
CA SER A 535 25.81 31.19 32.29
C SER A 535 25.25 32.57 31.93
N GLU A 536 26.10 33.40 31.36
CA GLU A 536 25.68 34.70 30.92
C GLU A 536 24.62 34.57 29.82
N ALA A 537 24.85 33.69 28.85
CA ALA A 537 23.88 33.46 27.78
C ALA A 537 22.73 32.66 28.33
N ALA A 538 23.01 31.72 29.25
CA ALA A 538 21.91 30.93 29.86
C ALA A 538 20.96 31.83 30.61
N ASN A 539 21.50 32.80 31.32
CA ASN A 539 20.64 33.64 32.15
C ASN A 539 19.95 34.77 31.40
N TYR A 540 20.42 35.12 30.19
CA TYR A 540 19.63 35.95 29.32
C TYR A 540 18.36 35.19 28.84
N TRP A 541 18.53 33.95 28.38
CA TRP A 541 17.43 33.26 27.75
C TRP A 541 16.53 32.52 28.68
N LEU A 542 17.06 32.04 29.80
CA LEU A 542 16.27 31.17 30.69
C LEU A 542 15.55 32.01 31.71
N PRO A 543 14.41 31.53 32.17
CA PRO A 543 13.78 30.25 31.79
C PRO A 543 12.99 30.32 30.51
N VAL A 544 12.80 29.14 29.90
CA VAL A 544 11.96 28.96 28.78
C VAL A 544 10.62 29.63 29.08
N ASP A 545 10.13 30.40 28.11
CA ASP A 545 8.90 31.13 28.28
C ASP A 545 7.75 30.20 28.03
N ILE A 546 7.86 29.41 26.97
CA ILE A 546 6.86 28.39 26.67
C ILE A 546 7.52 27.13 26.10
N TYR A 547 7.10 25.97 26.62
CA TYR A 547 7.66 24.66 26.24
C TYR A 547 6.52 23.89 25.64
N ILE A 548 6.63 23.56 24.35
CA ILE A 548 5.53 22.94 23.62
C ILE A 548 5.86 21.46 23.37
N GLY A 549 5.01 20.58 23.86
CA GLY A 549 5.23 19.18 23.64
C GLY A 549 3.98 18.40 23.75
N GLY A 550 4.08 17.09 23.61
CA GLY A 550 2.92 16.27 23.73
C GLY A 550 2.71 15.88 25.17
N ILE A 551 1.46 15.55 25.49
CA ILE A 551 1.04 15.11 26.81
C ILE A 551 1.75 13.79 27.19
N GLU A 552 2.16 13.01 26.16
CA GLU A 552 2.99 11.83 26.34
C GLU A 552 4.13 12.05 27.34
N HIS A 553 4.73 13.25 27.34
CA HIS A 553 5.90 13.51 28.18
C HIS A 553 5.57 14.27 29.45
N ALA A 554 4.32 14.23 29.86
CA ALA A 554 3.88 14.98 31.03
C ALA A 554 4.64 14.60 32.30
N ILE A 555 5.06 13.34 32.40
CA ILE A 555 5.61 12.84 33.65
C ILE A 555 7.11 12.61 33.49
N MET A 556 7.54 11.44 33.03
CA MET A 556 8.98 11.16 32.99
C MET A 556 9.87 12.29 32.45
N HIS A 557 9.72 12.69 31.21
CA HIS A 557 10.57 13.73 30.71
C HIS A 557 10.42 15.01 31.46
N LEU A 558 9.20 15.49 31.69
CA LEU A 558 9.09 16.77 32.36
C LEU A 558 9.66 16.76 33.78
N LEU A 559 9.58 15.66 34.47
CA LEU A 559 10.13 15.59 35.80
C LEU A 559 11.65 15.61 35.72
N TYR A 560 12.22 14.85 34.79
CA TYR A 560 13.64 14.79 34.69
C TYR A 560 14.19 16.16 34.31
N PHE A 561 13.40 16.90 33.56
CA PHE A 561 13.81 18.16 32.98
C PHE A 561 13.83 19.19 34.13
N ARG A 562 12.81 19.12 34.97
CA ARG A 562 12.75 20.00 36.12
C ARG A 562 13.89 19.72 37.08
N PHE A 563 14.15 18.44 37.30
CA PHE A 563 15.19 18.00 38.18
C PHE A 563 16.58 18.46 37.73
N PHE A 564 16.87 18.25 36.45
CA PHE A 564 18.16 18.60 35.92
C PHE A 564 18.38 20.11 36.06
N HIS A 565 17.30 20.87 35.90
CA HIS A 565 17.34 22.31 36.04
C HIS A 565 17.72 22.69 37.44
N LYS A 566 17.16 21.98 38.40
CA LYS A 566 17.48 22.25 39.79
C LYS A 566 18.88 21.80 40.10
N LEU A 567 19.34 20.72 39.47
CA LEU A 567 20.72 20.30 39.71
C LEU A 567 21.72 21.36 39.23
N MET A 568 21.49 21.94 38.06
CA MET A 568 22.34 22.98 37.51
C MET A 568 22.24 24.28 38.30
N ARG A 569 21.09 24.59 38.85
CA ARG A 569 20.97 25.72 39.77
C ARG A 569 21.85 25.50 40.95
N ASP A 570 21.90 24.27 41.45
CA ASP A 570 22.70 24.01 42.62
C ASP A 570 24.20 23.90 42.32
N ALA A 571 24.57 23.84 41.04
CA ALA A 571 25.96 23.96 40.65
C ALA A 571 26.27 25.42 40.37
N GLY A 572 25.30 26.30 40.64
CA GLY A 572 25.39 27.71 40.29
C GLY A 572 25.43 28.00 38.79
N MET A 573 24.84 27.13 37.99
CA MET A 573 24.84 27.36 36.56
C MET A 573 23.69 28.23 36.08
N VAL A 574 22.58 28.24 36.80
CA VAL A 574 21.38 28.96 36.36
C VAL A 574 20.72 29.68 37.52
N ASN A 575 20.10 30.82 37.24
CA ASN A 575 19.24 31.57 38.20
C ASN A 575 17.91 30.97 38.69
N SER A 576 17.16 30.36 37.82
CA SER A 576 15.76 30.14 38.09
C SER A 576 15.60 28.83 38.86
N ASP A 577 14.57 28.74 39.68
CA ASP A 577 14.26 27.47 40.30
C ASP A 577 13.58 26.48 39.36
N GLU A 578 12.86 26.99 38.36
CA GLU A 578 12.13 26.18 37.41
C GLU A 578 12.56 26.51 35.97
N PRO A 579 12.57 25.53 35.07
CA PRO A 579 13.06 25.76 33.73
C PRO A 579 12.10 26.42 32.76
N ALA A 580 10.79 26.35 33.00
CA ALA A 580 9.79 26.70 32.00
C ALA A 580 8.64 27.34 32.66
N LYS A 581 8.33 28.58 32.31
CA LYS A 581 7.18 29.28 32.94
C LYS A 581 5.87 28.65 32.45
N GLN A 582 5.76 28.48 31.16
CA GLN A 582 4.55 27.97 30.60
C GLN A 582 4.77 26.71 29.77
N LEU A 583 3.79 25.84 29.79
CA LEU A 583 3.86 24.54 29.12
C LEU A 583 2.60 24.37 28.32
N LEU A 584 2.75 24.04 27.06
CA LEU A 584 1.61 23.74 26.23
C LEU A 584 1.79 22.27 25.82
N CYS A 585 0.99 21.39 26.42
CA CYS A 585 1.01 19.97 26.10
C CYS A 585 -0.10 19.71 25.11
N GLN A 586 0.23 19.64 23.84
CA GLN A 586 -0.78 19.27 22.85
C GLN A 586 -1.22 17.85 23.09
N GLY A 587 -2.48 17.55 22.77
CA GLY A 587 -2.95 16.18 22.65
C GLY A 587 -2.19 15.39 21.59
N MET A 588 -2.16 14.07 21.73
CA MET A 588 -1.43 13.25 20.77
C MET A 588 -2.15 13.23 19.43
N VAL A 589 -1.40 13.13 18.36
CA VAL A 589 -1.95 12.88 17.07
C VAL A 589 -1.91 11.38 16.88
N LEU A 590 -3.09 10.77 16.62
CA LEU A 590 -3.23 9.33 16.57
C LEU A 590 -3.44 8.83 15.15
N ALA A 591 -3.04 7.59 14.89
CA ALA A 591 -3.30 6.91 13.63
C ALA A 591 -3.52 5.45 13.90
N ASP A 592 -4.36 4.83 13.10
CA ASP A 592 -4.60 3.39 13.19
C ASP A 592 -3.29 2.65 13.12
N ALA A 593 -3.14 1.59 13.91
CA ALA A 593 -1.90 0.82 13.90
C ALA A 593 -2.14 -0.66 13.69
N PHE A 594 -1.29 -1.29 12.86
CA PHE A 594 -1.46 -2.67 12.48
C PHE A 594 -0.14 -3.49 12.55
N TYR A 595 -0.27 -4.79 12.74
CA TYR A 595 0.87 -5.70 12.58
C TYR A 595 0.40 -7.11 12.24
N TYR A 596 1.28 -7.88 11.59
CA TYR A 596 1.12 -9.35 11.46
C TYR A 596 2.37 -10.00 12.09
N VAL A 597 2.25 -11.26 12.50
CA VAL A 597 3.35 -11.92 13.17
C VAL A 597 4.16 -12.63 12.09
N GLY A 598 5.46 -12.33 12.05
CA GLY A 598 6.39 -12.92 11.08
C GLY A 598 6.68 -14.38 11.37
N GLU A 599 7.10 -15.11 10.34
CA GLU A 599 7.25 -16.56 10.40
C GLU A 599 8.24 -17.09 11.45
N ASN A 600 9.11 -16.23 12.00
CA ASN A 600 9.84 -16.54 13.23
C ASN A 600 9.43 -15.60 14.36
N GLY A 601 8.15 -15.60 14.67
CA GLY A 601 7.63 -15.00 15.89
C GLY A 601 7.41 -13.51 15.95
N GLU A 602 8.10 -12.74 15.11
CA GLU A 602 8.18 -11.28 15.32
C GLU A 602 7.06 -10.42 14.67
N ARG A 603 6.54 -9.43 15.40
CA ARG A 603 5.54 -8.49 14.85
C ARG A 603 6.11 -7.57 13.78
N ASN A 604 5.44 -7.52 12.65
CA ASN A 604 5.84 -6.63 11.59
C ASN A 604 4.73 -5.61 11.45
N TRP A 605 5.08 -4.35 11.61
CA TRP A 605 4.09 -3.30 11.70
C TRP A 605 3.83 -2.72 10.35
N VAL A 606 2.57 -2.72 9.94
CA VAL A 606 2.24 -2.19 8.64
C VAL A 606 1.61 -0.82 8.77
N SER A 607 2.02 0.07 7.87
CA SER A 607 1.51 1.42 7.85
C SER A 607 0.02 1.40 7.53
N PRO A 608 -0.78 2.29 8.16
CA PRO A 608 -2.21 2.39 7.78
C PRO A 608 -2.41 2.80 6.32
N VAL A 609 -1.45 3.48 5.73
CA VAL A 609 -1.42 3.71 4.26
C VAL A 609 -1.47 2.41 3.41
N ASP A 610 -0.94 1.33 3.99
CA ASP A 610 -0.79 0.06 3.30
C ASP A 610 -1.77 -1.00 3.77
N ALA A 611 -2.59 -0.70 4.78
CA ALA A 611 -3.57 -1.67 5.25
C ALA A 611 -4.80 -1.56 4.38
N ILE A 612 -5.40 -2.70 4.08
CA ILE A 612 -6.66 -2.73 3.37
C ILE A 612 -7.68 -3.15 4.40
N VAL A 613 -8.68 -2.30 4.58
CA VAL A 613 -9.51 -2.33 5.76
C VAL A 613 -10.97 -2.30 5.37
N GLU A 614 -11.81 -3.07 6.06
CA GLU A 614 -13.25 -2.95 5.94
C GLU A 614 -13.82 -2.34 7.21
N ARG A 615 -14.83 -1.48 7.07
CA ARG A 615 -15.31 -0.71 8.20
C ARG A 615 -16.76 -0.95 8.56
N ASP A 616 -17.03 -0.78 9.85
CA ASP A 616 -18.37 -0.75 10.43
C ASP A 616 -19.31 0.35 9.95
N GLU A 617 -20.61 0.21 10.29
CA GLU A 617 -21.56 1.32 10.24
C GLU A 617 -21.15 2.46 11.20
N LYS A 618 -20.50 2.11 12.31
CA LYS A 618 -19.93 3.08 13.26
C LYS A 618 -18.52 3.55 12.93
N GLY A 619 -17.97 3.11 11.81
CA GLY A 619 -16.62 3.51 11.40
C GLY A 619 -15.48 2.66 11.95
N ARG A 620 -15.82 1.66 12.78
CA ARG A 620 -14.80 0.82 13.43
C ARG A 620 -14.24 -0.22 12.45
N ILE A 621 -12.93 -0.45 12.50
CA ILE A 621 -12.30 -1.40 11.61
C ILE A 621 -12.60 -2.80 12.06
N VAL A 622 -12.92 -3.63 11.09
CA VAL A 622 -13.53 -4.91 11.33
C VAL A 622 -12.82 -6.08 10.60
N LYS A 623 -12.15 -5.80 9.47
CA LYS A 623 -11.20 -6.74 8.84
C LYS A 623 -10.07 -5.88 8.38
N ALA A 624 -8.89 -6.47 8.26
CA ALA A 624 -7.69 -5.73 7.90
C ALA A 624 -6.66 -6.65 7.28
N LYS A 625 -6.26 -6.36 6.04
CA LYS A 625 -5.27 -7.17 5.30
C LYS A 625 -4.20 -6.26 4.69
N ASP A 626 -2.95 -6.69 4.71
CA ASP A 626 -1.95 -6.01 3.89
C ASP A 626 -2.13 -6.46 2.44
N ALA A 627 -1.54 -5.71 1.50
CA ALA A 627 -1.60 -6.06 0.06
C ALA A 627 -0.95 -7.42 -0.25
N ALA A 628 0.06 -7.79 0.53
CA ALA A 628 0.68 -9.14 0.41
C ALA A 628 -0.17 -10.30 0.88
N GLY A 629 -1.37 -10.02 1.39
CA GLY A 629 -2.27 -11.06 1.88
C GLY A 629 -2.15 -11.43 3.36
N HIS A 630 -1.33 -10.72 4.12
CA HIS A 630 -1.24 -11.02 5.53
C HIS A 630 -2.44 -10.47 6.26
N GLU A 631 -2.80 -11.20 7.29
CA GLU A 631 -3.88 -10.84 8.14
C GLU A 631 -3.31 -9.94 9.20
N LEU A 632 -3.81 -8.71 9.27
CA LEU A 632 -3.30 -7.71 10.21
C LEU A 632 -4.08 -7.74 11.52
N VAL A 633 -3.38 -7.68 12.64
CA VAL A 633 -4.01 -7.46 13.94
C VAL A 633 -4.15 -5.96 14.01
N TYR A 634 -5.36 -5.46 14.08
CA TYR A 634 -5.59 -4.05 14.32
C TYR A 634 -5.47 -3.77 15.80
N THR A 635 -4.57 -2.87 16.18
CA THR A 635 -4.29 -2.59 17.60
C THR A 635 -5.05 -1.36 18.12
N GLY A 636 -5.77 -0.68 17.25
CA GLY A 636 -6.44 0.56 17.61
C GLY A 636 -5.77 1.80 17.02
N MET A 637 -6.37 2.95 17.32
CA MET A 637 -5.86 4.30 17.03
C MET A 637 -4.85 4.60 18.12
N SER A 638 -3.61 4.86 17.80
CA SER A 638 -2.69 5.19 18.87
C SER A 638 -1.65 6.20 18.41
N LYS A 639 -0.93 6.79 19.34
CA LYS A 639 0.01 7.84 18.98
C LYS A 639 0.81 7.48 17.74
N MET A 640 0.86 8.38 16.79
CA MET A 640 1.78 8.21 15.73
C MET A 640 3.15 7.96 16.32
N SER A 641 3.87 6.96 15.82
CA SER A 641 5.09 6.50 16.48
C SER A 641 6.12 5.87 15.55
N LYS A 642 7.37 6.25 15.77
CA LYS A 642 8.53 5.49 15.27
C LYS A 642 8.35 3.97 15.36
N SER A 643 7.94 3.48 16.53
CA SER A 643 7.90 2.03 16.80
C SER A 643 6.81 1.27 16.13
N LYS A 644 5.69 1.91 15.83
CA LYS A 644 4.53 1.18 15.35
C LYS A 644 4.25 1.39 13.87
N ASN A 645 5.19 2.04 13.18
CA ASN A 645 5.09 2.30 11.77
C ASN A 645 3.80 2.97 11.34
N ASN A 646 3.12 3.67 12.26
CA ASN A 646 1.85 4.34 11.98
C ASN A 646 2.00 5.85 11.82
N GLY A 647 3.21 6.35 11.62
CA GLY A 647 3.38 7.82 11.52
C GLY A 647 3.08 8.27 10.10
N ILE A 648 2.23 9.27 9.94
CA ILE A 648 1.92 9.78 8.60
C ILE A 648 2.88 10.92 8.24
N ASP A 649 3.60 10.75 7.17
CA ASP A 649 4.61 11.71 6.69
C ASP A 649 3.92 12.86 5.97
N PRO A 650 4.21 14.12 6.31
CA PRO A 650 3.60 15.25 5.61
C PRO A 650 4.17 15.53 4.21
N GLN A 651 5.27 14.89 3.83
CA GLN A 651 5.96 15.28 2.62
C GLN A 651 5.02 15.41 1.45
N VAL A 652 4.15 14.44 1.23
CA VAL A 652 3.31 14.44 0.05
C VAL A 652 2.24 15.52 0.08
N MET A 653 1.66 15.81 1.22
CA MET A 653 0.73 16.95 1.31
C MET A 653 1.44 18.28 1.11
N VAL A 654 2.60 18.46 1.75
CA VAL A 654 3.38 19.68 1.57
C VAL A 654 3.70 19.87 0.10
N GLU A 655 4.10 18.80 -0.57
CA GLU A 655 4.36 18.88 -1.99
C GLU A 655 3.11 19.16 -2.84
N ARG A 656 1.92 18.74 -2.40
CA ARG A 656 0.77 18.95 -3.24
C ARG A 656 0.11 20.30 -3.04
N TYR A 657 -0.07 20.68 -1.78
CA TYR A 657 -0.83 21.85 -1.38
C TYR A 657 0.03 22.98 -0.92
N GLY A 658 1.29 22.71 -0.56
CA GLY A 658 2.15 23.69 0.05
C GLY A 658 2.24 23.57 1.55
N ALA A 659 3.34 24.01 2.14
CA ALA A 659 3.49 24.05 3.60
C ALA A 659 2.45 24.88 4.28
N ASP A 660 2.06 25.99 3.68
CA ASP A 660 1.11 26.88 4.34
C ASP A 660 -0.25 26.21 4.57
N THR A 661 -0.74 25.47 3.58
CA THR A 661 -2.00 24.75 3.68
C THR A 661 -1.96 23.65 4.73
N VAL A 662 -0.84 22.93 4.81
CA VAL A 662 -0.67 21.86 5.77
C VAL A 662 -0.65 22.44 7.18
N ARG A 663 0.14 23.51 7.38
CA ARG A 663 0.21 24.17 8.67
C ARG A 663 -1.14 24.71 9.10
N LEU A 664 -1.83 25.41 8.21
CA LEU A 664 -3.16 25.95 8.55
C LEU A 664 -4.12 24.80 8.91
N PHE A 665 -4.13 23.75 8.11
CA PHE A 665 -4.96 22.61 8.38
C PHE A 665 -4.69 22.01 9.73
N MET A 666 -3.43 21.79 10.06
CA MET A 666 -3.12 21.25 11.36
C MET A 666 -3.65 22.18 12.43
N MET A 667 -3.52 23.50 12.27
CA MET A 667 -3.89 24.39 13.37
C MET A 667 -5.38 24.52 13.38
N PHE A 668 -5.99 24.32 12.23
CA PHE A 668 -7.42 24.48 12.10
C PHE A 668 -8.23 23.29 12.57
N ALA A 669 -7.71 22.08 12.41
CA ALA A 669 -8.46 20.83 12.68
C ALA A 669 -9.01 20.69 14.09
N SER A 670 -8.22 21.16 15.05
CA SER A 670 -8.42 20.86 16.46
C SER A 670 -7.67 21.88 17.28
N PRO A 671 -8.16 22.16 18.49
CA PRO A 671 -7.37 22.94 19.42
C PRO A 671 -6.24 22.08 20.00
N ALA A 672 -5.07 22.69 20.21
CA ALA A 672 -3.81 21.98 20.49
C ALA A 672 -3.93 20.92 21.57
N ASP A 673 -4.75 21.18 22.58
CA ASP A 673 -4.76 20.28 23.70
C ASP A 673 -5.70 19.08 23.52
N MET A 674 -6.39 18.96 22.40
CA MET A 674 -7.24 17.79 22.17
C MET A 674 -6.42 16.76 21.46
N THR A 675 -6.71 15.49 21.68
CA THR A 675 -6.04 14.51 20.90
C THR A 675 -6.77 14.35 19.58
N LEU A 676 -6.02 14.12 18.54
CA LEU A 676 -6.49 14.23 17.17
C LEU A 676 -6.31 12.92 16.42
N GLU A 677 -7.42 12.35 15.97
CA GLU A 677 -7.38 11.21 15.08
C GLU A 677 -7.12 11.70 13.69
N TRP A 678 -5.90 11.50 13.21
CA TRP A 678 -5.48 12.13 12.00
C TRP A 678 -6.29 11.72 10.80
N GLN A 679 -6.66 12.70 9.98
CA GLN A 679 -7.14 12.39 8.62
C GLN A 679 -6.84 13.54 7.70
N GLU A 680 -6.50 13.18 6.47
CA GLU A 680 -6.14 14.12 5.45
C GLU A 680 -7.38 14.89 5.05
N SER A 681 -8.53 14.21 5.00
CA SER A 681 -9.72 14.85 4.47
C SER A 681 -10.09 16.06 5.35
N GLY A 682 -10.39 17.18 4.70
CA GLY A 682 -10.50 18.47 5.38
C GLY A 682 -9.48 19.50 4.88
N VAL A 683 -8.36 19.06 4.30
CA VAL A 683 -7.26 19.96 3.87
C VAL A 683 -7.73 20.91 2.81
N GLU A 684 -8.65 20.44 1.98
CA GLU A 684 -9.18 21.24 0.90
C GLU A 684 -9.70 22.55 1.50
N GLY A 685 -10.11 22.55 2.76
CA GLY A 685 -10.62 23.74 3.43
C GLY A 685 -9.54 24.80 3.56
N ALA A 686 -8.40 24.40 4.12
CA ALA A 686 -7.27 25.29 4.28
C ALA A 686 -6.84 25.78 2.90
N ASN A 687 -6.75 24.87 1.94
CA ASN A 687 -6.15 25.20 0.67
C ASN A 687 -7.03 26.24 -0.06
N ARG A 688 -8.36 26.03 -0.01
CA ARG A 688 -9.28 26.88 -0.75
C ARG A 688 -9.36 28.23 -0.11
N PHE A 689 -9.29 28.26 1.21
CA PHE A 689 -9.30 29.50 1.92
C PHE A 689 -8.10 30.36 1.57
N LEU A 690 -6.92 29.77 1.55
CA LEU A 690 -5.73 30.47 1.10
C LEU A 690 -5.88 30.96 -0.29
N LYS A 691 -6.51 30.21 -1.18
CA LYS A 691 -6.78 30.76 -2.52
C LYS A 691 -7.74 31.99 -2.51
N ARG A 692 -8.69 32.03 -1.58
CA ARG A 692 -9.59 33.18 -1.48
C ARG A 692 -8.86 34.46 -0.96
N VAL A 693 -7.93 34.29 -0.04
CA VAL A 693 -7.15 35.41 0.49
C VAL A 693 -6.30 35.95 -0.61
N TRP A 694 -5.68 35.05 -1.32
CA TRP A 694 -4.88 35.43 -2.47
C TRP A 694 -5.69 36.18 -3.48
N LYS A 695 -6.88 35.69 -3.83
CA LYS A 695 -7.74 36.36 -4.81
C LYS A 695 -8.12 37.78 -4.42
N LEU A 696 -8.49 37.96 -3.16
CA LEU A 696 -8.93 39.22 -2.66
C LEU A 696 -7.80 40.25 -2.69
N VAL A 697 -6.61 39.83 -2.27
CA VAL A 697 -5.44 40.70 -2.31
C VAL A 697 -5.11 41.08 -3.74
N TYR A 698 -5.15 40.08 -4.60
CA TYR A 698 -4.89 40.30 -5.99
C TYR A 698 -5.84 41.35 -6.59
N GLU A 699 -7.13 41.16 -6.35
CA GLU A 699 -8.14 42.07 -6.91
C GLU A 699 -8.03 43.45 -6.33
N HIS A 700 -7.82 43.53 -5.03
CA HIS A 700 -7.66 44.82 -4.40
C HIS A 700 -6.49 45.57 -4.98
N THR A 701 -5.32 44.95 -5.01
CA THR A 701 -4.08 45.60 -5.41
C THR A 701 -3.94 45.74 -6.91
N ALA A 702 -4.66 44.96 -7.70
CA ALA A 702 -4.74 45.29 -9.15
C ALA A 702 -5.27 46.70 -9.29
N LYS A 703 -6.08 47.17 -8.34
CA LYS A 703 -6.65 48.51 -8.48
C LYS A 703 -5.73 49.69 -8.08
N GLY A 704 -4.56 49.44 -7.50
CA GLY A 704 -3.61 50.49 -7.20
C GLY A 704 -3.64 51.02 -5.79
N ASP A 705 -2.86 52.07 -5.57
CA ASP A 705 -2.75 52.72 -4.29
C ASP A 705 -4.07 53.29 -3.78
N VAL A 706 -4.17 53.32 -2.46
CA VAL A 706 -5.37 53.75 -1.78
C VAL A 706 -5.15 55.13 -1.15
N ALA A 707 -6.24 55.86 -0.96
CA ALA A 707 -6.21 57.11 -0.23
C ALA A 707 -6.06 56.80 1.23
N ALA A 708 -5.62 57.78 2.01
CA ALA A 708 -5.57 57.64 3.45
C ALA A 708 -7.02 57.47 3.85
N LEU A 709 -7.27 56.66 4.86
CA LEU A 709 -8.64 56.43 5.33
C LEU A 709 -9.15 57.60 6.17
N ASN A 710 -10.35 58.05 5.89
CA ASN A 710 -10.93 59.10 6.70
C ASN A 710 -11.92 58.46 7.65
N VAL A 711 -11.54 58.34 8.90
CA VAL A 711 -12.36 57.64 9.87
C VAL A 711 -13.60 58.45 10.17
N ASP A 712 -13.43 59.73 10.48
CA ASP A 712 -14.56 60.54 10.92
C ASP A 712 -15.69 60.58 9.88
N ALA A 713 -15.41 60.32 8.61
CA ALA A 713 -16.42 60.43 7.56
C ALA A 713 -16.87 59.10 6.96
N LEU A 714 -16.90 58.04 7.77
CA LEU A 714 -17.32 56.72 7.26
C LEU A 714 -18.85 56.58 7.26
N THR A 715 -19.38 55.76 6.35
CA THR A 715 -20.75 55.32 6.40
C THR A 715 -21.00 54.51 7.67
N GLU A 716 -22.26 54.16 7.90
CA GLU A 716 -22.64 53.17 8.87
C GLU A 716 -22.22 51.77 8.44
N ASN A 717 -22.32 51.50 7.14
CA ASN A 717 -21.97 50.18 6.60
C ASN A 717 -20.44 50.00 6.69
N GLN A 718 -19.73 51.11 6.48
CA GLN A 718 -18.27 51.13 6.56
C GLN A 718 -17.81 51.07 8.03
N LYS A 719 -18.48 51.81 8.92
CA LYS A 719 -18.22 51.71 10.36
C LYS A 719 -18.37 50.24 10.84
N ALA A 720 -19.40 49.57 10.36
CA ALA A 720 -19.77 48.23 10.80
C ALA A 720 -18.66 47.28 10.43
N LEU A 721 -18.26 47.34 9.19
CA LEU A 721 -17.15 46.55 8.68
C LEU A 721 -15.84 46.85 9.44
N ARG A 722 -15.57 48.12 9.74
CA ARG A 722 -14.36 48.46 10.46
C ARG A 722 -14.42 47.91 11.89
N ARG A 723 -15.58 47.98 12.50
CA ARG A 723 -15.80 47.34 13.81
C ARG A 723 -15.38 45.87 13.77
N ASP A 724 -15.82 45.14 12.74
CA ASP A 724 -15.60 43.69 12.71
C ASP A 724 -14.12 43.34 12.48
N VAL A 725 -13.41 44.13 11.67
CA VAL A 725 -11.97 43.98 11.52
C VAL A 725 -11.30 44.10 12.85
N HIS A 726 -11.59 45.17 13.57
CA HIS A 726 -11.02 45.35 14.91
C HIS A 726 -11.50 44.32 15.92
N LYS A 727 -12.74 43.87 15.80
CA LYS A 727 -13.23 42.86 16.73
C LYS A 727 -12.53 41.53 16.44
N THR A 728 -12.30 41.26 15.15
CA THR A 728 -11.51 40.10 14.76
C THR A 728 -10.04 40.17 15.25
N ILE A 729 -9.40 41.35 15.18
CA ILE A 729 -8.02 41.51 15.73
C ILE A 729 -8.00 41.18 17.23
N ALA A 730 -8.94 41.71 17.99
CA ALA A 730 -8.97 41.52 19.45
C ALA A 730 -9.17 40.05 19.76
N LYS A 731 -10.14 39.43 19.09
CA LYS A 731 -10.43 38.03 19.36
C LYS A 731 -9.28 37.16 18.92
N VAL A 732 -8.72 37.41 17.75
CA VAL A 732 -7.63 36.57 17.30
C VAL A 732 -6.47 36.70 18.27
N THR A 733 -6.24 37.91 18.76
CA THR A 733 -5.15 38.14 19.67
C THR A 733 -5.33 37.37 20.96
N ASP A 734 -6.51 37.44 21.53
CA ASP A 734 -6.86 36.68 22.68
C ASP A 734 -6.75 35.17 22.42
N ASP A 735 -7.20 34.69 21.26
CA ASP A 735 -7.27 33.25 21.02
C ASP A 735 -5.90 32.67 20.95
N ILE A 736 -4.98 33.39 20.34
CA ILE A 736 -3.60 32.94 20.17
C ILE A 736 -2.82 33.13 21.44
N GLY A 737 -2.88 34.35 21.98
CA GLY A 737 -2.02 34.75 23.09
C GLY A 737 -2.42 34.38 24.50
N ARG A 738 -3.70 34.21 24.77
CA ARG A 738 -4.16 33.80 26.07
C ARG A 738 -4.75 32.39 26.09
N ARG A 739 -5.51 32.00 25.08
CA ARG A 739 -6.23 30.74 25.18
C ARG A 739 -5.50 29.60 24.46
N GLN A 740 -4.60 29.96 23.54
CA GLN A 740 -4.01 29.01 22.62
C GLN A 740 -5.03 28.12 21.89
N THR A 741 -6.21 28.66 21.61
CA THR A 741 -7.13 28.02 20.69
C THR A 741 -6.94 28.61 19.29
N PHE A 742 -5.94 28.09 18.59
CA PHE A 742 -5.63 28.52 17.23
C PHE A 742 -6.73 28.25 16.24
N ASN A 743 -7.47 27.18 16.43
CA ASN A 743 -8.50 26.83 15.47
C ASN A 743 -9.58 27.91 15.45
N THR A 744 -9.93 28.46 16.61
CA THR A 744 -11.00 29.45 16.63
C THR A 744 -10.52 30.80 16.11
N ALA A 745 -9.24 31.09 16.27
CA ALA A 745 -8.61 32.27 15.73
C ALA A 745 -8.70 32.26 14.22
N ILE A 746 -8.36 31.11 13.64
CA ILE A 746 -8.44 30.90 12.21
C ILE A 746 -9.90 31.03 11.76
N ALA A 747 -10.82 30.48 12.52
CA ALA A 747 -12.25 30.62 12.15
C ALA A 747 -12.65 32.09 12.13
N ALA A 748 -12.11 32.88 13.06
CA ALA A 748 -12.47 34.29 13.13
C ALA A 748 -11.95 34.98 11.86
N ILE A 749 -10.76 34.62 11.43
CA ILE A 749 -10.18 35.19 10.23
C ILE A 749 -11.00 34.83 9.00
N MET A 750 -11.48 33.60 8.95
CA MET A 750 -12.34 33.18 7.85
C MET A 750 -13.67 33.95 7.78
N GLU A 751 -14.29 34.14 8.93
CA GLU A 751 -15.52 34.93 9.04
C GLU A 751 -15.28 36.34 8.53
N LEU A 752 -14.26 37.00 9.02
CA LEU A 752 -13.87 38.30 8.52
C LEU A 752 -13.60 38.26 7.02
N MET A 753 -12.83 37.29 6.57
CA MET A 753 -12.58 37.19 5.12
C MET A 753 -13.86 37.06 4.36
N ASN A 754 -14.82 36.33 4.90
CA ASN A 754 -16.11 36.14 4.19
C ASN A 754 -16.83 37.47 4.03
N LYS A 755 -16.90 38.30 5.07
CA LYS A 755 -17.46 39.67 4.97
C LYS A 755 -16.68 40.55 3.98
N LEU A 756 -15.36 40.44 4.00
CA LEU A 756 -14.56 41.31 3.17
C LEU A 756 -14.71 41.04 1.68
N ALA A 757 -14.91 39.77 1.31
CA ALA A 757 -15.26 39.39 -0.08
C ALA A 757 -16.56 39.98 -0.60
N LYS A 758 -17.50 40.32 0.27
CA LYS A 758 -18.76 40.93 -0.13
C LYS A 758 -18.78 42.45 0.08
N ALA A 759 -17.64 43.01 0.47
CA ALA A 759 -17.54 44.44 0.70
C ALA A 759 -17.39 45.14 -0.64
N PRO A 760 -18.10 46.27 -0.83
CA PRO A 760 -17.94 46.99 -2.08
C PRO A 760 -16.54 47.59 -2.14
N THR A 761 -16.00 47.81 -3.34
CA THR A 761 -14.66 48.39 -3.42
C THR A 761 -14.52 49.37 -4.56
N ASP A 762 -15.53 50.20 -4.76
CA ASP A 762 -15.52 51.17 -5.88
C ASP A 762 -14.84 52.45 -5.41
N GLY A 763 -15.43 53.06 -4.39
CA GLY A 763 -14.95 54.31 -3.83
C GLY A 763 -13.62 54.26 -3.10
N GLU A 764 -13.07 55.42 -2.83
CA GLU A 764 -11.80 55.56 -2.17
C GLU A 764 -11.82 55.13 -0.72
N GLN A 765 -12.88 55.49 -0.01
CA GLN A 765 -13.04 55.06 1.38
C GLN A 765 -13.20 53.56 1.45
N ASP A 766 -14.05 52.97 0.61
CA ASP A 766 -14.20 51.50 0.62
C ASP A 766 -12.86 50.78 0.39
N ARG A 767 -12.03 51.33 -0.48
CA ARG A 767 -10.73 50.76 -0.77
C ARG A 767 -9.73 51.07 0.33
N ALA A 768 -9.78 52.25 0.92
CA ALA A 768 -8.93 52.57 2.07
C ALA A 768 -9.24 51.60 3.21
N LEU A 769 -10.50 51.30 3.38
CA LEU A 769 -10.92 50.41 4.42
C LEU A 769 -10.46 48.97 4.13
N MET A 770 -10.55 48.56 2.86
CA MET A 770 -10.12 47.24 2.50
C MET A 770 -8.61 47.10 2.67
N GLN A 771 -7.85 48.16 2.40
CA GLN A 771 -6.39 48.15 2.65
C GLN A 771 -6.08 47.85 4.11
N GLU A 772 -6.71 48.60 5.00
CA GLU A 772 -6.52 48.40 6.42
C GLU A 772 -6.89 46.96 6.80
N ALA A 773 -8.01 46.45 6.30
CA ALA A 773 -8.47 45.13 6.70
C ALA A 773 -7.48 44.06 6.26
N LEU A 774 -7.02 44.17 5.03
CA LEU A 774 -6.21 43.15 4.44
C LEU A 774 -4.84 43.15 5.10
N LEU A 775 -4.31 44.34 5.39
CA LEU A 775 -3.05 44.46 6.13
C LEU A 775 -3.19 43.78 7.48
N ALA A 776 -4.39 43.86 8.04
CA ALA A 776 -4.68 43.19 9.31
C ALA A 776 -4.77 41.66 9.11
N VAL A 777 -5.50 41.21 8.10
CA VAL A 777 -5.69 39.78 7.92
C VAL A 777 -4.34 39.16 7.61
N VAL A 778 -3.54 39.80 6.80
CA VAL A 778 -2.31 39.14 6.39
C VAL A 778 -1.32 39.04 7.52
N ARG A 779 -1.39 39.97 8.49
CA ARG A 779 -0.53 39.84 9.65
C ARG A 779 -1.05 38.79 10.62
N MET A 780 -2.36 38.75 10.82
CA MET A 780 -2.93 37.80 11.75
C MET A 780 -2.77 36.37 11.26
N LEU A 781 -2.62 36.20 9.96
CA LEU A 781 -2.42 34.88 9.37
C LEU A 781 -0.95 34.48 9.34
N ASN A 782 -0.04 35.46 9.44
CA ASN A 782 1.38 35.22 9.22
C ASN A 782 2.00 34.10 10.05
N PRO A 783 1.67 34.02 11.34
CA PRO A 783 2.15 32.85 12.13
C PRO A 783 1.77 31.50 11.53
N PHE A 784 0.57 31.37 11.00
CA PHE A 784 0.10 30.11 10.50
C PHE A 784 0.65 29.82 9.11
N THR A 785 0.64 30.80 8.23
CA THR A 785 0.89 30.60 6.81
C THR A 785 1.79 31.69 6.34
N PRO A 786 3.04 31.65 6.80
CA PRO A 786 3.92 32.79 6.65
C PRO A 786 4.49 32.95 5.25
N HIS A 787 4.44 31.93 4.43
CA HIS A 787 5.05 32.12 3.10
C HIS A 787 4.14 32.94 2.26
N ILE A 788 2.85 32.64 2.28
CA ILE A 788 1.88 33.40 1.51
C ILE A 788 1.75 34.80 2.11
N CYS A 789 1.80 34.91 3.42
CA CYS A 789 1.72 36.21 4.06
C CYS A 789 2.89 37.09 3.78
N PHE A 790 4.09 36.55 3.83
CA PHE A 790 5.27 37.28 3.46
C PHE A 790 5.05 37.87 2.05
N THR A 791 4.53 37.08 1.12
CA THR A 791 4.34 37.54 -0.24
C THR A 791 3.24 38.59 -0.35
N LEU A 792 2.10 38.32 0.26
CA LEU A 792 0.97 39.22 0.19
C LEU A 792 1.33 40.56 0.82
N TRP A 793 2.06 40.52 1.91
CA TRP A 793 2.45 41.72 2.59
C TRP A 793 3.17 42.63 1.64
N GLN A 794 4.02 42.04 0.81
CA GLN A 794 4.70 42.83 -0.25
C GLN A 794 3.70 43.40 -1.25
N GLU A 795 2.70 42.63 -1.63
CA GLU A 795 1.77 43.11 -2.66
C GLU A 795 0.98 44.28 -2.13
N LEU A 796 0.69 44.25 -0.83
CA LEU A 796 -0.06 45.31 -0.18
C LEU A 796 0.80 46.54 0.08
N LYS A 797 2.06 46.49 -0.31
CA LYS A 797 3.05 47.48 0.04
C LYS A 797 3.19 47.71 1.55
N GLY A 798 3.04 46.66 2.35
CA GLY A 798 3.37 46.74 3.78
C GLY A 798 4.80 47.22 3.99
N GLU A 799 5.11 47.78 5.16
CA GLU A 799 6.47 48.26 5.45
C GLU A 799 7.34 47.09 5.88
N GLY A 800 8.46 46.94 5.20
CA GLY A 800 9.46 45.97 5.56
C GLY A 800 8.96 44.56 5.33
N ASP A 801 9.71 43.59 5.86
CA ASP A 801 9.38 42.21 5.80
C ASP A 801 8.38 41.93 6.91
N ILE A 802 7.38 41.14 6.61
CA ILE A 802 6.29 40.83 7.53
C ILE A 802 6.80 40.21 8.85
N ASP A 803 7.89 39.46 8.81
CA ASP A 803 8.47 38.84 10.02
C ASP A 803 8.68 39.87 11.16
N ASN A 804 8.99 41.09 10.75
CA ASN A 804 9.18 42.23 11.67
C ASN A 804 8.06 43.27 11.77
N ALA A 805 6.90 43.03 11.12
CA ALA A 805 5.77 43.95 11.17
C ALA A 805 5.13 43.87 12.55
N PRO A 806 4.62 45.02 13.06
CA PRO A 806 3.95 44.93 14.33
C PRO A 806 2.67 44.11 14.21
N TRP A 807 2.31 43.43 15.30
CA TRP A 807 1.08 42.68 15.38
C TRP A 807 0.00 43.72 15.44
N PRO A 808 -1.10 43.56 14.65
CA PRO A 808 -2.14 44.60 14.66
C PRO A 808 -2.76 44.76 16.00
N VAL A 809 -3.06 46.00 16.38
CA VAL A 809 -3.74 46.30 17.63
C VAL A 809 -5.12 46.83 17.30
N ALA A 810 -6.11 46.38 18.06
CA ALA A 810 -7.48 46.81 17.90
C ALA A 810 -7.60 48.13 18.62
N ASP A 811 -8.45 48.97 18.06
CA ASP A 811 -8.72 50.29 18.55
C ASP A 811 -10.11 50.26 19.19
N GLU A 812 -10.20 50.65 20.45
CA GLU A 812 -11.45 50.59 21.19
C GLU A 812 -12.53 51.50 20.62
N LYS A 813 -12.11 52.62 20.03
CA LYS A 813 -13.06 53.60 19.51
C LYS A 813 -13.75 53.07 18.27
N ALA A 814 -13.12 52.13 17.59
CA ALA A 814 -13.68 51.56 16.36
C ALA A 814 -14.71 50.49 16.66
N MET A 815 -14.78 50.00 17.89
CA MET A 815 -15.67 48.86 18.17
C MET A 815 -16.79 49.08 19.17
N VAL A 816 -17.19 50.34 19.36
CA VAL A 816 -18.30 50.68 20.22
C VAL A 816 -19.63 50.22 19.63
N GLU A 817 -20.52 49.75 20.48
CA GLU A 817 -21.86 49.40 20.02
C GLU A 817 -22.94 49.98 20.91
N ASP A 818 -23.97 50.56 20.29
CA ASP A 818 -25.07 51.12 21.06
C ASP A 818 -26.18 50.09 21.22
N SER A 819 -26.10 49.03 20.42
CA SER A 819 -27.10 47.99 20.50
C SER A 819 -26.48 46.63 20.79
N THR A 820 -27.32 45.74 21.28
CA THR A 820 -26.93 44.43 21.70
C THR A 820 -28.10 43.45 21.45
N LEU A 821 -27.79 42.24 21.00
CA LEU A 821 -28.77 41.17 20.81
C LEU A 821 -29.15 40.51 22.14
N VAL A 822 -30.46 40.42 22.42
CA VAL A 822 -30.99 39.68 23.55
C VAL A 822 -31.82 38.53 23.03
N VAL A 823 -31.51 37.31 23.47
CA VAL A 823 -32.30 36.15 23.12
C VAL A 823 -33.47 36.10 24.11
N VAL A 824 -34.69 35.91 23.62
CA VAL A 824 -35.82 35.78 24.54
C VAL A 824 -36.28 34.36 24.58
N GLN A 825 -36.22 33.77 25.76
CA GLN A 825 -36.69 32.43 26.01
C GLN A 825 -37.97 32.48 26.81
N VAL A 826 -38.88 31.57 26.54
CA VAL A 826 -39.96 31.29 27.45
C VAL A 826 -39.74 29.85 27.93
N ASN A 827 -39.73 29.67 29.25
CA ASN A 827 -39.47 28.37 29.85
C ASN A 827 -38.26 27.68 29.25
N GLY A 828 -37.21 28.46 29.04
CA GLY A 828 -35.94 27.92 28.58
C GLY A 828 -35.84 27.70 27.08
N LYS A 829 -36.85 28.11 26.33
CA LYS A 829 -36.88 27.82 24.91
C LYS A 829 -36.98 29.10 24.14
N VAL A 830 -36.04 29.28 23.23
CA VAL A 830 -35.90 30.50 22.47
C VAL A 830 -37.10 30.70 21.61
N ARG A 831 -37.73 31.85 21.76
CA ARG A 831 -38.89 32.23 20.97
C ARG A 831 -38.65 33.49 20.14
N ALA A 832 -37.69 34.30 20.57
CA ALA A 832 -37.40 35.54 19.88
C ALA A 832 -35.98 35.98 20.14
N LYS A 833 -35.49 36.83 19.24
CA LYS A 833 -34.21 37.51 19.35
C LYS A 833 -34.46 38.95 18.97
N ILE A 834 -34.01 39.87 19.78
CA ILE A 834 -34.33 41.24 19.61
C ILE A 834 -33.08 42.07 19.88
N THR A 835 -33.03 43.24 19.28
CA THR A 835 -31.92 44.17 19.44
C THR A 835 -32.36 45.26 20.39
N VAL A 836 -31.48 45.66 21.27
CA VAL A 836 -31.88 46.39 22.44
C VAL A 836 -30.81 47.43 22.78
N PRO A 837 -31.23 48.68 22.99
CA PRO A 837 -30.18 49.63 23.30
C PRO A 837 -29.47 49.19 24.58
N VAL A 838 -28.16 49.32 24.58
CA VAL A 838 -27.28 48.93 25.66
C VAL A 838 -27.65 49.58 27.01
N ASP A 839 -28.24 50.75 26.98
CA ASP A 839 -28.75 51.36 28.23
C ASP A 839 -30.14 50.83 28.70
N ALA A 840 -30.72 49.89 27.98
CA ALA A 840 -32.10 49.44 28.25
C ALA A 840 -32.29 48.81 29.64
N THR A 841 -33.39 49.11 30.30
CA THR A 841 -33.71 48.42 31.55
C THR A 841 -34.31 47.05 31.23
N GLU A 842 -34.36 46.21 32.25
CA GLU A 842 -35.02 44.92 32.16
C GLU A 842 -36.48 45.10 31.76
N GLU A 843 -37.11 46.04 32.44
CA GLU A 843 -38.49 46.42 32.22
C GLU A 843 -38.72 46.75 30.73
N GLN A 844 -37.77 47.46 30.11
CA GLN A 844 -37.92 47.82 28.71
C GLN A 844 -37.70 46.62 27.82
N VAL A 845 -36.83 45.71 28.25
CA VAL A 845 -36.58 44.50 27.49
C VAL A 845 -37.81 43.59 27.54
N ARG A 846 -38.38 43.41 28.71
CA ARG A 846 -39.70 42.75 28.84
C ARG A 846 -40.73 43.29 27.82
N GLU A 847 -40.94 44.60 27.82
CA GLU A 847 -41.95 45.21 26.96
C GLU A 847 -41.63 44.92 25.52
N ARG A 848 -40.37 45.05 25.15
CA ARG A 848 -39.98 44.82 23.78
C ARG A 848 -40.24 43.35 23.42
N ALA A 849 -39.85 42.46 24.33
CA ALA A 849 -40.13 41.04 24.27
C ALA A 849 -41.63 40.70 24.09
N GLY A 850 -42.48 41.39 24.82
CA GLY A 850 -43.93 41.22 24.68
C GLY A 850 -44.45 41.54 23.29
N GLN A 851 -43.74 42.40 22.55
CA GLN A 851 -44.16 42.80 21.21
C GLN A 851 -44.01 41.68 20.14
N GLU A 852 -43.25 40.66 20.45
CA GLU A 852 -43.02 39.57 19.50
C GLU A 852 -44.16 38.59 19.58
N HIS A 853 -44.74 38.24 18.42
CA HIS A 853 -45.86 37.28 18.38
C HIS A 853 -45.56 35.89 18.93
N LEU A 854 -44.32 35.41 18.80
CA LEU A 854 -43.97 34.08 19.28
C LEU A 854 -43.65 34.05 20.78
N VAL A 855 -43.60 35.20 21.41
CA VAL A 855 -43.46 35.29 22.86
C VAL A 855 -44.84 35.45 23.48
N ALA A 856 -45.66 36.29 22.86
CA ALA A 856 -47.02 36.49 23.28
C ALA A 856 -47.77 35.17 23.20
N LYS A 857 -47.52 34.41 22.14
CA LYS A 857 -48.17 33.12 21.96
C LYS A 857 -47.99 32.16 23.15
N TYR A 858 -46.84 32.20 23.82
CA TYR A 858 -46.54 31.31 24.96
C TYR A 858 -46.74 32.00 26.29
N LEU A 859 -47.21 33.24 26.24
CA LEU A 859 -47.57 33.98 27.46
C LEU A 859 -49.07 34.10 27.62
N ASP A 860 -49.83 33.82 26.57
CA ASP A 860 -51.28 34.02 26.64
C ASP A 860 -51.82 32.95 27.58
N GLY A 861 -52.57 33.37 28.60
CA GLY A 861 -53.24 32.44 29.50
C GLY A 861 -52.41 32.00 30.69
N VAL A 862 -51.15 32.45 30.75
CA VAL A 862 -50.26 32.03 31.80
C VAL A 862 -49.72 33.19 32.61
N THR A 863 -49.14 32.87 33.76
CA THR A 863 -48.53 33.85 34.65
C THR A 863 -47.01 33.74 34.53
N VAL A 864 -46.33 34.88 34.45
CA VAL A 864 -44.91 34.91 34.57
C VAL A 864 -44.61 34.74 36.04
N ARG A 865 -43.98 33.63 36.37
CA ARG A 865 -43.66 33.31 37.75
C ARG A 865 -42.30 33.87 38.14
N LYS A 866 -41.35 33.88 37.21
CA LYS A 866 -39.99 34.32 37.52
C LYS A 866 -39.35 34.88 36.26
N VAL A 867 -38.71 36.03 36.36
CA VAL A 867 -37.97 36.56 35.23
C VAL A 867 -36.48 36.47 35.49
N ILE A 868 -35.73 35.93 34.52
CA ILE A 868 -34.27 35.95 34.64
C ILE A 868 -33.76 36.78 33.52
N TYR A 869 -32.99 37.79 33.87
CA TYR A 869 -32.47 38.68 32.89
C TYR A 869 -30.95 38.70 33.02
N VAL A 870 -30.27 38.22 31.98
CA VAL A 870 -28.80 38.37 31.88
C VAL A 870 -28.49 39.58 30.99
N PRO A 871 -28.15 40.71 31.63
CA PRO A 871 -28.20 42.00 30.95
C PRO A 871 -27.49 42.01 29.61
N GLY A 872 -28.15 42.57 28.61
CA GLY A 872 -27.61 42.64 27.26
C GLY A 872 -27.47 41.32 26.52
N LYS A 873 -28.05 40.24 27.04
CA LYS A 873 -27.82 38.93 26.47
C LYS A 873 -29.00 37.97 26.46
N LEU A 874 -29.75 37.89 27.56
CA LEU A 874 -30.81 36.89 27.60
C LEU A 874 -31.93 37.23 28.56
N LEU A 875 -33.16 36.99 28.13
CA LEU A 875 -34.34 37.05 28.97
C LEU A 875 -35.10 35.70 28.95
N ASN A 876 -35.19 35.07 30.12
CA ASN A 876 -35.97 33.84 30.32
C ASN A 876 -37.15 34.17 31.23
N LEU A 877 -38.34 34.16 30.62
CA LEU A 877 -39.60 34.33 31.31
C LEU A 877 -40.05 32.94 31.72
N VAL A 878 -40.09 32.68 33.01
CA VAL A 878 -40.47 31.37 33.49
C VAL A 878 -41.90 31.50 33.86
N VAL A 879 -42.70 30.64 33.25
CA VAL A 879 -44.13 30.89 33.14
C VAL A 879 -44.89 29.62 33.42
N GLY A 880 -46.16 29.79 33.78
CA GLY A 880 -47.10 28.70 33.90
C GLY A 880 -48.33 29.18 34.68
N SER C 12 -49.79 -35.99 -1.47
CA SER C 12 -49.73 -34.50 -1.59
C SER C 12 -48.41 -33.97 -1.08
N GLY C 13 -48.01 -32.80 -1.54
CA GLY C 13 -46.76 -32.21 -1.07
C GLY C 13 -46.39 -30.93 -1.79
N LEU C 14 -45.20 -30.44 -1.49
CA LEU C 14 -44.69 -29.18 -2.05
C LEU C 14 -43.85 -29.41 -3.29
N VAL C 15 -44.13 -28.61 -4.32
CA VAL C 15 -43.34 -28.60 -5.53
C VAL C 15 -42.06 -27.81 -5.28
N PRO C 16 -40.93 -28.38 -5.65
CA PRO C 16 -39.64 -27.71 -5.44
C PRO C 16 -39.53 -26.42 -6.24
N ARG C 17 -39.87 -25.31 -5.59
CA ARG C 17 -39.85 -24.01 -6.25
C ARG C 17 -40.89 -23.95 -7.36
N HIS C 20 -43.42 -17.31 -4.34
CA HIS C 20 -43.91 -16.04 -4.87
C HIS C 20 -42.73 -15.20 -5.26
N MET C 21 -42.62 -14.91 -6.56
CA MET C 21 -41.66 -13.93 -7.09
C MET C 21 -41.98 -12.57 -6.51
N GLN C 22 -40.96 -11.80 -6.14
CA GLN C 22 -41.17 -10.44 -5.60
C GLN C 22 -41.16 -9.41 -6.72
N GLU C 23 -41.97 -8.36 -6.58
CA GLU C 23 -42.16 -7.33 -7.62
C GLU C 23 -40.87 -6.62 -8.08
N GLN C 24 -39.87 -6.58 -7.20
CA GLN C 24 -38.64 -5.86 -7.49
C GLN C 24 -37.48 -6.85 -7.68
N TYR C 25 -36.74 -6.67 -8.76
CA TYR C 25 -35.58 -7.51 -9.05
C TYR C 25 -34.49 -7.23 -8.02
N ARG C 26 -34.07 -8.25 -7.28
CA ARG C 26 -33.01 -8.08 -6.30
C ARG C 26 -31.97 -9.20 -6.40
N PRO C 27 -30.84 -8.91 -7.07
CA PRO C 27 -29.78 -9.89 -7.29
C PRO C 27 -29.17 -10.49 -6.01
N GLU C 28 -28.94 -9.70 -4.98
CA GLU C 28 -28.38 -10.24 -3.73
C GLU C 28 -29.29 -11.30 -3.07
N GLU C 29 -30.56 -11.33 -3.48
CA GLU C 29 -31.51 -12.31 -2.96
C GLU C 29 -31.79 -13.43 -3.98
N ILE C 30 -30.88 -13.66 -4.92
CA ILE C 30 -31.10 -14.68 -5.96
C ILE C 30 -29.81 -15.41 -6.33
N GLU C 31 -28.79 -14.61 -6.56
CA GLU C 31 -27.58 -15.08 -7.17
C GLU C 31 -26.90 -16.13 -6.31
N SER C 32 -26.76 -15.86 -5.02
CA SER C 32 -26.14 -16.83 -4.12
C SER C 32 -27.04 -18.05 -3.92
N LYS C 33 -28.35 -17.85 -4.03
CA LYS C 33 -29.30 -18.97 -3.93
C LYS C 33 -29.20 -19.89 -5.13
N VAL C 34 -29.17 -19.33 -6.32
CA VAL C 34 -29.08 -20.15 -7.53
C VAL C 34 -27.72 -20.80 -7.61
N GLN C 35 -26.65 -20.07 -7.29
CA GLN C 35 -25.31 -20.66 -7.31
C GLN C 35 -25.15 -21.82 -6.33
N LEU C 36 -25.74 -21.68 -5.14
CA LEU C 36 -25.70 -22.75 -4.16
C LEU C 36 -26.45 -23.95 -4.73
N HIS C 37 -27.51 -23.68 -5.48
CA HIS C 37 -28.23 -24.75 -6.16
C HIS C 37 -27.32 -25.53 -7.06
N TRP C 38 -26.52 -24.85 -7.89
CA TRP C 38 -25.62 -25.55 -8.79
C TRP C 38 -24.52 -26.27 -8.06
N ASP C 39 -24.16 -25.80 -6.87
CA ASP C 39 -23.11 -26.49 -6.14
C ASP C 39 -23.68 -27.75 -5.48
N GLU C 40 -24.82 -27.63 -4.81
CA GLU C 40 -25.41 -28.82 -4.19
C GLU C 40 -25.77 -29.88 -5.23
N LYS C 41 -26.22 -29.47 -6.40
CA LYS C 41 -26.68 -30.41 -7.42
C LYS C 41 -25.60 -30.82 -8.38
N ARG C 42 -24.40 -30.30 -8.20
CA ARG C 42 -23.27 -30.62 -9.06
C ARG C 42 -23.65 -30.46 -10.54
N THR C 43 -24.42 -29.40 -10.83
CA THR C 43 -25.07 -29.21 -12.14
C THR C 43 -24.11 -29.24 -13.32
N PHE C 44 -22.93 -28.62 -13.18
CA PHE C 44 -21.98 -28.58 -14.29
C PHE C 44 -20.84 -29.60 -14.18
N GLU C 45 -20.99 -30.59 -13.32
CA GLU C 45 -20.06 -31.72 -13.35
C GLU C 45 -20.48 -32.70 -14.42
N VAL C 46 -19.49 -33.15 -15.20
CA VAL C 46 -19.78 -33.94 -16.38
C VAL C 46 -18.83 -35.12 -16.48
N THR C 47 -19.34 -36.24 -17.00
CA THR C 47 -18.52 -37.42 -17.22
C THR C 47 -18.39 -37.71 -18.72
N GLU C 48 -17.65 -38.77 -19.04
CA GLU C 48 -17.47 -39.21 -20.41
C GLU C 48 -18.67 -40.09 -20.83
N ASP C 49 -19.79 -39.45 -21.17
CA ASP C 49 -21.01 -40.16 -21.51
C ASP C 49 -21.14 -40.45 -23.01
N GLU C 50 -21.15 -41.72 -23.37
CA GLU C 50 -21.13 -42.12 -24.80
C GLU C 50 -22.46 -41.85 -25.49
N SER C 51 -23.56 -41.95 -24.76
CA SER C 51 -24.89 -41.67 -25.31
C SER C 51 -25.11 -40.18 -25.65
N LYS C 52 -24.29 -39.29 -25.11
CA LYS C 52 -24.42 -37.84 -25.37
C LYS C 52 -23.39 -37.30 -26.36
N GLU C 53 -23.73 -36.21 -27.03
CA GLU C 53 -22.78 -35.52 -27.89
C GLU C 53 -21.99 -34.48 -27.09
N LYS C 54 -20.67 -34.62 -27.10
CA LYS C 54 -19.76 -33.84 -26.26
C LYS C 54 -19.44 -32.47 -26.83
N TYR C 55 -19.25 -31.50 -25.93
CA TYR C 55 -18.67 -30.23 -26.30
C TYR C 55 -17.68 -29.80 -25.22
N TYR C 56 -16.43 -29.62 -25.61
CA TYR C 56 -15.41 -29.13 -24.72
C TYR C 56 -15.24 -27.62 -24.97
N CYS C 57 -15.56 -26.81 -23.95
CA CYS C 57 -15.46 -25.37 -24.03
C CYS C 57 -14.39 -24.84 -23.09
N LEU C 58 -13.26 -24.44 -23.65
CA LEU C 58 -12.09 -24.04 -22.86
C LEU C 58 -11.84 -22.54 -22.87
N SER C 59 -11.70 -21.94 -21.69
CA SER C 59 -11.19 -20.59 -21.57
C SER C 59 -9.81 -20.64 -20.97
N MET C 60 -8.93 -19.77 -21.43
CA MET C 60 -7.56 -19.71 -20.97
C MET C 60 -7.50 -19.49 -19.45
N LEU C 61 -6.82 -20.39 -18.74
CA LEU C 61 -6.87 -20.40 -17.29
C LEU C 61 -6.12 -19.21 -16.66
N PRO C 62 -6.63 -18.71 -15.53
CA PRO C 62 -6.12 -17.50 -14.91
C PRO C 62 -4.83 -17.70 -14.16
N TYR C 63 -3.98 -16.66 -14.14
CA TYR C 63 -2.90 -16.58 -13.20
C TYR C 63 -3.51 -16.03 -11.91
N PRO C 64 -3.22 -16.64 -10.76
CA PRO C 64 -3.81 -16.18 -9.53
C PRO C 64 -3.03 -15.02 -8.99
N SER C 65 -3.36 -13.83 -9.50
CA SER C 65 -2.64 -12.60 -9.18
C SER C 65 -3.26 -11.90 -7.97
N GLY C 66 -4.44 -12.36 -7.55
CA GLY C 66 -5.11 -11.85 -6.37
C GLY C 66 -6.56 -11.50 -6.61
N ARG C 67 -6.87 -10.96 -7.78
CA ARG C 67 -8.25 -10.64 -8.09
C ARG C 67 -8.54 -10.59 -9.58
N LEU C 68 -9.78 -10.91 -9.92
CA LEU C 68 -10.20 -10.84 -11.29
C LEU C 68 -10.20 -9.40 -11.73
N HIS C 69 -9.84 -9.17 -12.99
CA HIS C 69 -10.09 -7.92 -13.67
C HIS C 69 -11.09 -8.09 -14.81
N MET C 70 -11.44 -7.00 -15.48
CA MET C 70 -12.53 -7.03 -16.45
C MET C 70 -12.13 -7.77 -17.73
N GLY C 71 -10.85 -8.06 -17.88
CA GLY C 71 -10.36 -8.98 -18.91
C GLY C 71 -10.78 -10.40 -18.62
N HIS C 72 -10.58 -10.83 -17.37
CA HIS C 72 -11.04 -12.17 -16.97
C HIS C 72 -12.51 -12.28 -17.18
N VAL C 73 -13.23 -11.30 -16.64
CA VAL C 73 -14.69 -11.32 -16.71
C VAL C 73 -15.17 -11.44 -18.14
N ARG C 74 -14.54 -10.74 -19.06
CA ARG C 74 -14.95 -10.83 -20.45
C ARG C 74 -14.62 -12.20 -21.00
N ASN C 75 -13.38 -12.65 -20.80
CA ASN C 75 -12.97 -13.99 -21.24
C ASN C 75 -13.93 -15.09 -20.76
N TYR C 76 -14.15 -15.13 -19.46
CA TYR C 76 -14.87 -16.22 -18.87
C TYR C 76 -16.37 -16.07 -19.06
N THR C 77 -16.86 -14.85 -19.20
CA THR C 77 -18.28 -14.68 -19.58
C THR C 77 -18.53 -15.14 -21.02
N ILE C 78 -17.60 -14.88 -21.92
CA ILE C 78 -17.76 -15.39 -23.26
C ILE C 78 -17.80 -16.90 -23.22
N GLY C 79 -16.92 -17.50 -22.42
CA GLY C 79 -16.77 -18.95 -22.43
C GLY C 79 -17.96 -19.62 -21.77
N ASP C 80 -18.58 -18.92 -20.83
CA ASP C 80 -19.73 -19.45 -20.12
C ASP C 80 -20.97 -19.34 -21.03
N VAL C 81 -21.16 -18.20 -21.67
CA VAL C 81 -22.27 -18.05 -22.62
C VAL C 81 -22.29 -19.21 -23.59
N ILE C 82 -21.11 -19.54 -24.10
CA ILE C 82 -20.99 -20.60 -25.07
C ILE C 82 -21.33 -21.92 -24.38
N ALA C 83 -20.77 -22.17 -23.19
CA ALA C 83 -20.97 -23.44 -22.46
C ALA C 83 -22.44 -23.77 -22.20
N ARG C 84 -23.18 -22.76 -21.72
CA ARG C 84 -24.58 -22.93 -21.34
C ARG C 84 -25.48 -23.07 -22.55
N TYR C 85 -25.24 -22.26 -23.58
CA TYR C 85 -25.85 -22.42 -24.90
C TYR C 85 -25.67 -23.85 -25.43
N GLN C 86 -24.43 -24.34 -25.47
CA GLN C 86 -24.19 -25.68 -26.03
C GLN C 86 -24.85 -26.76 -25.20
N ARG C 87 -25.02 -26.49 -23.91
CA ARG C 87 -25.70 -27.43 -23.05
C ARG C 87 -27.18 -27.46 -23.38
N MET C 88 -27.77 -26.30 -23.64
CA MET C 88 -29.18 -26.22 -24.02
C MET C 88 -29.47 -26.80 -25.41
N LEU C 89 -28.42 -26.96 -26.22
CA LEU C 89 -28.54 -27.71 -27.46
C LEU C 89 -28.48 -29.22 -27.21
N GLY C 90 -28.35 -29.66 -25.96
CA GLY C 90 -28.37 -31.08 -25.62
C GLY C 90 -27.03 -31.77 -25.56
N LYS C 91 -25.97 -31.01 -25.80
CA LYS C 91 -24.63 -31.56 -25.78
C LYS C 91 -24.12 -31.74 -24.33
N ASN C 92 -23.18 -32.67 -24.14
CA ASN C 92 -22.51 -32.94 -22.87
C ASN C 92 -21.28 -32.05 -22.72
N VAL C 93 -21.45 -30.94 -22.02
CA VAL C 93 -20.48 -29.85 -22.07
C VAL C 93 -19.49 -29.85 -20.90
N LEU C 94 -18.21 -29.91 -21.25
CA LEU C 94 -17.13 -29.75 -20.29
C LEU C 94 -16.62 -28.33 -20.39
N GLN C 95 -16.78 -27.55 -19.32
CA GLN C 95 -16.17 -26.24 -19.20
C GLN C 95 -15.35 -26.18 -17.88
N PRO C 96 -14.03 -26.34 -17.98
CA PRO C 96 -13.18 -26.50 -16.83
C PRO C 96 -12.46 -25.22 -16.45
N ILE C 97 -11.85 -25.23 -15.27
CA ILE C 97 -11.21 -24.05 -14.70
C ILE C 97 -10.08 -24.48 -13.77
N GLY C 98 -9.10 -23.60 -13.55
CA GLY C 98 -7.89 -23.95 -12.85
C GLY C 98 -6.87 -22.83 -12.88
N TRP C 99 -5.70 -23.08 -12.32
CA TRP C 99 -4.76 -22.01 -12.01
C TRP C 99 -3.41 -22.28 -12.56
N ASP C 100 -2.90 -21.26 -13.24
CA ASP C 100 -1.57 -21.26 -13.81
C ASP C 100 -0.73 -20.55 -12.74
N ALA C 101 -0.22 -21.33 -11.79
CA ALA C 101 0.14 -20.80 -10.47
C ALA C 101 1.60 -20.44 -10.27
N PHE C 102 2.47 -20.92 -11.15
CA PHE C 102 3.89 -20.59 -11.04
C PHE C 102 4.16 -19.26 -11.71
N GLY C 103 5.36 -18.72 -11.48
CA GLY C 103 5.84 -17.55 -12.22
C GLY C 103 6.24 -16.34 -11.40
N LEU C 104 6.62 -15.30 -12.13
CA LEU C 104 7.33 -14.14 -11.63
C LEU C 104 6.56 -13.29 -10.61
N PRO C 105 5.25 -13.05 -10.86
CA PRO C 105 4.54 -12.10 -10.02
C PRO C 105 4.61 -12.46 -8.54
N ALA C 106 4.52 -13.77 -8.26
CA ALA C 106 4.51 -14.27 -6.89
C ALA C 106 5.88 -14.11 -6.24
N GLU C 107 6.94 -14.24 -7.04
CA GLU C 107 8.29 -13.88 -6.57
C GLU C 107 8.37 -12.40 -6.13
N GLY C 108 7.91 -11.50 -7.00
CA GLY C 108 7.95 -10.06 -6.70
C GLY C 108 7.09 -9.67 -5.52
N ALA C 109 5.93 -10.29 -5.41
CA ALA C 109 5.05 -10.10 -4.27
C ALA C 109 5.72 -10.63 -3.00
N ALA C 110 6.45 -11.74 -3.10
CA ALA C 110 7.10 -12.34 -1.94
C ALA C 110 8.27 -11.51 -1.46
N VAL C 111 9.04 -10.92 -2.39
CA VAL C 111 10.20 -10.13 -2.00
C VAL C 111 9.78 -8.79 -1.40
N LYS C 112 8.96 -8.04 -2.16
CA LYS C 112 8.46 -6.71 -1.78
C LYS C 112 7.80 -6.79 -0.41
N ASN C 113 6.94 -7.80 -0.26
CA ASN C 113 6.30 -8.08 1.01
C ASN C 113 7.02 -9.25 1.68
N ASN C 114 6.76 -9.44 2.96
CA ASN C 114 7.42 -10.48 3.72
C ASN C 114 6.66 -11.82 3.58
N THR C 115 6.47 -12.30 2.35
CA THR C 115 5.73 -13.56 2.12
C THR C 115 6.55 -14.58 1.32
N ALA C 116 6.02 -15.79 1.19
CA ALA C 116 6.57 -16.82 0.35
C ALA C 116 5.59 -16.96 -0.81
N PRO C 117 6.07 -17.39 -1.99
CA PRO C 117 5.20 -17.53 -3.16
C PRO C 117 4.05 -18.53 -2.99
N ALA C 118 4.30 -19.62 -2.29
CA ALA C 118 3.30 -20.67 -2.14
C ALA C 118 2.03 -20.10 -1.50
N PRO C 119 2.08 -19.66 -0.23
CA PRO C 119 0.86 -19.21 0.45
C PRO C 119 0.22 -18.01 -0.21
N TRP C 120 1.03 -17.15 -0.82
CA TRP C 120 0.52 -16.02 -1.62
C TRP C 120 -0.37 -16.49 -2.73
N THR C 121 0.07 -17.52 -3.43
CA THR C 121 -0.64 -18.06 -4.59
C THR C 121 -1.92 -18.78 -4.19
N TYR C 122 -1.83 -19.56 -3.12
CA TYR C 122 -2.99 -20.28 -2.63
C TYR C 122 -4.08 -19.38 -2.11
N ASP C 123 -3.74 -18.31 -1.40
CA ASP C 123 -4.76 -17.38 -0.90
C ASP C 123 -5.41 -16.70 -2.09
N ASN C 124 -4.58 -16.28 -3.04
CA ASN C 124 -5.04 -15.70 -4.30
C ASN C 124 -5.96 -16.66 -5.00
N ILE C 125 -5.56 -17.92 -5.10
CA ILE C 125 -6.48 -18.91 -5.71
C ILE C 125 -7.84 -18.90 -4.99
N ALA C 126 -7.82 -19.06 -3.67
CA ALA C 126 -9.04 -19.09 -2.87
C ALA C 126 -9.96 -17.89 -3.10
N TYR C 127 -9.37 -16.71 -3.17
CA TYR C 127 -10.11 -15.48 -3.38
C TYR C 127 -10.72 -15.40 -4.80
N MET C 128 -9.90 -15.67 -5.80
CA MET C 128 -10.36 -15.60 -7.18
C MET C 128 -11.38 -16.69 -7.49
N LYS C 129 -11.25 -17.83 -6.81
CA LYS C 129 -12.25 -18.90 -6.88
C LYS C 129 -13.63 -18.38 -6.45
N ASN C 130 -13.67 -17.66 -5.34
CA ASN C 130 -14.93 -17.04 -4.92
C ASN C 130 -15.52 -16.04 -5.89
N GLN C 131 -14.68 -15.17 -6.45
CA GLN C 131 -15.12 -14.22 -7.46
C GLN C 131 -15.63 -14.92 -8.71
N LEU C 132 -15.02 -16.04 -9.08
CA LEU C 132 -15.51 -16.79 -10.22
C LEU C 132 -16.88 -17.39 -9.91
N LYS C 133 -17.04 -17.91 -8.70
CA LYS C 133 -18.32 -18.53 -8.32
C LYS C 133 -19.40 -17.47 -8.15
N MET C 134 -19.03 -16.28 -7.64
CA MET C 134 -19.97 -15.16 -7.51
C MET C 134 -20.38 -14.59 -8.86
N LEU C 135 -19.67 -14.89 -9.94
CA LEU C 135 -20.12 -14.47 -11.26
C LEU C 135 -20.93 -15.57 -11.91
N GLY C 136 -20.94 -16.73 -11.28
CA GLY C 136 -21.84 -17.79 -11.65
C GLY C 136 -21.48 -18.49 -12.95
N PHE C 137 -20.21 -18.78 -13.11
CA PHE C 137 -19.75 -19.48 -14.30
C PHE C 137 -19.93 -20.97 -14.11
N GLY C 138 -20.39 -21.67 -15.14
CA GLY C 138 -20.74 -23.08 -14.98
C GLY C 138 -19.57 -24.01 -15.16
N TYR C 139 -18.68 -24.06 -14.19
CA TYR C 139 -17.50 -24.91 -14.29
C TYR C 139 -17.72 -26.25 -13.68
N ASP C 140 -17.04 -27.23 -14.25
CA ASP C 140 -16.83 -28.48 -13.56
C ASP C 140 -15.67 -28.36 -12.53
N TRP C 141 -16.00 -27.86 -11.35
CA TRP C 141 -15.06 -27.79 -10.21
C TRP C 141 -14.47 -29.10 -9.71
N SER C 142 -15.05 -30.24 -10.05
CA SER C 142 -14.40 -31.53 -9.70
C SER C 142 -13.12 -31.73 -10.51
N ARG C 143 -12.96 -30.96 -11.58
CA ARG C 143 -11.79 -31.09 -12.41
C ARG C 143 -10.73 -29.99 -12.19
N GLU C 144 -10.93 -29.14 -11.19
CA GLU C 144 -10.00 -28.08 -10.88
C GLU C 144 -8.55 -28.53 -10.67
N LEU C 145 -7.63 -27.79 -11.26
CA LEU C 145 -6.19 -28.03 -11.16
C LEU C 145 -5.48 -26.79 -10.68
N ALA C 146 -4.39 -26.98 -9.98
CA ALA C 146 -3.47 -25.89 -9.72
C ALA C 146 -2.12 -26.43 -10.18
N THR C 147 -1.55 -25.75 -11.18
CA THR C 147 -0.36 -26.24 -11.88
C THR C 147 0.89 -26.22 -11.01
N CYS C 148 0.84 -25.47 -9.91
CA CYS C 148 1.95 -25.38 -9.01
C CYS C 148 1.94 -26.48 -7.96
N THR C 149 1.03 -27.43 -8.06
CA THR C 149 0.99 -28.58 -7.12
C THR C 149 1.64 -29.78 -7.83
N PRO C 150 2.44 -30.58 -7.10
CA PRO C 150 3.14 -31.69 -7.73
C PRO C 150 2.24 -32.80 -8.30
N GLU C 151 0.99 -32.89 -7.83
CA GLU C 151 0.02 -33.82 -8.43
C GLU C 151 -0.10 -33.51 -9.91
N TYR C 152 0.13 -32.25 -10.25
CA TYR C 152 0.11 -31.78 -11.64
C TYR C 152 1.49 -31.76 -12.29
N TYR C 153 2.44 -31.05 -11.69
CA TYR C 153 3.71 -30.83 -12.39
C TYR C 153 4.60 -32.05 -12.47
N ARG C 154 4.31 -33.09 -11.69
CA ARG C 154 5.08 -34.33 -11.79
C ARG C 154 5.05 -34.89 -13.20
N TRP C 155 3.92 -34.73 -13.88
CA TRP C 155 3.77 -35.36 -15.17
C TRP C 155 4.63 -34.71 -16.20
N GLU C 156 4.76 -33.41 -16.15
CA GLU C 156 5.63 -32.70 -17.08
C GLU C 156 7.12 -32.86 -16.79
N GLN C 157 7.47 -33.20 -15.54
CA GLN C 157 8.82 -33.60 -15.22
C GLN C 157 9.09 -34.93 -15.90
N LYS C 158 8.09 -35.83 -15.84
CA LYS C 158 8.22 -37.16 -16.41
C LYS C 158 8.28 -37.03 -17.91
N PHE C 159 7.32 -36.29 -18.45
CA PHE C 159 7.29 -36.01 -19.87
C PHE C 159 8.63 -35.51 -20.39
N PHE C 160 9.16 -34.51 -19.70
CA PHE C 160 10.44 -33.92 -20.07
C PHE C 160 11.56 -34.97 -20.13
N THR C 161 11.64 -35.83 -19.13
CA THR C 161 12.71 -36.81 -19.11
C THR C 161 12.60 -37.68 -20.36
N GLU C 162 11.38 -38.12 -20.68
CA GLU C 162 11.14 -38.94 -21.88
C GLU C 162 11.50 -38.17 -23.16
N LEU C 163 11.15 -36.89 -23.19
CA LEU C 163 11.52 -36.00 -24.29
C LEU C 163 13.04 -35.93 -24.48
N TYR C 164 13.77 -35.85 -23.37
CA TYR C 164 15.23 -35.88 -23.44
C TYR C 164 15.70 -37.19 -24.06
N LYS C 165 15.21 -38.31 -23.52
CA LYS C 165 15.58 -39.63 -24.00
C LYS C 165 15.26 -39.92 -25.46
N LYS C 166 14.35 -39.15 -26.04
CA LYS C 166 14.03 -39.30 -27.45
C LYS C 166 14.81 -38.34 -28.33
N GLY C 167 15.55 -37.40 -27.73
CA GLY C 167 16.43 -36.50 -28.47
C GLY C 167 15.86 -35.14 -28.77
N LEU C 168 14.75 -34.80 -28.12
CA LEU C 168 14.10 -33.51 -28.36
C LEU C 168 14.48 -32.46 -27.31
N VAL C 169 15.52 -32.72 -26.53
CA VAL C 169 15.99 -31.79 -25.51
C VAL C 169 17.50 -31.70 -25.60
N TYR C 170 18.04 -30.52 -25.30
CA TYR C 170 19.48 -30.29 -25.38
C TYR C 170 19.89 -29.02 -24.64
N LYS C 171 21.15 -29.00 -24.22
CA LYS C 171 21.70 -27.91 -23.43
C LYS C 171 22.48 -26.99 -24.34
N LYS C 172 22.19 -25.69 -24.30
CA LYS C 172 23.00 -24.72 -25.03
C LYS C 172 23.06 -23.40 -24.28
N THR C 173 24.00 -22.56 -24.72
CA THR C 173 24.30 -21.27 -24.10
C THR C 173 23.48 -20.16 -24.74
N SER C 174 22.75 -19.42 -23.91
CA SER C 174 21.83 -18.39 -24.41
C SER C 174 21.86 -17.11 -23.59
N ALA C 175 21.60 -15.99 -24.27
CA ALA C 175 21.67 -14.65 -23.67
C ALA C 175 20.62 -14.45 -22.59
N VAL C 176 20.99 -13.71 -21.54
CA VAL C 176 20.11 -13.45 -20.41
C VAL C 176 20.40 -12.04 -19.90
N ASN C 177 19.36 -11.30 -19.47
CA ASN C 177 19.56 -10.02 -18.80
C ASN C 177 20.12 -10.28 -17.40
N TRP C 178 21.22 -9.62 -17.05
CA TRP C 178 21.92 -9.94 -15.81
C TRP C 178 22.38 -8.72 -15.10
N CYS C 179 22.31 -8.74 -13.77
CA CYS C 179 22.94 -7.71 -12.96
C CYS C 179 24.04 -8.34 -12.08
N PRO C 180 25.31 -7.87 -12.22
CA PRO C 180 26.40 -8.35 -11.35
C PRO C 180 26.33 -7.74 -9.95
N ASN C 181 25.85 -6.49 -9.91
CA ASN C 181 25.47 -5.81 -8.67
C ASN C 181 24.60 -6.71 -7.77
N ASP C 182 23.82 -7.59 -8.40
CA ASP C 182 22.89 -8.47 -7.67
C ASP C 182 23.22 -9.98 -7.78
N GLN C 183 24.09 -10.37 -8.72
CA GLN C 183 24.33 -11.79 -9.04
C GLN C 183 23.01 -12.48 -9.42
N THR C 184 22.38 -12.05 -10.53
CA THR C 184 20.97 -12.39 -10.74
C THR C 184 20.45 -12.21 -12.19
N VAL C 185 19.63 -13.16 -12.64
CA VAL C 185 19.02 -13.10 -13.98
C VAL C 185 17.68 -12.38 -13.97
N LEU C 186 17.58 -11.32 -14.76
CA LEU C 186 16.36 -10.54 -14.85
C LEU C 186 15.60 -10.89 -16.12
N ALA C 187 14.27 -10.83 -16.03
CA ALA C 187 13.40 -10.94 -17.20
C ALA C 187 13.32 -9.56 -17.84
N ASN C 188 13.01 -9.52 -19.13
CA ASN C 188 12.92 -8.26 -19.87
C ASN C 188 12.03 -7.23 -19.17
N GLU C 189 10.95 -7.69 -18.52
CA GLU C 189 10.05 -6.83 -17.74
C GLU C 189 10.74 -6.10 -16.60
N GLN C 190 11.83 -6.66 -16.07
CA GLN C 190 12.55 -6.08 -14.93
C GLN C 190 13.74 -5.22 -15.37
N VAL C 191 13.68 -4.75 -16.61
CA VAL C 191 14.63 -3.79 -17.10
C VAL C 191 13.84 -2.54 -17.51
N ILE C 192 14.06 -1.46 -16.76
CA ILE C 192 13.33 -0.21 -16.94
C ILE C 192 14.28 0.84 -17.54
N ASP C 193 14.02 1.22 -18.80
CA ASP C 193 14.87 2.15 -19.58
C ASP C 193 16.32 1.67 -19.69
N GLY C 194 16.50 0.36 -19.87
CA GLY C 194 17.83 -0.24 -19.91
C GLY C 194 18.59 -0.14 -18.60
N CYS C 195 17.91 -0.46 -17.49
CA CYS C 195 18.54 -0.53 -16.17
C CYS C 195 17.62 -1.30 -15.22
N CYS C 196 18.19 -1.83 -14.14
CA CYS C 196 17.42 -2.69 -13.22
C CYS C 196 16.23 -1.96 -12.60
N TRP C 197 15.22 -2.71 -12.18
CA TRP C 197 14.02 -2.12 -11.55
C TRP C 197 14.22 -1.69 -10.10
N ARG C 198 15.40 -1.96 -9.52
CA ARG C 198 15.72 -1.56 -8.13
C ARG C 198 16.82 -0.50 -8.09
N CYS C 199 18.02 -0.92 -8.48
CA CYS C 199 19.22 -0.10 -8.37
C CYS C 199 19.77 0.29 -9.74
N ASP C 200 20.03 1.57 -9.91
CA ASP C 200 20.62 2.08 -11.15
C ASP C 200 22.08 1.60 -11.34
N THR C 201 22.23 0.32 -11.70
CA THR C 201 23.53 -0.27 -12.02
C THR C 201 23.46 -1.01 -13.36
N LYS C 202 24.61 -1.14 -14.02
CA LYS C 202 24.72 -1.55 -15.43
C LYS C 202 24.20 -2.97 -15.72
N VAL C 203 22.96 -3.07 -16.22
CA VAL C 203 22.36 -4.36 -16.58
C VAL C 203 22.90 -4.84 -17.92
N GLU C 204 23.42 -6.07 -17.95
CA GLU C 204 24.24 -6.56 -19.07
C GLU C 204 23.90 -7.98 -19.56
N ARG C 205 24.25 -8.27 -20.81
CA ARG C 205 24.14 -9.62 -21.38
C ARG C 205 25.05 -10.60 -20.68
N LYS C 206 24.57 -11.83 -20.54
CA LYS C 206 25.38 -12.90 -20.03
C LYS C 206 24.90 -14.21 -20.63
N GLU C 207 25.85 -15.06 -21.00
CA GLU C 207 25.57 -16.36 -21.57
C GLU C 207 25.43 -17.33 -20.41
N ILE C 208 24.49 -18.26 -20.53
CA ILE C 208 24.22 -19.26 -19.51
C ILE C 208 23.72 -20.54 -20.19
N PRO C 209 24.29 -21.71 -19.84
CA PRO C 209 23.71 -22.95 -20.39
C PRO C 209 22.28 -23.17 -19.90
N GLN C 210 21.40 -23.56 -20.81
CA GLN C 210 19.99 -23.66 -20.53
C GLN C 210 19.42 -24.83 -21.33
N TRP C 211 18.33 -25.42 -20.84
CA TRP C 211 17.67 -26.49 -21.59
C TRP C 211 16.70 -25.94 -22.58
N PHE C 212 16.67 -26.59 -23.75
CA PHE C 212 15.78 -26.23 -24.85
C PHE C 212 15.06 -27.46 -25.36
N ILE C 213 13.86 -27.27 -25.87
CA ILE C 213 13.10 -28.37 -26.46
C ILE C 213 13.09 -28.12 -27.95
N LYS C 214 13.31 -29.18 -28.73
CA LYS C 214 13.45 -29.05 -30.19
C LYS C 214 12.10 -28.79 -30.88
N ILE C 215 11.49 -27.63 -30.62
CA ILE C 215 10.22 -27.30 -31.23
C ILE C 215 10.40 -27.04 -32.75
N THR C 216 11.61 -26.64 -33.16
CA THR C 216 11.88 -26.40 -34.57
C THR C 216 11.77 -27.69 -35.36
N ALA C 217 11.98 -28.82 -34.70
CA ALA C 217 11.82 -30.11 -35.34
C ALA C 217 10.37 -30.40 -35.71
N TYR C 218 9.43 -29.66 -35.12
CA TYR C 218 8.02 -29.73 -35.49
C TYR C 218 7.59 -28.45 -36.23
N ALA C 219 8.56 -27.66 -36.68
CA ALA C 219 8.28 -26.35 -37.24
C ALA C 219 7.45 -26.42 -38.51
N ASP C 220 7.75 -27.37 -39.39
CA ASP C 220 7.03 -27.45 -40.67
C ASP C 220 5.58 -27.90 -40.46
N GLU C 221 5.40 -28.86 -39.57
CA GLU C 221 4.07 -29.32 -39.21
C GLU C 221 3.21 -28.20 -38.66
N LEU C 222 3.76 -27.48 -37.68
CA LEU C 222 3.01 -26.41 -37.05
C LEU C 222 2.60 -25.36 -38.06
N LEU C 223 3.49 -25.05 -39.01
CA LEU C 223 3.23 -24.03 -40.01
C LEU C 223 2.11 -24.47 -40.94
N ASN C 224 2.28 -25.63 -41.58
CA ASN C 224 1.30 -26.09 -42.57
C ASN C 224 -0.06 -26.42 -41.98
N ASP C 225 -0.08 -26.95 -40.76
CA ASP C 225 -1.35 -27.33 -40.14
C ASP C 225 -2.29 -26.13 -39.92
N LEU C 226 -1.79 -24.92 -40.15
CA LEU C 226 -2.63 -23.71 -40.10
C LEU C 226 -3.60 -23.64 -41.27
N ASP C 227 -3.24 -24.27 -42.39
CA ASP C 227 -4.14 -24.32 -43.55
C ASP C 227 -5.38 -25.18 -43.29
N LYS C 228 -5.29 -26.08 -42.30
CA LYS C 228 -6.42 -26.93 -41.88
C LYS C 228 -7.34 -26.24 -40.88
N LEU C 229 -6.76 -25.45 -39.99
CA LEU C 229 -7.52 -24.75 -38.99
C LEU C 229 -8.39 -23.68 -39.65
N ASP C 230 -9.58 -24.09 -40.08
CA ASP C 230 -10.51 -23.20 -40.78
C ASP C 230 -11.44 -22.46 -39.83
N HIS C 231 -11.40 -22.80 -38.55
CA HIS C 231 -12.11 -22.00 -37.54
C HIS C 231 -11.15 -21.31 -36.59
N TRP C 232 -10.01 -20.94 -37.13
CA TRP C 232 -9.05 -20.07 -36.47
C TRP C 232 -9.06 -18.78 -37.21
N PRO C 233 -9.06 -17.63 -36.51
CA PRO C 233 -9.07 -16.36 -37.23
C PRO C 233 -7.76 -16.10 -37.95
N ASP C 234 -7.86 -15.57 -39.16
CA ASP C 234 -6.69 -15.25 -39.98
C ASP C 234 -5.61 -14.42 -39.25
N THR C 235 -6.05 -13.54 -38.36
CA THR C 235 -5.12 -12.73 -37.58
C THR C 235 -4.11 -13.63 -36.87
N VAL C 236 -4.59 -14.66 -36.17
CA VAL C 236 -3.72 -15.56 -35.43
C VAL C 236 -2.86 -16.40 -36.36
N LYS C 237 -3.44 -16.90 -37.43
CA LYS C 237 -2.71 -17.76 -38.37
C LYS C 237 -1.56 -17.00 -39.01
N THR C 238 -1.85 -15.81 -39.53
CA THR C 238 -0.83 -14.95 -40.13
C THR C 238 0.29 -14.63 -39.14
N MET C 239 -0.07 -14.36 -37.89
CA MET C 239 0.91 -14.01 -36.89
C MET C 239 1.81 -15.20 -36.63
N GLN C 240 1.23 -16.40 -36.57
CA GLN C 240 2.04 -17.62 -36.38
C GLN C 240 2.95 -17.97 -37.58
N ARG C 241 2.48 -17.74 -38.82
CA ARG C 241 3.37 -18.00 -40.00
C ARG C 241 4.55 -17.03 -39.99
N ASN C 242 4.25 -15.74 -39.81
CA ASN C 242 5.25 -14.68 -39.76
C ASN C 242 6.18 -14.80 -38.58
N TRP C 243 5.74 -15.53 -37.57
CA TRP C 243 6.56 -15.82 -36.42
C TRP C 243 7.45 -16.99 -36.65
N ILE C 244 6.87 -18.06 -37.19
CA ILE C 244 7.65 -19.24 -37.56
C ILE C 244 8.65 -18.85 -38.65
N GLY C 245 8.22 -17.94 -39.53
CA GLY C 245 9.09 -17.37 -40.55
C GLY C 245 9.92 -18.39 -41.30
N ARG C 246 9.27 -19.44 -41.80
CA ARG C 246 9.97 -20.44 -42.61
C ARG C 246 10.61 -19.78 -43.81
N SER C 247 11.69 -20.38 -44.32
CA SER C 247 12.43 -19.80 -45.42
C SER C 247 13.30 -20.80 -46.20
N GLU C 248 13.29 -20.70 -47.52
CA GLU C 248 14.20 -21.46 -48.39
C GLU C 248 15.39 -20.57 -48.70
N GLY C 249 16.60 -21.03 -48.37
CA GLY C 249 17.82 -20.26 -48.65
C GLY C 249 19.00 -21.12 -49.04
N VAL C 250 20.20 -20.58 -48.87
CA VAL C 250 21.42 -21.28 -49.25
C VAL C 250 22.52 -20.93 -48.27
N GLU C 251 23.24 -21.96 -47.79
CA GLU C 251 24.47 -21.76 -47.02
C GLU C 251 25.68 -21.79 -47.94
N ILE C 252 26.58 -20.82 -47.75
CA ILE C 252 27.71 -20.59 -48.63
C ILE C 252 29.03 -20.67 -47.84
N THR C 253 29.99 -21.44 -48.35
CA THR C 253 31.29 -21.56 -47.70
C THR C 253 32.26 -20.55 -48.33
N PHE C 254 32.70 -19.58 -47.52
CA PHE C 254 33.76 -18.64 -47.90
C PHE C 254 35.11 -19.16 -47.37
N ASN C 255 36.17 -18.93 -48.15
CA ASN C 255 37.54 -19.24 -47.70
C ASN C 255 38.21 -17.99 -47.14
N VAL C 256 39.44 -18.16 -46.65
CA VAL C 256 40.27 -17.01 -46.26
C VAL C 256 41.74 -17.33 -46.60
N ASN C 257 42.45 -16.33 -47.12
CA ASN C 257 43.75 -16.52 -47.78
C ASN C 257 45.00 -16.46 -46.88
N ASP C 258 44.82 -16.06 -45.61
CA ASP C 258 45.90 -16.08 -44.60
C ASP C 258 45.34 -16.73 -43.33
N TYR C 259 44.65 -17.87 -43.53
CA TYR C 259 43.80 -18.49 -42.49
C TYR C 259 43.57 -19.98 -42.79
N ASP C 260 43.20 -20.73 -41.75
CA ASP C 260 43.06 -22.19 -41.84
C ASP C 260 41.67 -22.62 -42.30
N ASN C 261 40.69 -22.54 -41.41
CA ASN C 261 39.39 -23.19 -41.63
C ASN C 261 38.45 -22.36 -42.51
N THR C 262 37.29 -22.94 -42.82
CA THR C 262 36.27 -22.26 -43.63
C THR C 262 35.26 -21.55 -42.71
N LEU C 263 34.62 -20.54 -43.27
CA LEU C 263 33.65 -19.71 -42.57
C LEU C 263 32.39 -19.65 -43.43
N THR C 264 31.27 -20.05 -42.86
CA THR C 264 30.04 -20.24 -43.63
C THR C 264 28.91 -19.30 -43.18
N VAL C 265 28.14 -18.80 -44.16
CA VAL C 265 27.02 -17.88 -43.91
C VAL C 265 25.71 -18.46 -44.43
N TYR C 266 24.61 -17.74 -44.19
CA TYR C 266 23.29 -18.06 -44.73
C TYR C 266 22.58 -16.79 -45.18
N THR C 267 21.88 -16.89 -46.31
CA THR C 267 21.00 -15.81 -46.79
C THR C 267 19.81 -16.40 -47.54
N THR C 268 18.63 -15.84 -47.28
CA THR C 268 17.45 -16.13 -48.08
C THR C 268 17.45 -15.29 -49.36
N ARG C 269 18.55 -14.58 -49.61
CA ARG C 269 18.71 -13.72 -50.78
C ARG C 269 19.97 -14.07 -51.61
N PRO C 270 20.06 -15.31 -52.12
CA PRO C 270 21.18 -15.64 -52.97
C PRO C 270 21.09 -14.91 -54.32
N ASP C 271 19.90 -14.46 -54.70
CA ASP C 271 19.73 -13.62 -55.88
C ASP C 271 20.59 -12.34 -55.85
N THR C 272 20.96 -11.86 -54.66
CA THR C 272 21.81 -10.69 -54.53
C THR C 272 23.26 -11.04 -54.19
N PHE C 273 23.65 -12.30 -54.32
CA PHE C 273 24.98 -12.73 -53.86
C PHE C 273 26.12 -11.86 -54.39
N MET C 274 26.03 -11.46 -55.66
CA MET C 274 27.06 -10.62 -56.28
C MET C 274 27.19 -9.24 -55.61
N GLY C 275 26.19 -8.85 -54.83
CA GLY C 275 26.24 -7.59 -54.08
C GLY C 275 27.09 -7.61 -52.83
N CYS C 276 27.54 -8.80 -52.42
CA CYS C 276 28.27 -8.97 -51.16
C CYS C 276 29.65 -8.32 -51.14
N THR C 277 29.70 -7.12 -50.57
CA THR C 277 30.93 -6.34 -50.48
C THR C 277 31.76 -6.68 -49.23
N TYR C 278 31.10 -7.08 -48.14
CA TYR C 278 31.78 -7.46 -46.88
C TYR C 278 31.01 -8.49 -46.06
N LEU C 279 31.74 -9.28 -45.28
CA LEU C 279 31.16 -10.29 -44.38
C LEU C 279 31.26 -9.83 -42.93
N ALA C 280 30.24 -10.16 -42.13
CA ALA C 280 30.23 -9.81 -40.71
C ALA C 280 30.23 -11.09 -39.89
N VAL C 281 31.04 -11.10 -38.83
CA VAL C 281 31.18 -12.27 -37.97
C VAL C 281 31.04 -11.83 -36.49
N ALA C 282 30.58 -12.75 -35.64
CA ALA C 282 30.34 -12.44 -34.23
C ALA C 282 31.65 -12.42 -33.43
N ALA C 283 31.64 -11.66 -32.34
CA ALA C 283 32.84 -11.43 -31.54
C ALA C 283 33.43 -12.72 -30.97
N GLY C 284 32.57 -13.72 -30.73
CA GLY C 284 33.00 -15.01 -30.18
C GLY C 284 33.45 -16.03 -31.21
N HIS C 285 33.34 -15.70 -32.49
CA HIS C 285 33.70 -16.63 -33.57
C HIS C 285 35.17 -16.93 -33.48
N PRO C 286 35.56 -18.21 -33.68
CA PRO C 286 36.98 -18.55 -33.55
C PRO C 286 37.91 -17.82 -34.53
N LEU C 287 37.33 -17.11 -35.50
CA LEU C 287 38.07 -16.17 -36.35
C LEU C 287 38.19 -14.79 -35.67
N ALA C 288 37.19 -14.44 -34.86
CA ALA C 288 37.22 -13.22 -34.04
C ALA C 288 38.03 -13.40 -32.74
N GLN C 289 38.01 -14.60 -32.17
CA GLN C 289 38.89 -14.94 -31.02
C GLN C 289 40.35 -15.08 -31.51
N LYS C 290 40.52 -15.39 -32.80
CA LYS C 290 41.83 -15.49 -33.44
C LYS C 290 42.40 -14.12 -33.88
N ALA C 291 41.51 -13.18 -34.22
CA ALA C 291 41.92 -11.83 -34.66
C ALA C 291 42.23 -10.85 -33.51
N ALA C 292 41.71 -11.12 -32.31
CA ALA C 292 41.82 -10.18 -31.20
C ALA C 292 43.11 -10.38 -30.40
N GLU C 293 44.15 -10.86 -31.07
CA GLU C 293 45.38 -11.26 -30.39
C GLU C 293 46.44 -10.15 -30.36
N ASN C 294 46.46 -9.31 -31.38
CA ASN C 294 47.36 -8.15 -31.40
C ASN C 294 46.65 -6.84 -31.75
N ASN C 295 45.36 -6.74 -31.41
CA ASN C 295 44.61 -5.50 -31.64
C ASN C 295 43.90 -5.03 -30.36
N PRO C 296 44.21 -3.80 -29.88
CA PRO C 296 43.63 -3.30 -28.64
C PRO C 296 42.12 -2.97 -28.71
N GLU C 297 41.66 -2.46 -29.85
CA GLU C 297 40.26 -2.08 -30.02
C GLU C 297 39.35 -3.31 -30.23
N LEU C 298 39.87 -4.30 -30.94
CA LEU C 298 39.14 -5.53 -31.27
C LEU C 298 38.91 -6.41 -30.05
N ALA C 299 40.00 -6.74 -29.34
CA ALA C 299 39.91 -7.51 -28.10
C ALA C 299 39.09 -6.78 -27.04
N ALA C 300 39.16 -5.44 -27.07
CA ALA C 300 38.32 -4.59 -26.21
C ALA C 300 36.99 -4.25 -26.87
N PHE C 301 36.70 -4.90 -27.99
CA PHE C 301 35.39 -4.85 -28.62
C PHE C 301 34.64 -6.18 -28.40
N ILE C 302 35.36 -7.30 -28.44
CA ILE C 302 34.79 -8.61 -28.08
C ILE C 302 34.42 -8.60 -26.60
N ASP C 303 35.33 -8.08 -25.78
CA ASP C 303 35.05 -7.76 -24.39
C ASP C 303 34.33 -6.39 -24.33
N GLU C 304 33.09 -6.38 -24.82
CA GLU C 304 32.30 -5.15 -24.97
C GLU C 304 30.90 -5.46 -25.52
N CYS C 305 30.83 -6.45 -26.42
CA CYS C 305 29.56 -7.01 -26.90
C CYS C 305 28.67 -7.51 -25.77
N ARG C 306 29.27 -7.96 -24.67
CA ARG C 306 28.49 -8.32 -23.49
C ARG C 306 28.10 -7.07 -22.66
N ASN C 307 27.73 -6.00 -23.38
CA ASN C 307 26.89 -4.93 -22.83
C ASN C 307 25.76 -4.54 -23.81
N THR C 308 25.56 -5.33 -24.88
CA THR C 308 24.44 -5.13 -25.81
C THR C 308 23.15 -5.66 -25.18
N LYS C 309 22.03 -5.59 -25.91
CA LYS C 309 20.73 -6.00 -25.37
C LYS C 309 20.21 -7.30 -25.99
N VAL C 310 19.37 -8.01 -25.24
CA VAL C 310 18.91 -9.35 -25.64
C VAL C 310 17.70 -9.30 -26.57
N ALA C 311 16.68 -8.51 -26.19
CA ALA C 311 15.38 -8.51 -26.87
C ALA C 311 15.45 -8.01 -28.30
N GLU C 312 14.77 -8.71 -29.22
CA GLU C 312 14.77 -8.38 -30.65
C GLU C 312 14.44 -6.92 -30.97
N ALA C 313 13.49 -6.33 -30.23
CA ALA C 313 13.13 -4.93 -30.40
C ALA C 313 14.32 -4.03 -30.13
N GLU C 314 14.94 -4.22 -28.97
CA GLU C 314 16.15 -3.48 -28.62
C GLU C 314 17.35 -3.89 -29.48
N MET C 315 17.37 -5.15 -29.92
CA MET C 315 18.43 -5.66 -30.82
C MET C 315 18.42 -4.97 -32.18
N ALA C 316 17.23 -4.63 -32.68
CA ALA C 316 17.09 -3.92 -33.94
C ALA C 316 17.40 -2.43 -33.76
N THR C 317 16.76 -1.79 -32.78
CA THR C 317 16.91 -0.35 -32.53
C THR C 317 18.37 0.09 -32.26
N MET C 318 19.09 -0.69 -31.44
CA MET C 318 20.46 -0.34 -30.99
C MET C 318 21.36 0.11 -32.13
N GLU C 319 22.37 0.89 -31.79
CA GLU C 319 23.30 1.39 -32.80
C GLU C 319 24.29 0.29 -33.18
N LYS C 320 24.52 0.15 -34.48
CA LYS C 320 25.36 -0.92 -35.00
C LYS C 320 26.84 -0.51 -34.92
N LYS C 321 27.58 -1.20 -34.07
CA LYS C 321 28.99 -0.88 -33.82
C LYS C 321 29.87 -1.98 -34.42
N GLY C 322 31.06 -1.59 -34.89
CA GLY C 322 31.96 -2.50 -35.61
C GLY C 322 33.44 -2.14 -35.59
N VAL C 323 34.27 -3.17 -35.77
CA VAL C 323 35.74 -3.05 -35.79
C VAL C 323 36.29 -3.97 -36.90
N ASP C 324 37.07 -3.39 -37.82
CA ASP C 324 37.68 -4.12 -38.92
C ASP C 324 38.46 -5.31 -38.37
N THR C 325 38.36 -6.46 -39.03
CA THR C 325 39.02 -7.70 -38.57
C THR C 325 40.43 -7.83 -39.19
N GLY C 326 40.57 -7.42 -40.45
CA GLY C 326 41.84 -7.51 -41.17
C GLY C 326 41.88 -8.71 -42.12
N PHE C 327 41.36 -9.84 -41.65
CA PHE C 327 41.24 -11.04 -42.51
C PHE C 327 40.35 -10.74 -43.70
N LYS C 328 40.55 -11.49 -44.77
CA LYS C 328 39.88 -11.24 -46.03
C LYS C 328 39.26 -12.54 -46.54
N ALA C 329 37.96 -12.51 -46.83
CA ALA C 329 37.28 -13.68 -47.37
C ALA C 329 37.47 -13.76 -48.88
N VAL C 330 37.49 -14.98 -49.42
CA VAL C 330 37.46 -15.17 -50.88
C VAL C 330 36.02 -15.33 -51.34
N HIS C 331 35.58 -14.39 -52.19
CA HIS C 331 34.28 -14.47 -52.86
C HIS C 331 34.41 -15.56 -53.90
N PRO C 332 33.50 -16.56 -53.90
CA PRO C 332 33.63 -17.63 -54.89
C PRO C 332 33.46 -17.24 -56.37
N LEU C 333 32.66 -16.21 -56.66
CA LEU C 333 32.29 -15.89 -58.05
C LEU C 333 33.15 -14.78 -58.68
N THR C 334 33.40 -13.71 -57.94
CA THR C 334 34.33 -12.66 -58.41
C THR C 334 35.78 -13.00 -58.07
N GLY C 335 36.01 -13.75 -57.00
CA GLY C 335 37.35 -14.09 -56.56
C GLY C 335 38.11 -12.87 -56.08
N GLU C 336 37.50 -12.09 -55.19
CA GLU C 336 38.15 -10.89 -54.67
C GLU C 336 37.91 -10.65 -53.17
N GLU C 337 38.89 -9.98 -52.56
CA GLU C 337 38.93 -9.76 -51.11
C GLU C 337 37.75 -8.92 -50.65
N ILE C 338 37.25 -9.26 -49.47
CA ILE C 338 36.01 -8.72 -48.97
C ILE C 338 36.12 -8.62 -47.45
N PRO C 339 36.28 -7.39 -46.92
CA PRO C 339 36.72 -7.17 -45.55
C PRO C 339 35.74 -7.61 -44.46
N VAL C 340 36.20 -8.47 -43.56
CA VAL C 340 35.39 -8.95 -42.46
C VAL C 340 35.42 -7.95 -41.30
N TRP C 341 34.24 -7.60 -40.80
CA TRP C 341 34.08 -6.65 -39.69
C TRP C 341 33.31 -7.28 -38.58
N ALA C 342 33.95 -7.48 -37.43
CA ALA C 342 33.24 -7.96 -36.27
C ALA C 342 32.09 -7.00 -36.00
N ALA C 343 30.88 -7.45 -36.31
CA ALA C 343 29.68 -6.67 -36.07
C ALA C 343 29.04 -7.19 -34.79
N ASN C 344 28.55 -6.28 -33.96
CA ASN C 344 27.91 -6.66 -32.70
C ASN C 344 26.63 -7.49 -32.93
N PHE C 345 25.77 -7.03 -33.84
CA PHE C 345 24.44 -7.64 -34.06
C PHE C 345 24.45 -9.09 -34.55
N VAL C 346 25.56 -9.55 -35.11
CA VAL C 346 25.69 -10.95 -35.51
C VAL C 346 25.95 -11.81 -34.28
N LEU C 347 24.92 -12.53 -33.84
CA LEU C 347 25.03 -13.40 -32.68
C LEU C 347 25.53 -14.80 -33.07
N MET C 348 26.21 -15.44 -32.14
CA MET C 348 27.00 -16.65 -32.42
C MET C 348 26.17 -17.94 -32.57
N GLU C 349 25.24 -18.17 -31.65
CA GLU C 349 24.41 -19.39 -31.64
C GLU C 349 23.07 -19.17 -32.36
N TYR C 350 23.09 -18.36 -33.43
CA TYR C 350 21.89 -18.05 -34.22
C TYR C 350 22.38 -17.92 -35.67
N GLY C 351 22.16 -18.96 -36.46
CA GLY C 351 22.94 -19.19 -37.68
C GLY C 351 24.25 -19.85 -37.27
N THR C 352 25.22 -19.90 -38.18
CA THR C 352 26.52 -20.49 -37.85
C THR C 352 27.33 -19.57 -36.94
N GLY C 353 27.25 -18.27 -37.22
CA GLY C 353 28.10 -17.27 -36.57
C GLY C 353 28.51 -16.16 -37.53
N ALA C 354 28.52 -16.47 -38.84
CA ALA C 354 28.77 -15.48 -39.87
C ALA C 354 27.52 -15.25 -40.71
N VAL C 355 27.29 -14.00 -41.10
CA VAL C 355 26.27 -13.66 -42.07
C VAL C 355 26.85 -12.61 -43.00
N MET C 356 26.74 -12.85 -44.30
CA MET C 356 27.22 -11.92 -45.31
C MET C 356 26.39 -10.64 -45.35
N ALA C 357 27.02 -9.56 -45.82
CA ALA C 357 26.35 -8.28 -45.90
C ALA C 357 26.21 -7.90 -47.37
N VAL C 358 24.97 -7.65 -47.79
CA VAL C 358 24.71 -7.15 -49.14
C VAL C 358 24.06 -5.78 -49.02
N PRO C 359 24.85 -4.76 -48.63
CA PRO C 359 24.34 -3.43 -48.30
C PRO C 359 23.22 -2.95 -49.22
N GLY C 360 23.38 -3.17 -50.52
CA GLY C 360 22.45 -2.66 -51.51
C GLY C 360 21.02 -3.14 -51.37
N HIS C 361 20.82 -4.28 -50.70
CA HIS C 361 19.48 -4.86 -50.54
C HIS C 361 19.25 -5.58 -49.26
N ASP C 362 20.05 -5.24 -48.25
CA ASP C 362 19.75 -5.59 -46.87
C ASP C 362 19.93 -4.31 -46.07
N GLN C 363 18.89 -3.95 -45.30
CA GLN C 363 18.81 -2.64 -44.66
C GLN C 363 19.73 -2.52 -43.45
N ARG C 364 19.88 -3.62 -42.71
CA ARG C 364 20.85 -3.68 -41.60
C ARG C 364 22.26 -3.57 -42.15
N ASP C 365 22.53 -4.29 -43.24
CA ASP C 365 23.84 -4.30 -43.88
C ASP C 365 24.15 -2.94 -44.51
N TYR C 366 23.11 -2.28 -45.04
CA TYR C 366 23.25 -0.94 -45.59
C TYR C 366 23.83 0.08 -44.60
N GLU C 367 23.14 0.25 -43.47
CA GLU C 367 23.48 1.25 -42.45
C GLU C 367 24.85 1.06 -41.81
N PHE C 368 25.27 -0.20 -41.71
CA PHE C 368 26.60 -0.56 -41.22
C PHE C 368 27.66 0.01 -42.16
N ALA C 369 27.37 -0.03 -43.46
CA ALA C 369 28.28 0.49 -44.48
C ALA C 369 28.26 2.02 -44.54
N SER C 370 27.08 2.62 -44.47
CA SER C 370 26.94 4.09 -44.50
C SER C 370 27.90 4.72 -43.50
N LYS C 371 27.69 4.41 -42.21
CA LYS C 371 28.42 5.05 -41.11
C LYS C 371 29.88 4.59 -40.95
N TYR C 372 30.27 3.52 -41.64
CA TYR C 372 31.68 3.12 -41.65
C TYR C 372 32.38 3.36 -42.98
N GLY C 373 31.63 3.80 -43.99
CA GLY C 373 32.19 4.03 -45.33
C GLY C 373 32.70 2.75 -45.99
N LEU C 374 31.99 1.65 -45.80
CA LEU C 374 32.29 0.41 -46.51
C LEU C 374 31.68 0.45 -47.91
N ASN C 375 32.11 -0.47 -48.77
CA ASN C 375 31.65 -0.52 -50.17
C ASN C 375 30.19 -0.92 -50.33
N ILE C 376 29.51 -0.22 -51.22
CA ILE C 376 28.06 -0.33 -51.42
C ILE C 376 27.78 -0.57 -52.90
N LYS C 377 27.36 -1.80 -53.23
CA LYS C 377 27.22 -2.20 -54.64
C LYS C 377 25.77 -2.60 -54.97
N PRO C 378 25.17 -1.97 -56.02
CA PRO C 378 23.84 -2.37 -56.50
C PRO C 378 23.89 -3.66 -57.31
N VAL C 379 22.91 -4.55 -57.15
CA VAL C 379 22.82 -5.78 -57.95
C VAL C 379 21.40 -6.19 -58.38
N ILE C 380 20.38 -5.41 -58.03
CA ILE C 380 19.00 -5.70 -58.43
C ILE C 380 18.36 -4.46 -59.07
N LEU C 381 17.53 -4.70 -60.09
CA LEU C 381 16.89 -3.61 -60.83
C LEU C 381 15.69 -3.01 -60.10
N ALA C 382 15.29 -1.81 -60.52
CA ALA C 382 14.26 -1.01 -59.84
C ALA C 382 12.99 -0.86 -60.67
N ALA C 383 11.93 -0.39 -60.00
CA ALA C 383 10.60 -0.18 -60.58
C ALA C 383 10.47 -0.64 -62.03
N ASP C 384 10.85 0.24 -62.96
CA ASP C 384 10.63 -0.02 -64.39
C ASP C 384 11.85 -0.63 -65.10
N GLY C 385 12.57 -1.49 -64.38
CA GLY C 385 13.80 -2.11 -64.90
C GLY C 385 15.05 -1.24 -64.79
N SER C 386 14.95 -0.12 -64.04
CA SER C 386 16.00 0.90 -63.96
C SER C 386 16.99 0.68 -62.81
N GLU C 387 18.17 1.28 -62.91
CA GLU C 387 19.13 1.25 -61.80
C GLU C 387 18.59 2.09 -60.63
N PRO C 388 18.55 1.49 -59.42
CA PRO C 388 18.05 2.18 -58.22
C PRO C 388 19.07 3.11 -57.58
N ASP C 389 18.61 4.24 -57.03
CA ASP C 389 19.49 5.19 -56.34
C ASP C 389 19.61 4.83 -54.86
N LEU C 390 20.71 4.15 -54.52
CA LEU C 390 20.98 3.71 -53.15
C LEU C 390 21.77 4.75 -52.34
N SER C 391 21.39 6.03 -52.44
CA SER C 391 22.08 7.12 -51.71
C SER C 391 21.53 7.32 -50.29
N GLN C 392 20.30 6.89 -50.04
CA GLN C 392 19.70 6.97 -48.70
C GLN C 392 19.54 5.60 -48.04
N GLN C 393 19.15 4.60 -48.83
CA GLN C 393 18.74 3.31 -48.28
C GLN C 393 18.83 2.15 -49.26
N ALA C 394 18.83 0.94 -48.71
CA ALA C 394 18.90 -0.28 -49.50
C ALA C 394 17.59 -0.54 -50.24
N LEU C 395 17.67 -1.35 -51.29
CA LEU C 395 16.48 -1.77 -52.04
C LEU C 395 16.16 -3.21 -51.68
N THR C 396 15.15 -3.38 -50.82
CA THR C 396 14.75 -4.71 -50.34
C THR C 396 13.95 -5.57 -51.36
N GLU C 397 13.24 -4.93 -52.30
CA GLU C 397 12.31 -5.65 -53.21
C GLU C 397 13.02 -6.62 -54.15
N LYS C 398 12.29 -7.64 -54.58
CA LYS C 398 12.84 -8.78 -55.33
C LYS C 398 12.57 -8.69 -56.83
N GLY C 399 13.49 -8.07 -57.57
CA GLY C 399 13.35 -7.92 -59.01
C GLY C 399 14.42 -8.62 -59.85
N VAL C 400 14.53 -8.17 -61.11
CA VAL C 400 15.47 -8.72 -62.09
C VAL C 400 16.91 -8.29 -61.78
N LEU C 401 17.87 -9.19 -62.03
CA LEU C 401 19.27 -8.97 -61.61
C LEU C 401 20.08 -8.27 -62.69
N PHE C 402 20.90 -7.30 -62.29
CA PHE C 402 21.90 -6.72 -63.19
C PHE C 402 23.27 -6.70 -62.48
N ASN C 403 24.32 -6.29 -63.19
CA ASN C 403 25.65 -6.12 -62.57
C ASN C 403 26.13 -7.39 -61.85
N SER C 404 25.72 -8.55 -62.34
CA SER C 404 25.98 -9.82 -61.66
C SER C 404 26.67 -10.87 -62.53
N GLY C 405 27.48 -10.45 -63.50
CA GLY C 405 28.14 -11.38 -64.41
C GLY C 405 27.17 -12.29 -65.15
N GLU C 406 27.33 -13.60 -65.01
CA GLU C 406 26.56 -14.57 -65.81
C GLU C 406 25.07 -14.66 -65.47
N PHE C 407 24.64 -13.99 -64.40
CA PHE C 407 23.24 -14.10 -63.94
C PHE C 407 22.35 -12.90 -64.31
N ASN C 408 22.98 -11.84 -64.83
CA ASN C 408 22.27 -10.73 -65.45
C ASN C 408 20.97 -11.13 -66.14
N GLY C 409 19.93 -10.32 -65.96
CA GLY C 409 18.68 -10.46 -66.71
C GLY C 409 17.62 -11.37 -66.13
N LEU C 410 18.03 -12.27 -65.24
CA LEU C 410 17.11 -13.21 -64.61
C LEU C 410 16.26 -12.49 -63.57
N ASP C 411 15.03 -12.96 -63.39
CA ASP C 411 14.19 -12.50 -62.27
C ASP C 411 14.51 -13.31 -61.00
N HIS C 412 14.00 -12.85 -59.86
CA HIS C 412 14.24 -13.49 -58.55
C HIS C 412 14.14 -14.99 -58.56
N GLU C 413 13.09 -15.48 -59.22
CA GLU C 413 12.83 -16.93 -59.33
C GLU C 413 14.05 -17.74 -59.81
N ALA C 414 14.29 -17.79 -61.11
CA ALA C 414 15.37 -18.60 -61.66
C ALA C 414 16.74 -18.06 -61.24
N ALA C 415 16.81 -16.77 -60.87
CA ALA C 415 18.08 -16.14 -60.49
C ALA C 415 18.62 -16.70 -59.18
N PHE C 416 17.71 -16.85 -58.22
CA PHE C 416 17.94 -17.58 -56.99
C PHE C 416 18.53 -18.93 -57.36
N ASN C 417 17.83 -19.62 -58.26
CA ASN C 417 18.20 -20.97 -58.64
C ASN C 417 19.52 -21.06 -59.39
N ALA C 418 19.69 -20.22 -60.40
CA ALA C 418 20.94 -20.14 -61.13
C ALA C 418 22.12 -19.97 -60.14
N ILE C 419 21.97 -19.05 -59.19
CA ILE C 419 23.06 -18.80 -58.22
C ILE C 419 23.15 -19.93 -57.21
N ALA C 420 22.01 -20.52 -56.84
CA ALA C 420 21.99 -21.67 -55.94
C ALA C 420 22.70 -22.86 -56.55
N ASP C 421 22.34 -23.17 -57.79
CA ASP C 421 22.95 -24.28 -58.53
C ASP C 421 24.44 -24.07 -58.73
N LYS C 422 24.83 -22.87 -59.15
CA LYS C 422 26.24 -22.53 -59.35
C LYS C 422 27.07 -22.80 -58.10
N LEU C 423 26.57 -22.33 -56.96
CA LEU C 423 27.26 -22.53 -55.71
C LEU C 423 27.19 -23.99 -55.27
N THR C 424 26.08 -24.67 -55.57
CA THR C 424 25.97 -26.11 -55.30
C THR C 424 26.92 -26.87 -56.21
N ALA C 425 26.93 -26.53 -57.49
CA ALA C 425 27.81 -27.18 -58.45
C ALA C 425 29.29 -27.00 -58.08
N MET C 426 29.67 -25.78 -57.69
CA MET C 426 31.04 -25.49 -57.28
C MET C 426 31.46 -26.18 -55.98
N GLY C 427 30.52 -26.85 -55.31
CA GLY C 427 30.80 -27.52 -54.05
C GLY C 427 30.90 -26.58 -52.83
N VAL C 428 30.56 -25.30 -53.01
CA VAL C 428 30.61 -24.31 -51.92
C VAL C 428 29.18 -23.93 -51.48
N GLY C 429 28.31 -24.93 -51.37
CA GLY C 429 26.95 -24.67 -50.98
C GLY C 429 25.94 -25.78 -51.22
N GLU C 430 24.99 -25.86 -50.31
CA GLU C 430 23.74 -26.56 -50.55
C GLU C 430 22.66 -25.52 -50.29
N ARG C 431 21.48 -25.77 -50.83
CA ARG C 431 20.28 -25.09 -50.36
C ARG C 431 20.05 -25.57 -48.95
N LYS C 432 19.43 -24.73 -48.13
CA LYS C 432 19.05 -25.12 -46.78
C LYS C 432 17.76 -24.42 -46.37
N VAL C 433 16.97 -25.12 -45.56
CA VAL C 433 15.74 -24.59 -44.98
C VAL C 433 16.09 -23.92 -43.66
N ASN C 434 15.38 -22.84 -43.34
CA ASN C 434 15.64 -22.08 -42.13
C ASN C 434 14.37 -21.41 -41.58
N TYR C 435 14.26 -21.41 -40.26
CA TYR C 435 13.12 -20.85 -39.58
C TYR C 435 13.55 -19.64 -38.76
N ARG C 436 12.66 -18.65 -38.69
CA ARG C 436 12.83 -17.52 -37.78
C ARG C 436 12.74 -18.10 -36.38
N LEU C 437 11.72 -18.94 -36.18
CA LEU C 437 11.47 -19.68 -34.95
C LEU C 437 12.74 -20.31 -34.43
N ARG C 438 13.09 -19.97 -33.21
CA ARG C 438 14.17 -20.61 -32.47
C ARG C 438 13.55 -21.65 -31.55
N ASP C 439 14.40 -22.52 -31.04
CA ASP C 439 13.93 -23.56 -30.13
C ASP C 439 13.52 -22.93 -28.80
N TRP C 440 12.76 -23.74 -28.07
CA TRP C 440 12.04 -23.31 -26.90
C TRP C 440 12.92 -23.39 -25.68
N GLY C 441 13.33 -22.22 -25.19
CA GLY C 441 14.14 -22.10 -23.98
C GLY C 441 13.28 -22.19 -22.73
N VAL C 442 13.32 -23.36 -22.09
CA VAL C 442 12.46 -23.65 -20.95
C VAL C 442 13.11 -23.43 -19.58
N SER C 443 14.36 -22.99 -19.55
CA SER C 443 15.12 -22.89 -18.28
C SER C 443 14.95 -21.52 -17.67
N ARG C 444 14.70 -21.48 -16.39
CA ARG C 444 14.62 -20.23 -15.66
C ARG C 444 15.46 -20.42 -14.43
N GLN C 445 16.02 -19.33 -13.92
CA GLN C 445 16.86 -19.40 -12.74
C GLN C 445 16.17 -18.65 -11.60
N ARG C 446 14.90 -18.98 -11.43
CA ARG C 446 14.09 -18.46 -10.36
C ARG C 446 13.54 -19.66 -9.58
N TYR C 447 12.94 -19.38 -8.42
CA TYR C 447 12.47 -20.46 -7.54
C TYR C 447 11.08 -20.97 -7.84
N TRP C 448 10.14 -20.04 -8.10
CA TRP C 448 8.72 -20.39 -8.18
C TRP C 448 8.34 -20.97 -9.52
N GLY C 449 8.77 -22.20 -9.72
CA GLY C 449 8.50 -22.96 -10.94
C GLY C 449 8.76 -24.42 -10.65
N ALA C 450 8.30 -25.28 -11.55
CA ALA C 450 8.59 -26.71 -11.47
C ALA C 450 10.09 -26.95 -11.62
N PRO C 451 10.70 -27.65 -10.67
CA PRO C 451 12.11 -28.00 -10.90
C PRO C 451 12.31 -28.78 -12.18
N ILE C 452 13.37 -28.46 -12.92
CA ILE C 452 13.72 -29.23 -14.11
C ILE C 452 14.36 -30.55 -13.66
N PRO C 453 13.86 -31.70 -14.16
CA PRO C 453 14.20 -33.02 -13.62
C PRO C 453 15.48 -33.63 -14.23
N MET C 454 16.61 -32.93 -14.05
CA MET C 454 17.91 -33.42 -14.48
C MET C 454 18.86 -33.47 -13.29
N VAL C 455 19.86 -34.34 -13.37
CA VAL C 455 20.82 -34.56 -12.29
C VAL C 455 22.21 -34.70 -12.87
N THR C 456 23.18 -33.99 -12.29
CA THR C 456 24.60 -34.12 -12.65
C THR C 456 25.30 -35.02 -11.65
N LEU C 457 25.96 -36.07 -12.11
CA LEU C 457 26.65 -37.00 -11.20
C LEU C 457 28.02 -36.47 -10.84
N GLU C 458 28.65 -37.09 -9.85
CA GLU C 458 30.00 -36.72 -9.44
C GLU C 458 30.98 -37.08 -10.56
N ASP C 459 30.64 -38.12 -11.34
CA ASP C 459 31.28 -38.44 -12.64
C ASP C 459 31.73 -37.21 -13.41
N GLY C 460 30.78 -36.30 -13.63
CA GLY C 460 30.90 -35.26 -14.62
C GLY C 460 29.69 -35.28 -15.53
N THR C 461 29.07 -36.47 -15.64
CA THR C 461 27.92 -36.67 -16.55
C THR C 461 26.61 -36.10 -16.04
N VAL C 462 25.74 -35.79 -17.00
CA VAL C 462 24.45 -35.16 -16.76
C VAL C 462 23.36 -36.05 -17.34
N MET C 463 22.39 -36.42 -16.53
CA MET C 463 21.38 -37.37 -16.97
C MET C 463 20.01 -37.05 -16.35
N PRO C 464 18.93 -37.61 -16.92
CA PRO C 464 17.62 -37.28 -16.39
C PRO C 464 17.44 -37.92 -15.04
N THR C 465 16.64 -37.29 -14.20
CA THR C 465 16.33 -37.81 -12.87
C THR C 465 15.66 -39.15 -13.03
N PRO C 466 16.14 -40.18 -12.32
CA PRO C 466 15.50 -41.48 -12.53
C PRO C 466 14.04 -41.46 -12.09
N ASP C 467 13.29 -42.44 -12.62
CA ASP C 467 11.87 -42.63 -12.33
C ASP C 467 11.52 -42.52 -10.85
N ASP C 468 12.18 -43.32 -10.02
CA ASP C 468 11.81 -43.43 -8.60
C ASP C 468 12.16 -42.20 -7.75
N GLN C 469 12.58 -41.10 -8.37
CA GLN C 469 12.77 -39.84 -7.64
C GLN C 469 11.83 -38.74 -8.12
N LEU C 470 10.98 -39.07 -9.08
CA LEU C 470 10.04 -38.10 -9.61
C LEU C 470 8.81 -38.21 -8.76
N PRO C 471 8.17 -37.07 -8.46
CA PRO C 471 8.54 -35.72 -8.88
C PRO C 471 9.65 -35.15 -8.03
N VAL C 472 10.48 -34.30 -8.62
CA VAL C 472 11.36 -33.47 -7.83
C VAL C 472 10.45 -32.37 -7.31
N ILE C 473 10.21 -32.42 -6.01
CA ILE C 473 9.27 -31.52 -5.37
C ILE C 473 9.96 -30.20 -5.05
N LEU C 474 9.32 -29.10 -5.43
CA LEU C 474 9.78 -27.78 -5.05
C LEU C 474 9.35 -27.56 -3.62
N PRO C 475 10.31 -27.25 -2.71
CA PRO C 475 9.88 -26.98 -1.34
C PRO C 475 9.07 -25.70 -1.31
N GLU C 476 7.96 -25.71 -0.58
CA GLU C 476 7.09 -24.54 -0.53
C GLU C 476 7.46 -23.65 0.64
N ASP C 477 8.07 -24.23 1.67
CA ASP C 477 8.43 -23.53 2.91
C ASP C 477 9.83 -22.91 2.87
N VAL C 478 9.90 -21.72 2.28
CA VAL C 478 11.15 -21.05 1.98
C VAL C 478 11.14 -19.60 2.46
N VAL C 479 12.30 -19.13 2.90
CA VAL C 479 12.48 -17.73 3.21
C VAL C 479 13.16 -17.14 1.99
N MET C 480 12.50 -16.18 1.36
CA MET C 480 13.04 -15.54 0.17
C MET C 480 13.97 -14.38 0.58
N ASP C 481 15.27 -14.62 0.60
CA ASP C 481 16.21 -13.50 0.72
C ASP C 481 16.51 -13.07 -0.72
N GLY C 482 15.85 -11.99 -1.12
CA GLY C 482 15.49 -11.69 -2.52
C GLY C 482 16.52 -11.79 -3.63
N ILE C 483 17.80 -11.92 -3.29
CA ILE C 483 18.87 -12.02 -4.29
C ILE C 483 18.77 -13.34 -5.06
N THR C 484 18.59 -14.43 -4.33
CA THR C 484 18.72 -15.77 -4.91
C THR C 484 17.56 -16.70 -4.53
N SER C 485 17.23 -17.58 -5.47
CA SER C 485 16.32 -18.69 -5.22
C SER C 485 16.74 -19.43 -3.97
N PRO C 486 15.77 -19.78 -3.12
CA PRO C 486 16.00 -20.68 -2.00
C PRO C 486 16.74 -21.97 -2.33
N ILE C 487 16.38 -22.63 -3.42
CA ILE C 487 17.00 -23.91 -3.74
C ILE C 487 18.41 -23.80 -4.34
N LYS C 488 18.82 -22.58 -4.72
CA LYS C 488 20.20 -22.28 -5.11
C LYS C 488 20.97 -21.72 -3.91
N ALA C 489 20.28 -20.99 -3.04
CA ALA C 489 20.87 -20.46 -1.81
C ALA C 489 21.29 -21.59 -0.88
N ASP C 490 20.38 -22.54 -0.64
CA ASP C 490 20.71 -23.71 0.19
C ASP C 490 21.41 -24.78 -0.65
N PRO C 491 22.69 -25.07 -0.33
CA PRO C 491 23.45 -26.00 -1.15
C PRO C 491 23.07 -27.46 -0.89
N GLU C 492 22.36 -27.75 0.21
CA GLU C 492 22.01 -29.13 0.51
C GLU C 492 20.83 -29.62 -0.30
N TRP C 493 19.98 -28.72 -0.78
CA TRP C 493 18.75 -29.17 -1.42
C TRP C 493 19.02 -29.95 -2.67
N ALA C 494 20.06 -29.56 -3.42
CA ALA C 494 20.37 -30.26 -4.66
C ALA C 494 21.05 -31.62 -4.45
N LYS C 495 21.46 -31.95 -3.22
CA LYS C 495 22.09 -33.26 -2.97
C LYS C 495 21.14 -34.43 -3.22
N THR C 496 21.68 -35.50 -3.76
CA THR C 496 20.94 -36.73 -3.98
C THR C 496 21.94 -37.80 -4.37
N THR C 497 21.44 -38.96 -4.75
CA THR C 497 22.30 -40.07 -5.11
C THR C 497 21.69 -40.78 -6.35
N VAL C 498 22.46 -40.80 -7.43
CA VAL C 498 22.05 -41.46 -8.66
C VAL C 498 23.14 -42.42 -9.09
N ASN C 499 22.73 -43.65 -9.39
CA ASN C 499 23.65 -44.75 -9.67
C ASN C 499 24.59 -45.12 -8.51
N GLY C 500 24.19 -44.81 -7.28
CA GLY C 500 24.99 -45.10 -6.12
C GLY C 500 26.21 -44.19 -5.97
N MET C 501 26.26 -43.13 -6.77
CA MET C 501 27.21 -42.06 -6.54
C MET C 501 26.44 -40.77 -6.25
N PRO C 502 27.10 -39.78 -5.64
CA PRO C 502 26.43 -38.52 -5.35
C PRO C 502 26.17 -37.72 -6.62
N ALA C 503 25.16 -36.86 -6.56
CA ALA C 503 24.75 -36.07 -7.70
C ALA C 503 24.04 -34.82 -7.23
N LEU C 504 23.85 -33.86 -8.15
CA LEU C 504 23.21 -32.59 -7.83
C LEU C 504 22.09 -32.26 -8.81
N ARG C 505 20.86 -32.25 -8.31
CA ARG C 505 19.69 -31.89 -9.13
C ARG C 505 19.77 -30.44 -9.61
N GLU C 506 19.37 -30.22 -10.85
CA GLU C 506 19.33 -28.89 -11.41
C GLU C 506 18.42 -28.03 -10.54
N THR C 507 18.87 -26.80 -10.30
CA THR C 507 18.11 -25.87 -9.50
C THR C 507 17.31 -24.89 -10.34
N ASP C 508 17.57 -24.87 -11.65
CA ASP C 508 16.74 -24.15 -12.60
C ASP C 508 15.34 -24.77 -12.66
N THR C 509 14.38 -23.92 -12.98
CA THR C 509 13.00 -24.30 -12.99
C THR C 509 12.46 -24.05 -14.37
N PHE C 510 11.27 -24.59 -14.62
CA PHE C 510 10.63 -24.50 -15.91
C PHE C 510 10.03 -23.12 -16.20
N ASP C 511 10.12 -22.70 -17.46
CA ASP C 511 9.27 -21.64 -18.02
C ASP C 511 7.83 -22.03 -17.72
N THR C 512 7.03 -21.12 -17.17
CA THR C 512 5.65 -21.46 -16.80
C THR C 512 4.84 -21.96 -17.99
N PHE C 513 5.15 -21.47 -19.18
CA PHE C 513 4.50 -21.96 -20.39
C PHE C 513 4.44 -23.49 -20.51
N MET C 514 5.43 -24.19 -19.98
CA MET C 514 5.36 -25.65 -19.86
C MET C 514 4.02 -26.12 -19.32
N GLU C 515 3.60 -25.57 -18.18
CA GLU C 515 2.39 -26.06 -17.53
C GLU C 515 1.15 -25.72 -18.35
N SER C 516 1.15 -24.53 -18.97
CA SER C 516 -0.03 -24.07 -19.66
C SER C 516 -0.16 -24.67 -21.05
N SER C 517 0.80 -25.49 -21.45
CA SER C 517 0.78 -26.09 -22.77
C SER C 517 0.06 -27.42 -22.80
N TRP C 518 -0.33 -27.95 -21.64
CA TRP C 518 -1.05 -29.21 -21.62
C TRP C 518 -2.12 -29.33 -20.57
N TYR C 519 -2.43 -28.23 -19.89
CA TYR C 519 -3.51 -28.25 -18.90
C TYR C 519 -4.85 -28.65 -19.53
N TYR C 520 -5.04 -28.33 -20.81
CA TYR C 520 -6.28 -28.62 -21.49
C TYR C 520 -6.56 -30.13 -21.58
N ALA C 521 -5.51 -30.91 -21.70
CA ALA C 521 -5.66 -32.34 -21.72
C ALA C 521 -5.81 -32.87 -20.29
N ARG C 522 -5.05 -32.32 -19.35
CA ARG C 522 -5.12 -32.84 -17.97
C ARG C 522 -6.49 -32.65 -17.31
N TYR C 523 -7.23 -31.63 -17.73
CA TYR C 523 -8.61 -31.42 -17.31
C TYR C 523 -9.55 -32.61 -17.64
N THR C 524 -9.20 -33.38 -18.67
CA THR C 524 -10.06 -34.50 -19.04
C THR C 524 -9.99 -35.63 -18.01
N CYS C 525 -8.94 -35.61 -17.19
CA CYS C 525 -8.67 -36.68 -16.22
C CYS C 525 -7.72 -36.19 -15.13
N PRO C 526 -8.14 -35.15 -14.41
CA PRO C 526 -7.27 -34.45 -13.47
C PRO C 526 -6.88 -35.29 -12.25
N GLN C 527 -7.76 -36.19 -11.82
CA GLN C 527 -7.45 -37.10 -10.70
C GLN C 527 -6.84 -38.46 -11.14
N TYR C 528 -6.49 -38.60 -12.41
CA TYR C 528 -5.85 -39.83 -12.90
C TYR C 528 -4.39 -39.97 -12.42
N LYS C 529 -4.12 -41.07 -11.71
CA LYS C 529 -2.79 -41.30 -11.14
C LYS C 529 -1.87 -42.17 -12.00
N GLU C 530 -2.40 -43.13 -12.76
CA GLU C 530 -1.54 -44.15 -13.38
C GLU C 530 -0.66 -43.59 -14.50
N GLY C 531 -0.97 -42.37 -14.96
CA GLY C 531 -0.21 -41.71 -16.01
C GLY C 531 -0.59 -40.24 -16.22
N MET C 532 0.09 -39.59 -17.15
CA MET C 532 -0.15 -38.20 -17.49
C MET C 532 -1.59 -37.99 -17.94
N LEU C 533 -2.09 -38.91 -18.77
CA LEU C 533 -3.44 -38.86 -19.29
C LEU C 533 -4.11 -40.22 -19.26
N ASP C 534 -5.41 -40.23 -18.98
CA ASP C 534 -6.27 -41.36 -19.29
C ASP C 534 -6.76 -41.07 -20.67
N SER C 535 -6.23 -41.79 -21.65
CA SER C 535 -6.45 -41.50 -23.06
C SER C 535 -7.90 -41.74 -23.47
N GLU C 536 -8.50 -42.79 -22.94
CA GLU C 536 -9.91 -43.07 -23.18
C GLU C 536 -10.68 -41.78 -22.89
N ALA C 537 -10.41 -41.21 -21.72
CA ALA C 537 -11.01 -39.95 -21.31
C ALA C 537 -10.59 -38.78 -22.21
N ALA C 538 -9.30 -38.68 -22.51
CA ALA C 538 -8.77 -37.55 -23.29
C ALA C 538 -9.44 -37.46 -24.65
N ASN C 539 -9.47 -38.58 -25.36
CA ASN C 539 -9.97 -38.61 -26.72
C ASN C 539 -11.48 -38.57 -26.78
N TYR C 540 -12.14 -38.77 -25.66
CA TYR C 540 -13.56 -38.49 -25.62
C TYR C 540 -13.77 -36.96 -25.69
N TRP C 541 -13.04 -36.22 -24.88
CA TRP C 541 -13.19 -34.77 -24.82
C TRP C 541 -12.47 -34.00 -25.88
N LEU C 542 -11.30 -34.48 -26.28
CA LEU C 542 -10.43 -33.72 -27.18
C LEU C 542 -10.77 -34.11 -28.60
N PRO C 543 -10.64 -33.16 -29.55
CA PRO C 543 -10.03 -31.85 -29.34
C PRO C 543 -10.97 -30.85 -28.71
N VAL C 544 -10.41 -29.84 -28.08
CA VAL C 544 -11.20 -28.73 -27.61
C VAL C 544 -12.08 -28.24 -28.75
N ASP C 545 -13.39 -28.07 -28.51
CA ASP C 545 -14.29 -27.52 -29.55
C ASP C 545 -14.10 -26.02 -29.75
N ILE C 546 -13.94 -25.29 -28.67
CA ILE C 546 -13.67 -23.88 -28.79
C ILE C 546 -12.76 -23.43 -27.67
N TYR C 547 -11.71 -22.71 -28.05
CA TYR C 547 -10.75 -22.17 -27.09
C TYR C 547 -10.88 -20.67 -27.07
N ILE C 548 -11.23 -20.13 -25.90
CA ILE C 548 -11.43 -18.71 -25.76
C ILE C 548 -10.28 -18.12 -24.98
N GLY C 549 -9.67 -17.12 -25.57
CA GLY C 549 -8.56 -16.49 -24.95
C GLY C 549 -8.44 -15.10 -25.49
N GLY C 550 -7.30 -14.46 -25.20
CA GLY C 550 -7.01 -13.12 -25.66
C GLY C 550 -5.95 -13.11 -26.71
N ILE C 551 -6.06 -12.15 -27.64
CA ILE C 551 -5.15 -12.00 -28.75
C ILE C 551 -3.68 -11.83 -28.35
N GLU C 552 -3.42 -11.41 -27.11
CA GLU C 552 -2.07 -11.38 -26.53
C GLU C 552 -1.35 -12.71 -26.56
N HIS C 553 -2.11 -13.79 -26.54
CA HIS C 553 -1.56 -15.14 -26.54
C HIS C 553 -1.60 -15.80 -27.90
N ALA C 554 -1.69 -15.00 -28.96
CA ALA C 554 -1.85 -15.52 -30.31
C ALA C 554 -0.64 -16.31 -30.74
N ILE C 555 0.53 -15.70 -30.64
CA ILE C 555 1.76 -16.34 -31.07
C ILE C 555 2.21 -17.39 -30.04
N MET C 556 2.94 -16.98 -29.02
CA MET C 556 3.69 -17.91 -28.17
C MET C 556 2.90 -19.02 -27.44
N HIS C 557 1.96 -18.67 -26.60
CA HIS C 557 1.23 -19.75 -25.88
C HIS C 557 0.60 -20.70 -26.86
N LEU C 558 -0.05 -20.16 -27.88
CA LEU C 558 -0.83 -20.98 -28.79
C LEU C 558 0.05 -21.94 -29.60
N LEU C 559 1.28 -21.53 -29.90
CA LEU C 559 2.24 -22.38 -30.57
C LEU C 559 2.73 -23.51 -29.64
N TYR C 560 3.08 -23.14 -28.42
CA TYR C 560 3.39 -24.14 -27.38
C TYR C 560 2.26 -25.15 -27.13
N PHE C 561 1.05 -24.62 -27.04
CA PHE C 561 -0.20 -25.39 -26.93
C PHE C 561 -0.29 -26.42 -28.05
N ARG C 562 -0.10 -25.98 -29.29
CA ARG C 562 -0.27 -26.84 -30.44
C ARG C 562 0.87 -27.83 -30.57
N PHE C 563 2.06 -27.38 -30.17
CA PHE C 563 3.27 -28.18 -30.24
C PHE C 563 3.17 -29.34 -29.26
N PHE C 564 2.84 -29.00 -28.03
CA PHE C 564 2.70 -30.00 -26.98
C PHE C 564 1.66 -31.05 -27.32
N HIS C 565 0.56 -30.61 -27.94
CA HIS C 565 -0.48 -31.52 -28.37
C HIS C 565 0.06 -32.55 -29.31
N LYS C 566 0.87 -32.10 -30.26
CA LYS C 566 1.49 -32.98 -31.25
C LYS C 566 2.55 -33.89 -30.62
N LEU C 567 3.19 -33.45 -29.54
CA LEU C 567 4.13 -34.33 -28.83
C LEU C 567 3.35 -35.43 -28.15
N MET C 568 2.18 -35.09 -27.62
CA MET C 568 1.33 -36.06 -26.96
C MET C 568 0.74 -37.06 -27.96
N ARG C 569 0.14 -36.56 -29.03
CA ARG C 569 -0.34 -37.45 -30.12
C ARG C 569 0.75 -38.43 -30.52
N ASP C 570 1.97 -37.92 -30.65
CA ASP C 570 3.12 -38.71 -31.07
C ASP C 570 3.53 -39.77 -30.06
N ALA C 571 3.36 -39.48 -28.77
CA ALA C 571 3.52 -40.52 -27.75
C ALA C 571 2.32 -41.48 -27.71
N GLY C 572 1.28 -41.21 -28.50
CA GLY C 572 0.13 -42.09 -28.57
C GLY C 572 -0.82 -41.90 -27.41
N MET C 573 -0.89 -40.66 -26.92
CA MET C 573 -1.70 -40.29 -25.77
C MET C 573 -3.06 -39.72 -26.20
N VAL C 574 -3.03 -38.95 -27.29
CA VAL C 574 -4.22 -38.37 -27.91
C VAL C 574 -4.34 -38.81 -29.37
N ASN C 575 -5.55 -38.68 -29.93
CA ASN C 575 -5.89 -39.15 -31.29
C ASN C 575 -6.13 -38.06 -32.33
N SER C 576 -5.61 -36.85 -32.12
CA SER C 576 -5.91 -35.71 -32.99
C SER C 576 -4.65 -34.94 -33.31
N ASP C 577 -4.59 -34.35 -34.51
CA ASP C 577 -3.43 -33.55 -34.95
C ASP C 577 -3.32 -32.19 -34.25
N GLU C 578 -4.45 -31.64 -33.84
CA GLU C 578 -4.52 -30.29 -33.33
C GLU C 578 -5.45 -30.25 -32.11
N PRO C 579 -5.08 -29.47 -31.09
CA PRO C 579 -5.80 -29.52 -29.83
C PRO C 579 -7.12 -28.78 -29.84
N ALA C 580 -7.42 -27.99 -30.87
CA ALA C 580 -8.59 -27.12 -30.82
C ALA C 580 -9.20 -26.78 -32.20
N LYS C 581 -10.43 -27.22 -32.42
CA LYS C 581 -11.15 -26.91 -33.67
C LYS C 581 -11.20 -25.40 -33.89
N GLN C 582 -11.77 -24.69 -32.93
CA GLN C 582 -12.10 -23.30 -33.12
C GLN C 582 -11.43 -22.44 -32.07
N LEU C 583 -10.97 -21.28 -32.48
CA LEU C 583 -10.30 -20.38 -31.57
C LEU C 583 -11.10 -19.09 -31.60
N LEU C 584 -11.31 -18.52 -30.44
CA LEU C 584 -12.02 -17.26 -30.38
C LEU C 584 -11.13 -16.38 -29.56
N CYS C 585 -10.41 -15.51 -30.24
CA CYS C 585 -9.50 -14.62 -29.57
C CYS C 585 -10.22 -13.33 -29.36
N GLN C 586 -10.48 -13.00 -28.11
CA GLN C 586 -11.10 -11.73 -27.79
C GLN C 586 -10.07 -10.61 -27.75
N GLY C 587 -10.53 -9.39 -27.98
CA GLY C 587 -9.71 -8.22 -27.87
C GLY C 587 -9.32 -7.99 -26.42
N MET C 588 -8.24 -7.27 -26.22
CA MET C 588 -7.83 -6.95 -24.89
C MET C 588 -8.79 -5.90 -24.29
N VAL C 589 -9.11 -6.09 -23.02
CA VAL C 589 -9.72 -5.03 -22.22
C VAL C 589 -8.60 -4.12 -21.71
N LEU C 590 -8.66 -2.84 -22.07
CA LEU C 590 -7.63 -1.87 -21.72
C LEU C 590 -8.07 -0.95 -20.59
N ALA C 591 -7.12 -0.52 -19.77
CA ALA C 591 -7.33 0.54 -18.79
C ALA C 591 -6.09 1.43 -18.68
N ASP C 592 -6.33 2.69 -18.29
CA ASP C 592 -5.24 3.65 -18.05
C ASP C 592 -4.32 3.06 -17.01
N ALA C 593 -3.02 3.24 -17.18
CA ALA C 593 -2.04 2.78 -16.22
C ALA C 593 -1.23 3.99 -15.67
N PHE C 594 -1.05 4.02 -14.35
CA PHE C 594 -0.40 5.14 -13.66
C PHE C 594 0.60 4.60 -12.64
N TYR C 595 1.71 5.31 -12.47
CA TYR C 595 2.57 5.10 -11.32
C TYR C 595 3.15 6.40 -10.78
N TYR C 596 3.77 6.30 -9.61
CA TYR C 596 4.68 7.32 -9.10
C TYR C 596 5.96 6.65 -8.66
N VAL C 597 7.05 7.41 -8.71
CA VAL C 597 8.33 6.98 -8.20
C VAL C 597 8.34 7.04 -6.66
N GLY C 598 8.72 5.93 -6.02
CA GLY C 598 8.82 5.86 -4.56
C GLY C 598 10.16 6.37 -4.04
N GLU C 599 10.41 6.12 -2.76
CA GLU C 599 11.60 6.60 -2.07
C GLU C 599 12.88 5.93 -2.60
N ASN C 600 12.75 4.65 -2.97
CA ASN C 600 13.85 3.83 -3.50
C ASN C 600 13.94 3.87 -5.03
N GLY C 601 13.11 4.69 -5.67
CA GLY C 601 13.00 4.67 -7.12
C GLY C 601 12.00 3.64 -7.63
N GLU C 602 11.50 2.74 -6.78
CA GLU C 602 10.57 1.69 -7.22
C GLU C 602 9.24 2.30 -7.72
N ARG C 603 8.69 1.75 -8.81
CA ARG C 603 7.40 2.23 -9.34
C ARG C 603 6.25 1.63 -8.55
N ASN C 604 5.35 2.50 -8.09
CA ASN C 604 4.17 2.05 -7.37
C ASN C 604 3.00 2.36 -8.28
N TRP C 605 2.35 1.32 -8.79
CA TRP C 605 1.30 1.53 -9.74
C TRP C 605 0.01 1.79 -9.05
N VAL C 606 -0.73 2.76 -9.56
CA VAL C 606 -1.97 3.22 -8.95
C VAL C 606 -3.12 2.89 -9.89
N SER C 607 -4.16 2.32 -9.30
CA SER C 607 -5.30 1.90 -10.07
C SER C 607 -5.97 3.11 -10.65
N PRO C 608 -6.38 3.02 -11.93
CA PRO C 608 -7.13 4.10 -12.57
C PRO C 608 -8.33 4.60 -11.75
N VAL C 609 -8.92 3.72 -10.92
CA VAL C 609 -9.98 4.13 -9.99
C VAL C 609 -9.50 5.04 -8.86
N ASP C 610 -8.21 5.05 -8.56
CA ASP C 610 -7.66 5.93 -7.52
C ASP C 610 -7.01 7.18 -8.10
N ALA C 611 -6.82 7.25 -9.41
CA ALA C 611 -6.19 8.42 -10.03
C ALA C 611 -7.24 9.50 -10.17
N ILE C 612 -6.81 10.74 -9.93
CA ILE C 612 -7.64 11.91 -10.07
C ILE C 612 -7.01 12.66 -11.23
N VAL C 613 -7.74 12.76 -12.34
CA VAL C 613 -7.15 13.05 -13.63
C VAL C 613 -7.68 14.35 -14.23
N GLU C 614 -6.77 15.16 -14.75
CA GLU C 614 -7.12 16.43 -15.38
C GLU C 614 -6.88 16.32 -16.89
N ARG C 615 -7.93 16.51 -17.69
CA ARG C 615 -7.86 16.26 -19.14
C ARG C 615 -7.80 17.54 -19.97
N ASP C 616 -7.56 17.36 -21.26
CA ASP C 616 -7.62 18.43 -22.26
C ASP C 616 -9.01 18.43 -22.88
N GLU C 617 -9.36 19.51 -23.59
CA GLU C 617 -10.49 19.46 -24.52
C GLU C 617 -10.18 18.38 -25.55
N LYS C 618 -8.95 18.39 -26.05
CA LYS C 618 -8.42 17.32 -26.89
C LYS C 618 -8.71 15.92 -26.31
N GLY C 619 -8.78 15.81 -24.99
CA GLY C 619 -9.07 14.56 -24.31
C GLY C 619 -7.83 13.92 -23.69
N ARG C 620 -6.67 14.54 -23.94
CA ARG C 620 -5.39 14.06 -23.43
C ARG C 620 -5.28 14.32 -21.94
N ILE C 621 -4.84 13.32 -21.18
CA ILE C 621 -4.64 13.48 -19.74
C ILE C 621 -3.43 14.38 -19.46
N VAL C 622 -3.68 15.50 -18.79
CA VAL C 622 -2.69 16.57 -18.64
C VAL C 622 -1.91 16.43 -17.33
N LYS C 623 -2.60 16.06 -16.26
CA LYS C 623 -1.95 15.75 -15.01
C LYS C 623 -2.89 14.92 -14.18
N ALA C 624 -2.30 14.12 -13.30
CA ALA C 624 -3.03 13.13 -12.54
C ALA C 624 -2.37 12.94 -11.18
N LYS C 625 -3.17 12.60 -10.19
CA LYS C 625 -2.72 12.45 -8.83
C LYS C 625 -3.56 11.43 -8.12
N ASP C 626 -3.06 10.92 -7.01
CA ASP C 626 -3.84 10.04 -6.11
C ASP C 626 -4.39 10.81 -4.89
N ALA C 627 -5.16 10.11 -4.06
CA ALA C 627 -5.90 10.70 -2.94
C ALA C 627 -4.98 11.41 -1.96
N ALA C 628 -3.81 10.81 -1.70
CA ALA C 628 -2.78 11.40 -0.83
C ALA C 628 -2.17 12.64 -1.47
N GLY C 629 -1.98 12.58 -2.79
CA GLY C 629 -1.46 13.71 -3.58
C GLY C 629 -0.17 13.45 -4.34
N HIS C 630 0.21 12.19 -4.53
CA HIS C 630 1.38 11.86 -5.34
C HIS C 630 1.13 12.32 -6.75
N GLU C 631 2.14 12.96 -7.36
CA GLU C 631 2.06 13.23 -8.78
C GLU C 631 2.20 11.89 -9.48
N LEU C 632 1.23 11.57 -10.33
CA LEU C 632 1.26 10.33 -11.11
C LEU C 632 1.89 10.54 -12.50
N VAL C 633 2.52 9.50 -13.03
CA VAL C 633 2.88 9.46 -14.45
C VAL C 633 1.85 8.61 -15.17
N TYR C 634 1.25 9.19 -16.20
CA TYR C 634 0.32 8.49 -17.06
C TYR C 634 1.12 7.77 -18.13
N THR C 635 0.94 6.46 -18.25
CA THR C 635 1.73 5.67 -19.22
C THR C 635 0.88 5.14 -20.37
N GLY C 636 -0.37 5.57 -20.45
CA GLY C 636 -1.27 5.21 -21.55
C GLY C 636 -2.35 4.19 -21.21
N MET C 637 -3.28 3.99 -22.15
CA MET C 637 -4.21 2.87 -22.11
C MET C 637 -3.43 1.63 -22.49
N SER C 638 -3.43 0.62 -21.62
CA SER C 638 -2.81 -0.65 -21.96
C SER C 638 -3.59 -1.80 -21.37
N LYS C 639 -3.28 -3.02 -21.83
CA LYS C 639 -3.98 -4.20 -21.35
C LYS C 639 -4.09 -4.13 -19.82
N MET C 640 -5.27 -4.49 -19.32
CA MET C 640 -5.45 -4.66 -17.88
C MET C 640 -4.53 -5.78 -17.45
N SER C 641 -3.65 -5.51 -16.51
CA SER C 641 -2.63 -6.48 -16.15
C SER C 641 -2.27 -6.44 -14.67
N LYS C 642 -1.98 -7.63 -14.16
CA LYS C 642 -1.32 -7.83 -12.88
C LYS C 642 -0.18 -6.84 -12.63
N SER C 643 0.72 -6.72 -13.60
CA SER C 643 1.99 -6.01 -13.45
C SER C 643 1.83 -4.50 -13.27
N LYS C 644 0.77 -3.95 -13.85
CA LYS C 644 0.62 -2.52 -13.93
C LYS C 644 -0.49 -2.01 -13.01
N ASN C 645 -1.08 -2.93 -12.25
CA ASN C 645 -2.12 -2.61 -11.31
C ASN C 645 -3.25 -1.80 -11.91
N ASN C 646 -3.51 -2.00 -13.18
CA ASN C 646 -4.58 -1.29 -13.86
C ASN C 646 -5.80 -2.18 -14.08
N GLY C 647 -5.77 -3.39 -13.53
CA GLY C 647 -6.94 -4.23 -13.50
C GLY C 647 -8.07 -3.55 -12.75
N ILE C 648 -9.20 -3.34 -13.40
CA ILE C 648 -10.43 -2.95 -12.71
C ILE C 648 -11.10 -4.24 -12.20
N ASP C 649 -11.36 -4.27 -10.90
CA ASP C 649 -11.95 -5.43 -10.23
C ASP C 649 -13.47 -5.37 -10.39
N PRO C 650 -14.11 -6.51 -10.71
CA PRO C 650 -15.56 -6.50 -10.84
C PRO C 650 -16.34 -6.38 -9.53
N GLN C 651 -15.74 -6.77 -8.42
CA GLN C 651 -16.43 -6.90 -7.13
C GLN C 651 -17.47 -5.82 -6.85
N VAL C 652 -17.05 -4.57 -7.00
CA VAL C 652 -17.88 -3.41 -6.65
C VAL C 652 -19.15 -3.30 -7.52
N MET C 653 -19.00 -3.54 -8.82
CA MET C 653 -20.15 -3.53 -9.73
C MET C 653 -21.06 -4.71 -9.44
N VAL C 654 -20.47 -5.89 -9.20
CA VAL C 654 -21.28 -7.05 -8.83
C VAL C 654 -22.07 -6.83 -7.55
N GLU C 655 -21.48 -6.18 -6.55
CA GLU C 655 -22.22 -5.88 -5.33
C GLU C 655 -23.31 -4.80 -5.51
N ARG C 656 -23.13 -3.92 -6.49
CA ARG C 656 -24.15 -2.91 -6.77
C ARG C 656 -25.27 -3.48 -7.63
N TYR C 657 -24.92 -3.96 -8.82
CA TYR C 657 -25.92 -4.32 -9.80
C TYR C 657 -26.17 -5.82 -9.92
N GLY C 658 -25.36 -6.65 -9.27
CA GLY C 658 -25.47 -8.10 -9.43
C GLY C 658 -24.73 -8.63 -10.64
N ALA C 659 -24.34 -9.89 -10.57
CA ALA C 659 -23.53 -10.54 -11.60
C ALA C 659 -24.14 -10.51 -12.99
N ASP C 660 -25.44 -10.75 -13.07
CA ASP C 660 -26.10 -10.83 -14.35
C ASP C 660 -25.99 -9.52 -15.15
N THR C 661 -26.00 -8.39 -14.45
CA THR C 661 -26.00 -7.09 -15.08
C THR C 661 -24.60 -6.86 -15.64
N VAL C 662 -23.61 -7.22 -14.83
CA VAL C 662 -22.21 -7.09 -15.22
C VAL C 662 -21.87 -7.99 -16.39
N ARG C 663 -22.35 -9.24 -16.35
CA ARG C 663 -22.05 -10.19 -17.41
C ARG C 663 -22.67 -9.68 -18.68
N LEU C 664 -23.96 -9.37 -18.61
CA LEU C 664 -24.68 -8.85 -19.77
C LEU C 664 -24.03 -7.57 -20.29
N PHE C 665 -23.69 -6.65 -19.41
CA PHE C 665 -23.10 -5.40 -19.82
C PHE C 665 -21.84 -5.66 -20.61
N MET C 666 -21.02 -6.59 -20.13
CA MET C 666 -19.76 -6.90 -20.82
C MET C 666 -20.01 -7.47 -22.22
N MET C 667 -20.98 -8.36 -22.38
CA MET C 667 -21.23 -8.99 -23.69
C MET C 667 -21.94 -8.04 -24.63
N PHE C 668 -22.57 -7.03 -24.06
CA PHE C 668 -23.29 -6.04 -24.82
C PHE C 668 -22.40 -4.87 -25.21
N ALA C 669 -21.34 -4.62 -24.45
CA ALA C 669 -20.50 -3.44 -24.69
C ALA C 669 -19.95 -3.43 -26.10
N SER C 670 -19.45 -4.58 -26.55
CA SER C 670 -18.62 -4.65 -27.75
C SER C 670 -18.58 -6.08 -28.28
N PRO C 671 -18.42 -6.25 -29.59
CA PRO C 671 -18.19 -7.61 -30.04
C PRO C 671 -16.88 -8.16 -29.46
N ALA C 672 -16.80 -9.49 -29.34
CA ALA C 672 -15.73 -10.19 -28.62
C ALA C 672 -14.33 -9.84 -29.10
N ASP C 673 -14.10 -9.83 -30.41
CA ASP C 673 -12.75 -9.63 -30.87
C ASP C 673 -12.31 -8.17 -30.91
N MET C 674 -13.24 -7.24 -30.73
CA MET C 674 -12.82 -5.85 -30.59
C MET C 674 -12.10 -5.63 -29.26
N THR C 675 -11.01 -4.85 -29.31
CA THR C 675 -10.36 -4.47 -28.07
C THR C 675 -11.12 -3.28 -27.50
N LEU C 676 -11.32 -3.33 -26.19
CA LEU C 676 -12.29 -2.51 -25.52
C LEU C 676 -11.59 -1.60 -24.51
N GLU C 677 -11.82 -0.30 -24.63
CA GLU C 677 -11.36 0.66 -23.62
C GLU C 677 -12.40 0.67 -22.52
N TRP C 678 -12.05 0.07 -21.41
CA TRP C 678 -13.02 -0.16 -20.35
C TRP C 678 -13.64 1.10 -19.79
N GLN C 679 -14.94 0.98 -19.50
CA GLN C 679 -15.80 2.08 -19.17
C GLN C 679 -16.97 1.51 -18.39
N GLU C 680 -17.27 2.06 -17.22
CA GLU C 680 -18.44 1.62 -16.49
C GLU C 680 -19.71 2.22 -17.09
N SER C 681 -19.61 3.43 -17.63
CA SER C 681 -20.77 4.09 -18.18
C SER C 681 -21.34 3.24 -19.29
N GLY C 682 -22.61 2.87 -19.13
CA GLY C 682 -23.27 1.88 -19.96
C GLY C 682 -24.09 0.89 -19.15
N VAL C 683 -23.56 0.46 -18.00
CA VAL C 683 -24.18 -0.61 -17.20
C VAL C 683 -25.67 -0.42 -16.96
N GLU C 684 -26.07 0.83 -16.70
CA GLU C 684 -27.47 1.19 -16.60
C GLU C 684 -28.31 0.54 -17.70
N GLY C 685 -27.84 0.60 -18.94
CA GLY C 685 -28.49 -0.11 -20.01
C GLY C 685 -28.82 -1.54 -19.58
N ALA C 686 -27.80 -2.29 -19.18
CA ALA C 686 -27.98 -3.70 -18.89
C ALA C 686 -28.88 -3.86 -17.67
N ASN C 687 -28.58 -3.11 -16.64
CA ASN C 687 -29.36 -3.21 -15.40
C ASN C 687 -30.85 -2.90 -15.64
N ARG C 688 -31.10 -1.82 -16.34
CA ARG C 688 -32.47 -1.36 -16.59
C ARG C 688 -33.23 -2.35 -17.45
N PHE C 689 -32.49 -2.97 -18.34
CA PHE C 689 -33.08 -3.94 -19.22
C PHE C 689 -33.62 -5.05 -18.38
N LEU C 690 -32.79 -5.56 -17.48
CA LEU C 690 -33.17 -6.73 -16.69
C LEU C 690 -34.40 -6.43 -15.87
N LYS C 691 -34.48 -5.22 -15.30
CA LYS C 691 -35.67 -4.81 -14.54
C LYS C 691 -36.93 -4.92 -15.40
N ARG C 692 -36.84 -4.47 -16.65
CA ARG C 692 -37.97 -4.56 -17.56
C ARG C 692 -38.39 -6.02 -17.83
N VAL C 693 -37.42 -6.91 -18.00
CA VAL C 693 -37.74 -8.33 -18.19
C VAL C 693 -38.41 -8.85 -16.92
N TRP C 694 -37.77 -8.62 -15.78
CA TRP C 694 -38.36 -8.94 -14.51
C TRP C 694 -39.74 -8.36 -14.38
N LYS C 695 -39.90 -7.09 -14.72
CA LYS C 695 -41.21 -6.42 -14.59
C LYS C 695 -42.24 -7.12 -15.47
N LEU C 696 -41.91 -7.29 -16.74
CA LEU C 696 -42.85 -7.91 -17.69
C LEU C 696 -43.24 -9.33 -17.27
N VAL C 697 -42.28 -10.12 -16.83
CA VAL C 697 -42.55 -11.48 -16.37
C VAL C 697 -43.47 -11.44 -15.15
N TYR C 698 -43.22 -10.50 -14.23
CA TYR C 698 -44.03 -10.39 -13.03
C TYR C 698 -45.46 -10.04 -13.45
N GLU C 699 -45.60 -8.94 -14.19
CA GLU C 699 -46.89 -8.54 -14.76
C GLU C 699 -47.66 -9.70 -15.40
N HIS C 700 -46.92 -10.54 -16.14
CA HIS C 700 -47.53 -11.59 -16.95
C HIS C 700 -47.92 -12.81 -16.16
N THR C 701 -47.13 -13.14 -15.15
CA THR C 701 -47.42 -14.32 -14.32
C THR C 701 -48.43 -13.96 -13.26
N ALA C 702 -48.47 -12.68 -12.86
CA ALA C 702 -49.47 -12.16 -11.94
C ALA C 702 -50.92 -12.32 -12.45
N LYS C 703 -51.08 -12.55 -13.75
CA LYS C 703 -52.38 -12.84 -14.36
C LYS C 703 -52.63 -14.36 -14.56
N GLY C 704 -51.79 -15.20 -13.95
CA GLY C 704 -52.05 -16.63 -13.88
C GLY C 704 -51.72 -17.42 -15.12
N ASP C 705 -52.29 -18.63 -15.20
CA ASP C 705 -52.01 -19.60 -16.26
C ASP C 705 -52.55 -19.16 -17.61
N VAL C 706 -52.12 -19.85 -18.66
CA VAL C 706 -52.49 -19.49 -20.03
C VAL C 706 -53.20 -20.63 -20.73
N ALA C 707 -54.19 -20.29 -21.55
CA ALA C 707 -54.81 -21.25 -22.46
C ALA C 707 -53.79 -21.54 -23.56
N ALA C 708 -53.54 -22.82 -23.83
CA ALA C 708 -52.42 -23.20 -24.72
C ALA C 708 -52.61 -22.60 -26.12
N LEU C 709 -51.49 -22.23 -26.76
CA LEU C 709 -51.57 -21.43 -27.98
C LEU C 709 -52.20 -22.20 -29.14
N ASN C 710 -53.19 -21.57 -29.78
CA ASN C 710 -53.74 -22.06 -31.04
C ASN C 710 -53.21 -21.20 -32.19
N VAL C 711 -52.58 -21.86 -33.16
CA VAL C 711 -51.67 -21.18 -34.09
C VAL C 711 -52.36 -20.66 -35.35
N ASP C 712 -53.20 -21.48 -35.96
CA ASP C 712 -53.85 -21.14 -37.23
C ASP C 712 -55.17 -20.41 -36.97
N ALA C 713 -55.11 -19.46 -36.05
CA ALA C 713 -56.26 -18.68 -35.67
C ALA C 713 -55.73 -17.43 -34.98
N LEU C 714 -55.09 -16.57 -35.77
CA LEU C 714 -54.28 -15.46 -35.27
C LEU C 714 -54.60 -14.13 -35.94
N THR C 715 -54.58 -13.06 -35.15
CA THR C 715 -54.75 -11.69 -35.67
C THR C 715 -53.53 -11.30 -36.53
N GLU C 716 -53.73 -10.42 -37.51
CA GLU C 716 -52.65 -10.01 -38.41
C GLU C 716 -51.58 -9.14 -37.68
N ASN C 717 -51.93 -8.60 -36.51
CA ASN C 717 -50.95 -7.95 -35.63
C ASN C 717 -50.35 -8.92 -34.59
N GLN C 718 -51.08 -10.01 -34.34
CA GLN C 718 -50.59 -11.10 -33.49
C GLN C 718 -49.59 -11.96 -34.24
N LYS C 719 -49.91 -12.33 -35.47
CA LYS C 719 -49.04 -13.15 -36.31
C LYS C 719 -47.69 -12.44 -36.59
N ALA C 720 -47.75 -11.13 -36.80
CA ALA C 720 -46.55 -10.31 -36.97
C ALA C 720 -45.65 -10.38 -35.73
N LEU C 721 -46.24 -10.15 -34.57
CA LEU C 721 -45.50 -10.22 -33.32
C LEU C 721 -44.94 -11.63 -33.11
N ARG C 722 -45.70 -12.65 -33.50
CA ARG C 722 -45.18 -14.01 -33.34
C ARG C 722 -43.98 -14.25 -34.25
N ARG C 723 -44.06 -13.79 -35.50
CA ARG C 723 -42.94 -13.98 -36.42
C ARG C 723 -41.71 -13.23 -35.92
N ASP C 724 -41.91 -12.08 -35.29
CA ASP C 724 -40.82 -11.33 -34.68
C ASP C 724 -40.14 -12.15 -33.57
N VAL C 725 -40.91 -12.94 -32.82
CA VAL C 725 -40.35 -13.79 -31.78
C VAL C 725 -39.45 -14.86 -32.40
N HIS C 726 -39.93 -15.44 -33.47
CA HIS C 726 -39.16 -16.47 -34.16
C HIS C 726 -37.98 -15.88 -34.90
N LYS C 727 -38.17 -14.74 -35.55
CA LYS C 727 -37.07 -14.07 -36.26
C LYS C 727 -35.95 -13.69 -35.30
N THR C 728 -36.32 -13.25 -34.10
CA THR C 728 -35.33 -12.99 -33.05
C THR C 728 -34.64 -14.29 -32.62
N ILE C 729 -35.36 -15.41 -32.61
CA ILE C 729 -34.75 -16.71 -32.27
C ILE C 729 -33.75 -17.11 -33.35
N ALA C 730 -34.12 -16.88 -34.60
CA ALA C 730 -33.22 -17.18 -35.69
C ALA C 730 -31.93 -16.40 -35.46
N LYS C 731 -32.08 -15.09 -35.24
CA LYS C 731 -30.93 -14.16 -35.24
C LYS C 731 -29.99 -14.44 -34.09
N VAL C 732 -30.56 -14.61 -32.90
CA VAL C 732 -29.76 -14.88 -31.71
C VAL C 732 -28.98 -16.21 -31.80
N THR C 733 -29.63 -17.26 -32.31
CA THR C 733 -28.99 -18.56 -32.51
C THR C 733 -27.82 -18.40 -33.45
N ASP C 734 -28.00 -17.59 -34.49
CA ASP C 734 -26.95 -17.31 -35.47
C ASP C 734 -25.81 -16.53 -34.81
N ASP C 735 -26.15 -15.38 -34.23
CA ASP C 735 -25.20 -14.51 -33.55
C ASP C 735 -24.37 -15.25 -32.52
N ILE C 736 -24.98 -16.06 -31.67
CA ILE C 736 -24.23 -16.84 -30.70
C ILE C 736 -23.52 -18.01 -31.39
N GLY C 737 -24.32 -18.80 -32.08
CA GLY C 737 -23.86 -20.06 -32.61
C GLY C 737 -22.77 -19.94 -33.64
N ARG C 738 -22.88 -18.95 -34.53
CA ARG C 738 -21.97 -18.77 -35.66
C ARG C 738 -21.04 -17.57 -35.48
N ARG C 739 -21.60 -16.36 -35.57
CA ARG C 739 -20.81 -15.11 -35.60
C ARG C 739 -20.11 -14.76 -34.28
N GLN C 740 -20.59 -15.33 -33.19
CA GLN C 740 -20.16 -14.91 -31.87
C GLN C 740 -20.05 -13.40 -31.76
N THR C 741 -21.09 -12.72 -32.26
CA THR C 741 -21.33 -11.32 -31.95
C THR C 741 -22.47 -11.29 -30.91
N PHE C 742 -22.10 -11.50 -29.65
CA PHE C 742 -23.06 -11.50 -28.55
C PHE C 742 -23.76 -10.17 -28.34
N ASN C 743 -23.06 -9.09 -28.67
CA ASN C 743 -23.63 -7.76 -28.52
C ASN C 743 -24.86 -7.54 -29.40
N THR C 744 -24.84 -8.05 -30.64
CA THR C 744 -25.98 -7.89 -31.53
C THR C 744 -27.12 -8.87 -31.18
N ALA C 745 -26.76 -10.03 -30.63
CA ALA C 745 -27.75 -10.97 -30.08
C ALA C 745 -28.53 -10.30 -28.97
N ILE C 746 -27.83 -9.69 -28.02
CA ILE C 746 -28.49 -9.01 -26.90
C ILE C 746 -29.41 -7.89 -27.43
N ALA C 747 -28.86 -7.05 -28.32
CA ALA C 747 -29.65 -6.02 -29.01
C ALA C 747 -30.97 -6.54 -29.57
N ALA C 748 -30.93 -7.68 -30.26
CA ALA C 748 -32.13 -8.29 -30.81
C ALA C 748 -33.13 -8.71 -29.71
N ILE C 749 -32.63 -9.31 -28.64
CA ILE C 749 -33.49 -9.68 -27.53
C ILE C 749 -34.14 -8.42 -26.98
N MET C 750 -33.38 -7.33 -26.90
CA MET C 750 -33.93 -6.06 -26.45
C MET C 750 -35.01 -5.52 -27.38
N GLU C 751 -34.75 -5.59 -28.68
CA GLU C 751 -35.72 -5.10 -29.65
C GLU C 751 -37.02 -5.87 -29.44
N LEU C 752 -36.95 -7.20 -29.51
CA LEU C 752 -38.10 -8.03 -29.19
C LEU C 752 -38.75 -7.57 -27.89
N MET C 753 -37.96 -7.45 -26.82
CA MET C 753 -38.48 -7.06 -25.51
C MET C 753 -39.18 -5.71 -25.53
N ASN C 754 -38.79 -4.85 -26.46
CA ASN C 754 -39.45 -3.55 -26.61
C ASN C 754 -40.83 -3.68 -27.27
N LYS C 755 -40.94 -4.55 -28.25
CA LYS C 755 -42.23 -4.87 -28.85
C LYS C 755 -43.17 -5.59 -27.88
N LEU C 756 -42.67 -6.63 -27.21
CA LEU C 756 -43.50 -7.33 -26.25
C LEU C 756 -44.05 -6.36 -25.20
N ALA C 757 -43.25 -5.38 -24.78
CA ALA C 757 -43.68 -4.42 -23.77
C ALA C 757 -44.83 -3.48 -24.21
N LYS C 758 -45.06 -3.36 -25.53
CA LYS C 758 -46.15 -2.55 -26.06
C LYS C 758 -47.32 -3.42 -26.55
N ALA C 759 -47.28 -4.70 -26.24
CA ALA C 759 -48.34 -5.62 -26.67
C ALA C 759 -49.54 -5.52 -25.73
N PRO C 760 -50.72 -6.01 -26.17
CA PRO C 760 -51.83 -6.26 -25.24
C PRO C 760 -51.59 -7.54 -24.47
N THR C 761 -52.30 -7.73 -23.35
CA THR C 761 -52.06 -8.89 -22.47
C THR C 761 -53.33 -9.32 -21.72
N ASP C 762 -54.47 -9.28 -22.41
CA ASP C 762 -55.77 -9.50 -21.77
C ASP C 762 -56.51 -10.67 -22.41
N GLY C 763 -56.68 -10.60 -23.73
CA GLY C 763 -57.22 -11.72 -24.49
C GLY C 763 -56.40 -12.96 -24.23
N GLU C 764 -57.07 -14.09 -24.04
CA GLU C 764 -56.38 -15.31 -23.63
C GLU C 764 -55.38 -15.84 -24.67
N GLN C 765 -55.63 -15.56 -25.94
CA GLN C 765 -54.65 -15.88 -26.98
C GLN C 765 -53.45 -14.94 -26.86
N ASP C 766 -53.70 -13.66 -26.58
CA ASP C 766 -52.64 -12.67 -26.37
C ASP C 766 -51.70 -13.08 -25.25
N ARG C 767 -52.26 -13.72 -24.22
CA ARG C 767 -51.46 -14.18 -23.09
C ARG C 767 -50.70 -15.44 -23.47
N ALA C 768 -51.35 -16.34 -24.19
CA ALA C 768 -50.71 -17.57 -24.70
C ALA C 768 -49.45 -17.24 -25.51
N LEU C 769 -49.60 -16.27 -26.41
CA LEU C 769 -48.50 -15.76 -27.20
C LEU C 769 -47.38 -15.23 -26.30
N MET C 770 -47.74 -14.30 -25.41
CA MET C 770 -46.80 -13.73 -24.44
C MET C 770 -46.00 -14.82 -23.68
N GLN C 771 -46.65 -15.94 -23.35
CA GLN C 771 -45.99 -17.06 -22.69
C GLN C 771 -44.97 -17.70 -23.60
N GLU C 772 -45.31 -17.89 -24.87
CA GLU C 772 -44.33 -18.36 -25.86
C GLU C 772 -43.18 -17.37 -25.96
N ALA C 773 -43.52 -16.10 -26.15
CA ALA C 773 -42.55 -15.00 -26.21
C ALA C 773 -41.58 -15.01 -25.03
N LEU C 774 -42.13 -14.89 -23.83
CA LEU C 774 -41.30 -14.83 -22.63
C LEU C 774 -40.49 -16.09 -22.40
N LEU C 775 -41.04 -17.25 -22.76
CA LEU C 775 -40.32 -18.52 -22.64
C LEU C 775 -39.13 -18.56 -23.60
N ALA C 776 -39.27 -17.93 -24.77
CA ALA C 776 -38.15 -17.80 -25.70
C ALA C 776 -37.11 -16.83 -25.11
N VAL C 777 -37.56 -15.61 -24.81
CA VAL C 777 -36.68 -14.57 -24.34
C VAL C 777 -35.85 -15.02 -23.16
N VAL C 778 -36.48 -15.67 -22.19
CA VAL C 778 -35.75 -16.06 -20.98
C VAL C 778 -34.69 -17.11 -21.32
N ARG C 779 -35.06 -18.10 -22.10
CA ARG C 779 -34.07 -19.08 -22.51
C ARG C 779 -32.93 -18.46 -23.30
N MET C 780 -33.23 -17.48 -24.14
CA MET C 780 -32.20 -16.79 -24.94
C MET C 780 -31.23 -15.97 -24.08
N LEU C 781 -31.74 -15.35 -23.02
CA LEU C 781 -30.93 -14.66 -22.05
C LEU C 781 -30.15 -15.59 -21.13
N ASN C 782 -30.66 -16.81 -20.88
CA ASN C 782 -30.02 -17.72 -19.88
C ASN C 782 -28.52 -17.70 -19.97
N PRO C 783 -27.98 -17.94 -21.15
CA PRO C 783 -26.53 -18.05 -21.12
C PRO C 783 -25.85 -16.76 -20.64
N PHE C 784 -26.44 -15.61 -20.91
CA PHE C 784 -25.83 -14.33 -20.51
C PHE C 784 -26.07 -14.05 -19.03
N THR C 785 -27.27 -14.34 -18.57
CA THR C 785 -27.70 -13.97 -17.25
C THR C 785 -28.42 -15.18 -16.62
N PRO C 786 -27.66 -16.23 -16.35
CA PRO C 786 -28.26 -17.47 -15.88
C PRO C 786 -29.00 -17.39 -14.54
N HIS C 787 -28.64 -16.44 -13.68
CA HIS C 787 -29.24 -16.37 -12.35
C HIS C 787 -30.67 -15.94 -12.45
N ILE C 788 -30.86 -14.74 -13.00
CA ILE C 788 -32.17 -14.18 -13.18
C ILE C 788 -33.02 -15.13 -14.04
N CYS C 789 -32.42 -15.73 -15.06
CA CYS C 789 -33.17 -16.57 -15.98
C CYS C 789 -33.62 -17.88 -15.36
N PHE C 790 -32.83 -18.40 -14.42
CA PHE C 790 -33.20 -19.57 -13.64
C PHE C 790 -34.48 -19.32 -12.85
N THR C 791 -34.52 -18.16 -12.23
CA THR C 791 -35.63 -17.75 -11.41
C THR C 791 -36.86 -17.54 -12.27
N LEU C 792 -36.70 -16.80 -13.37
CA LEU C 792 -37.84 -16.42 -14.21
C LEU C 792 -38.50 -17.65 -14.83
N TRP C 793 -37.66 -18.60 -15.22
CA TRP C 793 -38.12 -19.84 -15.81
C TRP C 793 -39.06 -20.55 -14.89
N GLN C 794 -38.65 -20.71 -13.63
CA GLN C 794 -39.51 -21.34 -12.64
C GLN C 794 -40.81 -20.57 -12.45
N GLU C 795 -40.75 -19.25 -12.56
CA GLU C 795 -41.95 -18.41 -12.46
C GLU C 795 -42.80 -18.38 -13.73
N LEU C 796 -42.26 -18.86 -14.84
CA LEU C 796 -43.07 -19.04 -16.06
C LEU C 796 -43.56 -20.49 -16.18
N LYS C 797 -43.33 -21.29 -15.14
CA LYS C 797 -43.76 -22.69 -15.07
C LYS C 797 -43.04 -23.63 -16.06
N GLY C 798 -41.98 -23.16 -16.69
CA GLY C 798 -41.22 -23.98 -17.63
C GLY C 798 -40.72 -25.26 -16.99
N GLU C 799 -40.61 -26.33 -17.77
CA GLU C 799 -40.30 -27.65 -17.23
C GLU C 799 -38.80 -27.81 -17.02
N GLY C 800 -38.44 -28.62 -16.03
CA GLY C 800 -37.06 -28.88 -15.66
C GLY C 800 -36.48 -27.61 -15.09
N ASP C 801 -35.15 -27.59 -14.92
CA ASP C 801 -34.44 -26.37 -14.64
C ASP C 801 -33.90 -25.78 -15.93
N ILE C 802 -33.87 -24.46 -16.02
CA ILE C 802 -33.49 -23.79 -17.27
C ILE C 802 -32.18 -24.31 -17.84
N ASP C 803 -31.29 -24.79 -16.98
CA ASP C 803 -29.96 -25.19 -17.43
C ASP C 803 -29.99 -26.41 -18.33
N ASN C 804 -30.99 -27.27 -18.15
CA ASN C 804 -31.21 -28.43 -19.02
C ASN C 804 -32.25 -28.15 -20.12
N ALA C 805 -32.98 -27.05 -19.98
CA ALA C 805 -34.01 -26.66 -20.93
C ALA C 805 -33.45 -26.70 -22.35
N PRO C 806 -34.30 -26.98 -23.34
CA PRO C 806 -33.78 -26.99 -24.70
C PRO C 806 -33.65 -25.57 -25.25
N TRP C 807 -32.60 -25.33 -26.05
CA TRP C 807 -32.51 -24.09 -26.81
C TRP C 807 -33.67 -24.01 -27.78
N PRO C 808 -34.28 -22.81 -27.92
CA PRO C 808 -35.44 -22.66 -28.79
C PRO C 808 -35.09 -22.62 -30.26
N VAL C 809 -36.01 -23.12 -31.07
CA VAL C 809 -35.83 -23.20 -32.51
C VAL C 809 -36.91 -22.41 -33.19
N ALA C 810 -36.57 -21.76 -34.29
CA ALA C 810 -37.52 -20.94 -35.01
C ALA C 810 -38.35 -21.82 -35.96
N ASP C 811 -39.65 -21.89 -35.72
CA ASP C 811 -40.57 -22.51 -36.65
C ASP C 811 -40.57 -21.69 -37.94
N GLU C 812 -40.10 -22.29 -39.03
CA GLU C 812 -39.98 -21.60 -40.32
C GLU C 812 -41.32 -21.17 -40.93
N LYS C 813 -42.40 -21.84 -40.54
CA LYS C 813 -43.75 -21.43 -40.93
C LYS C 813 -44.15 -20.12 -40.26
N ALA C 814 -43.63 -19.90 -39.06
CA ALA C 814 -43.92 -18.70 -38.30
C ALA C 814 -43.40 -17.43 -38.98
N MET C 815 -42.28 -17.51 -39.69
CA MET C 815 -41.60 -16.29 -40.16
C MET C 815 -41.75 -15.97 -41.66
N VAL C 816 -42.77 -16.54 -42.32
CA VAL C 816 -43.07 -16.22 -43.74
C VAL C 816 -43.51 -14.75 -43.89
N GLU C 817 -43.18 -14.15 -45.04
CA GLU C 817 -43.37 -12.72 -45.26
C GLU C 817 -44.27 -12.49 -46.47
N ASP C 818 -45.28 -11.63 -46.29
CA ASP C 818 -46.14 -11.23 -47.40
C ASP C 818 -45.35 -10.42 -48.41
N SER C 819 -44.52 -9.52 -47.88
CA SER C 819 -43.94 -8.46 -48.66
C SER C 819 -42.56 -8.10 -48.14
N THR C 820 -41.89 -7.24 -48.89
CA THR C 820 -40.54 -6.85 -48.54
C THR C 820 -40.38 -5.35 -48.67
N LEU C 821 -39.45 -4.82 -47.88
CA LEU C 821 -39.10 -3.41 -47.94
C LEU C 821 -38.13 -3.25 -49.09
N VAL C 822 -38.35 -2.27 -49.96
CA VAL C 822 -37.39 -1.92 -51.01
C VAL C 822 -37.06 -0.43 -50.90
N VAL C 823 -35.78 -0.12 -50.74
CA VAL C 823 -35.32 1.25 -50.70
C VAL C 823 -35.19 1.74 -52.13
N VAL C 824 -35.75 2.91 -52.44
CA VAL C 824 -35.54 3.54 -53.74
C VAL C 824 -34.55 4.70 -53.65
N GLN C 825 -33.52 4.65 -54.49
CA GLN C 825 -32.53 5.71 -54.57
C GLN C 825 -32.57 6.38 -55.95
N VAL C 826 -32.22 7.67 -55.98
CA VAL C 826 -31.87 8.33 -57.24
C VAL C 826 -30.44 8.87 -57.11
N ASN C 827 -29.59 8.53 -58.08
CA ASN C 827 -28.17 8.85 -58.02
C ASN C 827 -27.63 8.53 -56.61
N GLY C 828 -27.84 7.29 -56.17
CA GLY C 828 -27.39 6.85 -54.84
C GLY C 828 -28.03 7.49 -53.61
N LYS C 829 -28.89 8.49 -53.79
CA LYS C 829 -29.52 9.20 -52.66
C LYS C 829 -30.96 8.75 -52.45
N VAL C 830 -31.29 8.38 -51.22
CA VAL C 830 -32.56 7.73 -50.89
C VAL C 830 -33.72 8.71 -50.96
N ARG C 831 -34.72 8.39 -51.77
CA ARG C 831 -35.88 9.28 -51.97
C ARG C 831 -37.19 8.67 -51.46
N ALA C 832 -37.31 7.35 -51.56
CA ALA C 832 -38.52 6.67 -51.07
C ALA C 832 -38.23 5.31 -50.46
N LYS C 833 -39.26 4.77 -49.81
CA LYS C 833 -39.22 3.44 -49.25
C LYS C 833 -40.62 2.86 -49.42
N ILE C 834 -40.72 1.66 -49.98
CA ILE C 834 -42.01 1.10 -50.38
C ILE C 834 -42.10 -0.38 -50.06
N THR C 835 -43.33 -0.87 -49.94
CA THR C 835 -43.54 -2.29 -49.65
C THR C 835 -43.99 -2.99 -50.92
N VAL C 836 -43.32 -4.10 -51.24
CA VAL C 836 -43.50 -4.79 -52.50
C VAL C 836 -43.78 -6.28 -52.23
N PRO C 837 -44.81 -6.86 -52.89
CA PRO C 837 -45.13 -8.29 -52.73
C PRO C 837 -43.88 -9.20 -52.75
N VAL C 838 -43.87 -10.22 -51.87
CA VAL C 838 -42.69 -11.07 -51.67
C VAL C 838 -41.99 -11.44 -52.98
N ASP C 839 -42.76 -11.92 -53.96
CA ASP C 839 -42.24 -12.36 -55.26
C ASP C 839 -42.70 -11.39 -56.36
N ALA C 840 -41.98 -10.28 -56.50
CA ALA C 840 -42.31 -9.25 -57.49
C ALA C 840 -41.12 -9.00 -58.42
N THR C 841 -41.41 -8.72 -59.69
CA THR C 841 -40.39 -8.55 -60.71
C THR C 841 -39.85 -7.13 -60.80
N GLU C 842 -38.70 -7.01 -61.43
CA GLU C 842 -38.05 -5.71 -61.71
C GLU C 842 -39.09 -4.70 -62.20
N GLU C 843 -39.80 -5.07 -63.25
CA GLU C 843 -40.78 -4.17 -63.88
C GLU C 843 -42.03 -3.95 -63.01
N GLN C 844 -42.25 -4.82 -62.03
CA GLN C 844 -43.34 -4.62 -61.05
C GLN C 844 -42.95 -3.71 -59.90
N VAL C 845 -41.66 -3.41 -59.79
CA VAL C 845 -41.13 -2.52 -58.75
C VAL C 845 -40.83 -1.12 -59.30
N ARG C 846 -40.44 -1.05 -60.58
CA ARG C 846 -40.08 0.20 -61.24
C ARG C 846 -41.21 1.22 -61.24
N GLU C 847 -42.31 0.87 -61.91
CA GLU C 847 -43.48 1.74 -61.99
C GLU C 847 -44.19 1.92 -60.63
N ARG C 848 -44.01 0.97 -59.73
CA ARG C 848 -44.50 1.14 -58.37
C ARG C 848 -43.69 2.22 -57.66
N ALA C 849 -42.38 2.20 -57.86
CA ALA C 849 -41.51 3.25 -57.36
C ALA C 849 -41.78 4.56 -58.11
N GLY C 850 -42.24 4.43 -59.35
CA GLY C 850 -42.63 5.59 -60.15
C GLY C 850 -43.68 6.49 -59.51
N GLN C 851 -44.58 5.89 -58.73
CA GLN C 851 -45.66 6.62 -58.09
C GLN C 851 -45.24 7.47 -56.87
N GLU C 852 -44.00 7.33 -56.42
CA GLU C 852 -43.48 8.14 -55.32
C GLU C 852 -43.12 9.56 -55.75
N HIS C 853 -43.67 10.56 -55.06
CA HIS C 853 -43.47 11.97 -55.43
C HIS C 853 -42.06 12.46 -55.22
N LEU C 854 -41.39 11.92 -54.21
CA LEU C 854 -39.98 12.23 -54.00
C LEU C 854 -39.11 11.67 -55.12
N VAL C 855 -39.53 10.55 -55.71
CA VAL C 855 -38.81 9.98 -56.86
C VAL C 855 -39.07 10.85 -58.09
N ALA C 856 -40.34 11.17 -58.35
CA ALA C 856 -40.76 12.01 -59.49
C ALA C 856 -40.00 13.33 -59.55
N LYS C 857 -39.88 13.99 -58.41
CA LYS C 857 -39.22 15.30 -58.30
C LYS C 857 -37.88 15.35 -59.04
N TYR C 858 -37.07 14.31 -58.83
CA TYR C 858 -35.76 14.21 -59.48
C TYR C 858 -35.78 13.51 -60.84
N LEU C 859 -36.94 13.06 -61.31
CA LEU C 859 -37.06 12.39 -62.62
C LEU C 859 -37.71 13.26 -63.70
N ASP C 860 -38.42 14.31 -63.29
CA ASP C 860 -39.10 15.18 -64.26
C ASP C 860 -38.09 16.04 -65.01
N GLY C 861 -37.94 15.76 -66.30
CA GLY C 861 -36.99 16.44 -67.16
C GLY C 861 -35.67 15.69 -67.28
N VAL C 862 -35.68 14.38 -67.07
CA VAL C 862 -34.45 13.56 -67.17
C VAL C 862 -34.73 12.10 -67.61
N THR C 863 -33.73 11.50 -68.27
CA THR C 863 -33.78 10.08 -68.66
C THR C 863 -32.98 9.21 -67.70
N VAL C 864 -33.44 7.99 -67.50
CA VAL C 864 -32.77 7.01 -66.65
C VAL C 864 -31.54 6.44 -67.38
N ARG C 865 -30.35 6.88 -66.98
CA ARG C 865 -29.08 6.41 -67.58
C ARG C 865 -28.94 4.88 -67.51
N LYS C 866 -29.09 4.33 -66.30
CA LYS C 866 -29.26 2.89 -66.12
C LYS C 866 -29.98 2.60 -64.79
N VAL C 867 -30.45 1.37 -64.66
CA VAL C 867 -31.19 0.94 -63.49
C VAL C 867 -30.45 -0.22 -62.83
N ILE C 868 -30.34 -0.15 -61.50
CA ILE C 868 -29.75 -1.21 -60.71
C ILE C 868 -30.83 -1.69 -59.75
N TYR C 869 -31.05 -3.00 -59.71
CA TYR C 869 -32.15 -3.59 -58.97
C TYR C 869 -31.67 -4.82 -58.21
N VAL C 870 -31.62 -4.72 -56.89
CA VAL C 870 -31.37 -5.88 -56.04
C VAL C 870 -32.72 -6.42 -55.56
N PRO C 871 -33.04 -7.67 -55.93
CA PRO C 871 -34.31 -8.28 -55.53
C PRO C 871 -34.57 -8.17 -54.03
N GLY C 872 -35.81 -7.83 -53.67
CA GLY C 872 -36.23 -7.72 -52.27
C GLY C 872 -35.56 -6.65 -51.41
N LYS C 873 -34.66 -5.86 -52.00
CA LYS C 873 -33.86 -4.92 -51.24
C LYS C 873 -33.89 -3.52 -51.84
N LEU C 874 -33.39 -3.36 -53.06
CA LEU C 874 -33.05 -2.01 -53.56
C LEU C 874 -33.23 -1.78 -55.06
N LEU C 875 -33.65 -0.55 -55.37
CA LEU C 875 -33.73 -0.04 -56.73
C LEU C 875 -33.01 1.30 -56.76
N ASN C 876 -31.97 1.40 -57.57
CA ASN C 876 -31.23 2.66 -57.73
C ASN C 876 -31.36 3.10 -59.19
N LEU C 877 -31.98 4.26 -59.39
CA LEU C 877 -32.15 4.85 -60.70
C LEU C 877 -31.11 5.94 -60.86
N VAL C 878 -30.18 5.76 -61.81
CA VAL C 878 -29.14 6.76 -62.07
C VAL C 878 -29.64 7.75 -63.13
N VAL C 879 -29.80 9.01 -62.71
CA VAL C 879 -30.35 10.05 -63.57
C VAL C 879 -29.24 10.99 -64.07
N GLY C 880 -29.37 11.43 -65.32
CA GLY C 880 -28.38 12.33 -65.93
C GLY C 880 -28.75 12.76 -67.33
#